data_8GM9
#
_entry.id   8GM9
#
_cell.length_a   75.330
_cell.length_b   121.033
_cell.length_c   99.584
_cell.angle_alpha   90.00
_cell.angle_beta   94.73
_cell.angle_gamma   90.00
#
_symmetry.space_group_name_H-M   'P 1 21 1'
#
loop_
_entity.id
_entity.type
_entity.pdbx_description
1 polymer 'citrate synthase'
2 non-polymer 1,2-ETHANEDIOL
3 non-polymer DI(HYDROXYETHYL)ETHER
4 non-polymer 'ACRYLIC ACID'
5 water water
#
_entity_poly.entity_id   1
_entity_poly.type   'polypeptide(L)'
_entity_poly.pdbx_seq_one_letter_code
;MTVVPENFVPGLDGVVAFTTEIAEPDKDGGALRYRGVDIEDLVSQRVTFGDVWALLVDGNFGSGLPPAEPFPLPIHSGDV
RVDVQAGLAMLAPIWGYAPLLDIDDATARQQLARASVMALSYVAQSARGIYQPAVPQRIIDECSTVTARFMTRWQGEPDP
RHIEAIDAYWVSAAEHGMNASTFTARVIASTGADVAAALSGAIGAMSGPLHGGAPARVLPMLDEVERAGDARSVVKGILD
RGEKLMGFGHRVYRAEDPRARVLRAAAERLGAPRYEVAVAVEQAALSELRERRPDRAIETNVEFWAAVVLDFARVPANMM
PAMFTCGRTAGWCAHILEQKRLGKLVRPSAIYVGPGPRSPESVDGWERVLTTAHHHHHH
;
_entity_poly.pdbx_strand_id   A,B,C,D
#
# COMPACT_ATOMS: atom_id res chain seq x y z
N PHE A 8 24.58 -24.51 -33.63
CA PHE A 8 24.21 -24.02 -32.31
C PHE A 8 22.81 -23.42 -32.33
N VAL A 9 21.95 -23.89 -31.44
CA VAL A 9 20.59 -23.40 -31.30
C VAL A 9 20.52 -22.60 -30.00
N PRO A 10 20.12 -21.33 -30.04
CA PRO A 10 20.02 -20.54 -28.82
C PRO A 10 18.72 -20.80 -28.07
N GLY A 11 18.72 -20.40 -26.81
CA GLY A 11 17.54 -20.54 -25.98
C GLY A 11 17.41 -21.86 -25.26
N LEU A 12 18.49 -22.64 -25.16
CA LEU A 12 18.51 -23.93 -24.46
C LEU A 12 17.47 -24.90 -25.01
N ASP A 13 17.07 -24.74 -26.26
CA ASP A 13 16.00 -25.55 -26.83
C ASP A 13 16.50 -26.98 -27.04
N GLY A 14 15.89 -27.92 -26.32
CA GLY A 14 16.22 -29.32 -26.47
C GLY A 14 17.23 -29.87 -25.49
N VAL A 15 17.73 -29.06 -24.57
CA VAL A 15 18.71 -29.51 -23.58
C VAL A 15 17.97 -29.92 -22.33
N VAL A 16 18.54 -30.87 -21.59
CA VAL A 16 17.98 -31.30 -20.32
C VAL A 16 18.63 -30.47 -19.21
N ALA A 17 17.80 -29.93 -18.33
CA ALA A 17 18.26 -29.05 -17.26
C ALA A 17 18.23 -29.72 -15.90
N PHE A 18 17.20 -30.53 -15.63
CA PHE A 18 17.09 -31.23 -14.36
C PHE A 18 16.46 -32.59 -14.58
N THR A 19 16.63 -33.45 -13.58
CA THR A 19 15.83 -34.66 -13.43
C THR A 19 14.80 -34.41 -12.33
N THR A 20 13.57 -34.88 -12.55
CA THR A 20 12.48 -34.58 -11.63
C THR A 20 11.71 -35.85 -11.30
N GLU A 21 11.15 -35.86 -10.09
CA GLU A 21 10.23 -36.90 -9.65
C GLU A 21 8.84 -36.35 -9.37
N ILE A 22 8.60 -35.08 -9.70
CA ILE A 22 7.33 -34.43 -9.33
C ILE A 22 6.19 -35.01 -10.16
N ALA A 23 6.31 -34.96 -11.48
CA ALA A 23 5.23 -35.41 -12.35
C ALA A 23 5.79 -35.77 -13.72
N GLU A 24 5.07 -36.65 -14.41
CA GLU A 24 5.48 -37.12 -15.73
C GLU A 24 4.42 -36.80 -16.76
N PRO A 25 4.63 -35.84 -17.66
CA PRO A 25 3.73 -35.68 -18.81
C PRO A 25 4.05 -36.71 -19.89
N ASP A 26 3.48 -37.90 -19.73
CA ASP A 26 3.73 -39.00 -20.67
C ASP A 26 2.98 -38.74 -21.98
N LYS A 27 3.62 -38.00 -22.89
CA LYS A 27 2.93 -37.53 -24.09
C LYS A 27 2.61 -38.69 -25.04
N ASP A 28 3.61 -39.53 -25.34
CA ASP A 28 3.35 -40.66 -26.23
C ASP A 28 2.51 -41.74 -25.57
N GLY A 29 2.48 -41.78 -24.24
CA GLY A 29 1.60 -42.70 -23.52
C GLY A 29 0.18 -42.19 -23.33
N GLY A 30 -0.06 -40.92 -23.64
CA GLY A 30 -1.40 -40.36 -23.54
C GLY A 30 -1.92 -40.17 -22.14
N ALA A 31 -1.03 -39.90 -21.18
CA ALA A 31 -1.44 -39.75 -19.80
C ALA A 31 -0.55 -38.74 -19.10
N LEU A 32 -1.14 -38.03 -18.13
CA LEU A 32 -0.41 -37.14 -17.24
C LEU A 32 -0.52 -37.67 -15.82
N ARG A 33 0.63 -37.78 -15.15
CA ARG A 33 0.66 -38.37 -13.82
C ARG A 33 1.36 -37.42 -12.84
N TYR A 34 0.77 -37.28 -11.65
CA TYR A 34 1.36 -36.52 -10.56
C TYR A 34 1.93 -37.51 -9.55
N ARG A 35 3.26 -37.55 -9.45
CA ARG A 35 3.95 -38.49 -8.57
C ARG A 35 3.52 -39.93 -8.82
N GLY A 36 3.24 -40.25 -10.09
CA GLY A 36 2.80 -41.58 -10.48
C GLY A 36 1.30 -41.81 -10.41
N VAL A 37 0.51 -40.79 -10.10
CA VAL A 37 -0.94 -40.92 -9.99
C VAL A 37 -1.57 -40.20 -11.17
N ASP A 38 -2.39 -40.91 -11.94
CA ASP A 38 -3.07 -40.33 -13.08
C ASP A 38 -4.05 -39.27 -12.62
N ILE A 39 -4.05 -38.12 -13.31
CA ILE A 39 -4.98 -37.05 -12.98
C ILE A 39 -6.43 -37.46 -13.19
N GLU A 40 -6.67 -38.46 -14.05
CA GLU A 40 -8.03 -38.95 -14.22
C GLU A 40 -8.51 -39.69 -12.98
N ASP A 41 -7.58 -40.29 -12.23
CA ASP A 41 -7.96 -40.91 -10.96
C ASP A 41 -8.20 -39.85 -9.89
N LEU A 42 -7.40 -38.77 -9.90
CA LEU A 42 -7.59 -37.71 -8.92
C LEU A 42 -8.93 -37.01 -9.09
N VAL A 43 -9.34 -36.79 -10.33
CA VAL A 43 -10.59 -36.09 -10.59
C VAL A 43 -11.79 -37.01 -10.34
N SER A 44 -11.69 -38.28 -10.77
CA SER A 44 -12.80 -39.20 -10.59
C SER A 44 -13.03 -39.51 -9.11
N GLN A 45 -11.96 -39.61 -8.33
CA GLN A 45 -12.09 -39.80 -6.89
C GLN A 45 -12.33 -38.50 -6.14
N ARG A 46 -12.45 -37.38 -6.85
CA ARG A 46 -12.77 -36.08 -6.26
C ARG A 46 -11.74 -35.67 -5.20
N VAL A 47 -10.49 -35.55 -5.65
CA VAL A 47 -9.39 -35.10 -4.81
C VAL A 47 -9.23 -33.60 -5.01
N THR A 48 -9.40 -32.84 -3.93
CA THR A 48 -9.39 -31.38 -4.03
C THR A 48 -7.99 -30.85 -4.29
N PHE A 49 -7.93 -29.61 -4.78
CA PHE A 49 -6.66 -29.00 -5.16
C PHE A 49 -5.70 -28.93 -3.98
N GLY A 50 -6.23 -28.69 -2.76
CA GLY A 50 -5.38 -28.63 -1.59
C GLY A 50 -4.65 -29.93 -1.32
N ASP A 51 -5.28 -31.07 -1.61
CA ASP A 51 -4.61 -32.35 -1.43
C ASP A 51 -3.68 -32.66 -2.60
N VAL A 52 -4.08 -32.28 -3.82
CA VAL A 52 -3.21 -32.46 -4.98
C VAL A 52 -1.96 -31.59 -4.84
N TRP A 53 -2.11 -30.40 -4.25
CA TRP A 53 -0.96 -29.56 -3.97
C TRP A 53 0.07 -30.30 -3.11
N ALA A 54 -0.39 -30.97 -2.06
CA ALA A 54 0.51 -31.67 -1.16
C ALA A 54 1.17 -32.87 -1.83
N LEU A 55 0.46 -33.54 -2.74
CA LEU A 55 1.04 -34.70 -3.42
C LEU A 55 2.23 -34.30 -4.27
N LEU A 56 2.08 -33.27 -5.10
CA LEU A 56 3.18 -32.83 -5.94
C LEU A 56 4.35 -32.32 -5.11
N VAL A 57 4.05 -31.63 -4.01
CA VAL A 57 5.10 -30.99 -3.23
C VAL A 57 5.81 -32.01 -2.34
N ASP A 58 5.05 -32.79 -1.57
CA ASP A 58 5.63 -33.71 -0.60
C ASP A 58 5.94 -35.08 -1.19
N GLY A 59 5.34 -35.45 -2.31
CA GLY A 59 5.46 -36.80 -2.81
C GLY A 59 4.52 -37.79 -2.17
N ASN A 60 3.59 -37.32 -1.34
CA ASN A 60 2.64 -38.20 -0.67
C ASN A 60 1.45 -37.35 -0.23
N PHE A 61 0.40 -38.02 0.21
CA PHE A 61 -0.82 -37.37 0.68
C PHE A 61 -0.72 -37.06 2.17
N GLY A 62 -1.65 -36.25 2.65
CA GLY A 62 -1.74 -35.99 4.08
C GLY A 62 -1.79 -34.54 4.49
N SER A 63 -0.74 -33.79 4.17
CA SER A 63 -0.62 -32.40 4.63
C SER A 63 -1.13 -31.44 3.54
N GLY A 64 -2.44 -31.46 3.36
CA GLY A 64 -3.07 -30.63 2.35
C GLY A 64 -2.85 -29.15 2.60
N LEU A 65 -3.15 -28.36 1.57
CA LEU A 65 -2.96 -26.92 1.64
C LEU A 65 -3.82 -26.34 2.77
N PRO A 66 -3.26 -25.50 3.64
CA PRO A 66 -4.03 -24.97 4.76
C PRO A 66 -4.88 -23.80 4.33
N PRO A 67 -5.87 -23.43 5.12
CA PRO A 67 -6.64 -22.21 4.82
C PRO A 67 -5.77 -20.97 4.93
N ALA A 68 -6.06 -19.99 4.08
CA ALA A 68 -5.31 -18.74 4.11
C ALA A 68 -5.71 -17.91 5.31
N GLU A 69 -4.71 -17.33 5.98
CA GLU A 69 -4.97 -16.45 7.10
C GLU A 69 -5.51 -15.11 6.60
N PRO A 70 -6.24 -14.39 7.44
CA PRO A 70 -6.74 -13.06 7.03
C PRO A 70 -5.58 -12.12 6.75
N PHE A 71 -5.65 -11.49 5.57
CA PHE A 71 -4.61 -10.59 5.08
C PHE A 71 -5.19 -9.81 3.91
N PRO A 72 -5.83 -8.67 4.15
CA PRO A 72 -6.32 -7.83 3.04
C PRO A 72 -5.20 -7.49 2.08
N LEU A 73 -5.46 -7.70 0.80
CA LEU A 73 -4.45 -7.48 -0.24
C LEU A 73 -4.00 -6.02 -0.24
N PRO A 74 -2.71 -5.74 -0.03
CA PRO A 74 -2.23 -4.36 -0.06
C PRO A 74 -1.98 -3.80 -1.44
N ILE A 75 -2.13 -4.60 -2.49
CA ILE A 75 -1.78 -4.20 -3.85
C ILE A 75 -3.07 -3.97 -4.64
N HIS A 76 -3.18 -2.78 -5.24
CA HIS A 76 -4.34 -2.42 -6.08
C HIS A 76 -3.77 -1.68 -7.30
N SER A 77 -3.20 -2.45 -8.22
CA SER A 77 -2.57 -1.89 -9.42
C SER A 77 -3.48 -1.90 -10.64
N GLY A 78 -4.63 -2.58 -10.56
CA GLY A 78 -5.48 -2.77 -11.71
C GLY A 78 -5.20 -4.04 -12.49
N ASP A 79 -4.03 -4.65 -12.30
CA ASP A 79 -3.67 -5.92 -12.91
C ASP A 79 -3.58 -6.98 -11.82
N VAL A 80 -4.41 -8.02 -11.94
CA VAL A 80 -4.40 -9.08 -10.93
C VAL A 80 -3.04 -9.77 -10.89
N ARG A 81 -2.38 -9.92 -12.06
CA ARG A 81 -1.06 -10.51 -12.09
C ARG A 81 -0.05 -9.65 -11.32
N VAL A 82 -0.06 -8.34 -11.56
CA VAL A 82 0.85 -7.45 -10.85
C VAL A 82 0.55 -7.47 -9.36
N ASP A 83 -0.72 -7.61 -9.00
CA ASP A 83 -1.12 -7.61 -7.60
C ASP A 83 -0.50 -8.79 -6.86
N VAL A 84 -0.58 -9.99 -7.45
CA VAL A 84 -0.05 -11.17 -6.77
C VAL A 84 1.48 -11.21 -6.86
N GLN A 85 2.04 -10.83 -8.01
CA GLN A 85 3.49 -10.83 -8.15
C GLN A 85 4.16 -9.92 -7.13
N ALA A 86 3.59 -8.72 -6.92
CA ALA A 86 4.16 -7.79 -5.95
C ALA A 86 3.75 -8.14 -4.53
N GLY A 87 2.52 -8.63 -4.34
CA GLY A 87 2.07 -8.99 -3.01
C GLY A 87 2.81 -10.19 -2.44
N LEU A 88 3.09 -11.18 -3.29
CA LEU A 88 3.80 -12.37 -2.83
C LEU A 88 5.22 -12.04 -2.41
N ALA A 89 5.90 -11.17 -3.17
CA ALA A 89 7.26 -10.78 -2.81
C ALA A 89 7.31 -10.06 -1.47
N MET A 90 6.24 -9.34 -1.13
CA MET A 90 6.19 -8.62 0.14
C MET A 90 5.98 -9.52 1.34
N LEU A 91 5.65 -10.80 1.12
CA LEU A 91 5.40 -11.69 2.24
C LEU A 91 6.67 -12.00 3.02
N ALA A 92 7.83 -11.94 2.37
CA ALA A 92 9.07 -12.35 3.03
C ALA A 92 9.43 -11.50 4.25
N PRO A 93 9.45 -10.16 4.17
CA PRO A 93 9.84 -9.40 5.37
C PRO A 93 8.80 -9.45 6.48
N ILE A 94 7.51 -9.41 6.15
CA ILE A 94 6.49 -9.38 7.18
C ILE A 94 6.36 -10.74 7.87
N TRP A 95 6.57 -11.82 7.14
CA TRP A 95 6.47 -13.17 7.70
C TRP A 95 7.83 -13.74 8.09
N GLY A 96 8.91 -12.99 7.89
CA GLY A 96 10.23 -13.47 8.26
C GLY A 96 10.73 -14.63 7.43
N TYR A 97 10.46 -14.62 6.13
CA TYR A 97 10.92 -15.68 5.24
C TYR A 97 12.42 -15.54 5.02
N ALA A 98 13.18 -16.46 5.59
CA ALA A 98 14.62 -16.48 5.41
C ALA A 98 14.98 -17.07 4.06
N PRO A 99 16.19 -16.80 3.55
CA PRO A 99 16.62 -17.41 2.29
C PRO A 99 16.55 -18.93 2.34
N LEU A 100 16.34 -19.53 1.16
CA LEU A 100 16.24 -20.98 1.08
C LEU A 100 17.50 -21.67 1.55
N LEU A 101 18.66 -21.02 1.41
CA LEU A 101 19.92 -21.60 1.82
C LEU A 101 20.02 -21.80 3.32
N ASP A 102 19.26 -21.04 4.11
CA ASP A 102 19.43 -21.00 5.56
C ASP A 102 18.36 -21.80 6.32
N ILE A 103 17.38 -22.37 5.62
CA ILE A 103 16.31 -23.10 6.28
C ILE A 103 16.30 -24.55 5.80
N ASP A 104 15.62 -25.41 6.55
CA ASP A 104 15.52 -26.81 6.22
C ASP A 104 14.36 -27.04 5.25
N ASP A 105 14.16 -28.31 4.86
CA ASP A 105 13.11 -28.62 3.89
C ASP A 105 11.72 -28.39 4.47
N ALA A 106 11.51 -28.76 5.73
CA ALA A 106 10.18 -28.65 6.32
C ALA A 106 9.77 -27.19 6.49
N THR A 107 10.70 -26.31 6.82
CA THR A 107 10.39 -24.88 6.93
C THR A 107 10.01 -24.32 5.57
N ALA A 108 10.79 -24.64 4.54
CA ALA A 108 10.48 -24.18 3.19
C ALA A 108 9.13 -24.72 2.72
N ARG A 109 8.77 -25.94 3.13
CA ARG A 109 7.49 -26.52 2.73
C ARG A 109 6.33 -25.71 3.29
N GLN A 110 6.35 -25.42 4.60
CA GLN A 110 5.28 -24.63 5.19
C GLN A 110 5.26 -23.21 4.63
N GLN A 111 6.44 -22.62 4.42
CA GLN A 111 6.50 -21.29 3.82
C GLN A 111 5.96 -21.30 2.39
N LEU A 112 6.13 -22.42 1.69
CA LEU A 112 5.59 -22.51 0.33
C LEU A 112 4.08 -22.68 0.38
N ALA A 113 3.59 -23.52 1.30
CA ALA A 113 2.14 -23.72 1.43
C ALA A 113 1.47 -22.46 1.95
N ARG A 114 2.10 -21.76 2.89
CA ARG A 114 1.52 -20.52 3.42
C ARG A 114 1.42 -19.46 2.33
N ALA A 115 2.48 -19.30 1.53
CA ALA A 115 2.46 -18.29 0.47
C ALA A 115 1.59 -18.72 -0.71
N SER A 116 1.48 -20.02 -0.95
CA SER A 116 0.70 -20.50 -2.09
C SER A 116 -0.79 -20.19 -1.88
N VAL A 117 -1.33 -20.52 -0.70
CA VAL A 117 -2.73 -20.24 -0.45
C VAL A 117 -2.97 -18.74 -0.31
N MET A 118 -1.95 -17.98 0.10
CA MET A 118 -2.09 -16.54 0.15
C MET A 118 -2.13 -15.94 -1.24
N ALA A 119 -1.39 -16.52 -2.19
CA ALA A 119 -1.51 -16.11 -3.58
C ALA A 119 -2.93 -16.32 -4.08
N LEU A 120 -3.57 -17.41 -3.63
CA LEU A 120 -4.97 -17.65 -3.98
C LEU A 120 -5.87 -16.58 -3.38
N SER A 121 -5.63 -16.23 -2.12
CA SER A 121 -6.43 -15.18 -1.48
C SER A 121 -6.25 -13.84 -2.18
N TYR A 122 -5.01 -13.52 -2.58
CA TYR A 122 -4.74 -12.25 -3.25
C TYR A 122 -5.47 -12.17 -4.58
N VAL A 123 -5.53 -13.29 -5.31
CA VAL A 123 -6.20 -13.30 -6.60
C VAL A 123 -7.70 -13.08 -6.44
N ALA A 124 -8.31 -13.78 -5.48
CA ALA A 124 -9.74 -13.62 -5.26
C ALA A 124 -10.08 -12.21 -4.82
N GLN A 125 -9.22 -11.59 -4.00
CA GLN A 125 -9.48 -10.22 -3.55
C GLN A 125 -9.31 -9.23 -4.71
N SER A 126 -8.25 -9.38 -5.49
CA SER A 126 -8.04 -8.50 -6.64
C SER A 126 -9.16 -8.63 -7.66
N ALA A 127 -9.73 -9.83 -7.79
CA ALA A 127 -10.83 -10.03 -8.72
C ALA A 127 -12.12 -9.41 -8.20
N ARG A 128 -12.39 -9.57 -6.90
CA ARG A 128 -13.58 -8.96 -6.31
C ARG A 128 -13.53 -7.44 -6.41
N GLY A 129 -12.34 -6.87 -6.26
CA GLY A 129 -12.15 -5.45 -6.47
C GLY A 129 -12.21 -4.64 -5.19
N ILE A 130 -11.63 -3.44 -5.25
CA ILE A 130 -11.63 -2.54 -4.09
C ILE A 130 -12.92 -1.75 -3.96
N TYR A 131 -13.78 -1.77 -4.98
CA TYR A 131 -14.99 -0.97 -5.00
C TYR A 131 -16.20 -1.70 -4.42
N GLN A 132 -15.98 -2.77 -3.67
CA GLN A 132 -17.06 -3.45 -2.96
C GLN A 132 -16.47 -4.08 -1.71
N PRO A 133 -17.26 -4.19 -0.64
CA PRO A 133 -16.71 -4.67 0.63
C PRO A 133 -16.21 -6.12 0.52
N ALA A 134 -15.25 -6.44 1.38
CA ALA A 134 -14.70 -7.79 1.41
C ALA A 134 -15.70 -8.77 2.00
N VAL A 135 -15.61 -10.01 1.53
CA VAL A 135 -16.43 -11.08 2.12
C VAL A 135 -15.96 -11.32 3.55
N PRO A 136 -16.86 -11.32 4.54
CA PRO A 136 -16.42 -11.56 5.92
C PRO A 136 -15.73 -12.91 6.06
N GLN A 137 -14.64 -12.92 6.84
CA GLN A 137 -13.88 -14.15 7.05
C GLN A 137 -14.76 -15.26 7.63
N ARG A 138 -15.73 -14.89 8.47
CA ARG A 138 -16.60 -15.89 9.10
C ARG A 138 -17.31 -16.75 8.06
N ILE A 139 -17.71 -16.15 6.94
CA ILE A 139 -18.36 -16.92 5.89
C ILE A 139 -17.35 -17.83 5.19
N ILE A 140 -16.12 -17.35 5.01
CA ILE A 140 -15.08 -18.17 4.40
C ILE A 140 -14.76 -19.37 5.28
N ASP A 141 -14.82 -19.19 6.61
CA ASP A 141 -14.56 -20.29 7.53
C ASP A 141 -15.56 -21.42 7.39
N GLU A 142 -16.74 -21.16 6.82
CA GLU A 142 -17.72 -22.20 6.62
C GLU A 142 -17.32 -23.18 5.53
N CYS A 143 -16.40 -22.81 4.65
CA CYS A 143 -15.96 -23.70 3.58
C CYS A 143 -14.97 -24.72 4.12
N SER A 144 -14.94 -25.88 3.45
CA SER A 144 -14.11 -27.00 3.88
C SER A 144 -12.93 -27.29 2.96
N THR A 145 -12.83 -26.61 1.82
CA THR A 145 -11.73 -26.80 0.89
C THR A 145 -11.15 -25.46 0.49
N VAL A 146 -9.94 -25.50 -0.07
CA VAL A 146 -9.29 -24.29 -0.54
C VAL A 146 -10.07 -23.68 -1.71
N THR A 147 -10.55 -24.53 -2.62
CA THR A 147 -11.32 -24.04 -3.76
C THR A 147 -12.61 -23.39 -3.32
N ALA A 148 -13.32 -24.00 -2.37
CA ALA A 148 -14.55 -23.39 -1.85
C ALA A 148 -14.25 -22.09 -1.12
N ARG A 149 -13.11 -22.04 -0.42
CA ARG A 149 -12.73 -20.80 0.26
C ARG A 149 -12.39 -19.71 -0.76
N PHE A 150 -11.68 -20.07 -1.84
CA PHE A 150 -11.35 -19.11 -2.87
C PHE A 150 -12.61 -18.55 -3.52
N MET A 151 -13.54 -19.44 -3.89
CA MET A 151 -14.76 -18.99 -4.56
C MET A 151 -15.65 -18.17 -3.64
N THR A 152 -15.67 -18.50 -2.36
CA THR A 152 -16.45 -17.70 -1.40
C THR A 152 -15.80 -16.35 -1.16
N ARG A 153 -14.46 -16.31 -1.10
CA ARG A 153 -13.76 -15.06 -0.91
C ARG A 153 -13.96 -14.11 -2.09
N TRP A 154 -14.14 -14.67 -3.30
CA TRP A 154 -14.28 -13.86 -4.50
C TRP A 154 -15.74 -13.51 -4.78
N GLN A 155 -16.60 -14.53 -4.91
CA GLN A 155 -17.97 -14.31 -5.32
C GLN A 155 -18.93 -14.13 -4.15
N GLY A 156 -18.52 -14.45 -2.92
CA GLY A 156 -19.40 -14.32 -1.78
C GLY A 156 -20.42 -15.43 -1.69
N GLU A 157 -21.22 -15.59 -2.74
CA GLU A 157 -22.23 -16.65 -2.84
C GLU A 157 -21.94 -17.50 -4.07
N PRO A 158 -20.91 -18.33 -4.03
CA PRO A 158 -20.53 -19.11 -5.21
C PRO A 158 -21.37 -20.36 -5.35
N ASP A 159 -21.61 -20.74 -6.61
CA ASP A 159 -22.35 -21.96 -6.90
C ASP A 159 -21.50 -23.17 -6.55
N PRO A 160 -22.04 -24.17 -5.87
CA PRO A 160 -21.24 -25.38 -5.57
C PRO A 160 -20.77 -26.10 -6.83
N ARG A 161 -21.55 -26.05 -7.91
CA ARG A 161 -21.10 -26.64 -9.17
C ARG A 161 -19.90 -25.88 -9.73
N HIS A 162 -19.91 -24.55 -9.59
CA HIS A 162 -18.77 -23.75 -10.05
C HIS A 162 -17.52 -24.04 -9.23
N ILE A 163 -17.69 -24.41 -7.95
CA ILE A 163 -16.55 -24.77 -7.13
C ILE A 163 -15.93 -26.08 -7.61
N GLU A 164 -16.78 -27.06 -7.93
CA GLU A 164 -16.27 -28.31 -8.48
C GLU A 164 -15.57 -28.09 -9.82
N ALA A 165 -16.06 -27.13 -10.61
CA ALA A 165 -15.44 -26.84 -11.90
C ALA A 165 -14.05 -26.25 -11.71
N ILE A 166 -13.91 -25.29 -10.80
CA ILE A 166 -12.60 -24.69 -10.53
C ILE A 166 -11.66 -25.74 -9.94
N ASP A 167 -12.16 -26.55 -9.01
CA ASP A 167 -11.32 -27.58 -8.41
C ASP A 167 -10.83 -28.57 -9.47
N ALA A 168 -11.73 -28.99 -10.37
CA ALA A 168 -11.32 -29.90 -11.44
C ALA A 168 -10.33 -29.25 -12.40
N TYR A 169 -10.40 -27.93 -12.55
CA TYR A 169 -9.46 -27.25 -13.43
C TYR A 169 -8.08 -27.09 -12.78
N TRP A 170 -8.05 -26.76 -11.49
CA TRP A 170 -6.77 -26.52 -10.83
C TRP A 170 -5.93 -27.79 -10.77
N VAL A 171 -6.56 -28.93 -10.50
CA VAL A 171 -5.81 -30.19 -10.47
C VAL A 171 -5.30 -30.54 -11.86
N SER A 172 -6.08 -30.24 -12.90
CA SER A 172 -5.66 -30.56 -14.26
C SER A 172 -4.55 -29.64 -14.72
N ALA A 173 -4.46 -28.43 -14.15
CA ALA A 173 -3.44 -27.46 -14.52
C ALA A 173 -2.36 -27.31 -13.46
N ALA A 174 -2.30 -28.24 -12.50
CA ALA A 174 -1.41 -28.06 -11.36
C ALA A 174 0.06 -28.13 -11.75
N GLU A 175 0.41 -29.03 -12.66
CA GLU A 175 1.81 -29.23 -13.03
C GLU A 175 1.87 -29.89 -14.40
N HIS A 176 2.83 -29.45 -15.22
CA HIS A 176 2.99 -30.00 -16.56
C HIS A 176 4.43 -29.85 -17.03
N GLY A 177 5.36 -30.47 -16.29
CA GLY A 177 6.73 -30.51 -16.74
C GLY A 177 7.44 -29.17 -16.66
N MET A 178 8.35 -28.96 -17.61
CA MET A 178 9.18 -27.76 -17.63
C MET A 178 8.58 -26.70 -18.54
N ASN A 179 8.55 -25.46 -18.05
CA ASN A 179 8.09 -24.31 -18.82
C ASN A 179 8.77 -23.07 -18.27
N ALA A 180 8.46 -21.92 -18.87
CA ALA A 180 9.17 -20.69 -18.55
C ALA A 180 9.00 -20.30 -17.08
N SER A 181 7.77 -20.36 -16.58
CA SER A 181 7.53 -19.99 -15.19
C SER A 181 8.13 -21.01 -14.22
N THR A 182 7.92 -22.30 -14.49
CA THR A 182 8.55 -23.33 -13.67
C THR A 182 10.07 -23.20 -13.70
N PHE A 183 10.63 -22.95 -14.88
CA PHE A 183 12.07 -22.73 -14.99
C PHE A 183 12.51 -21.52 -14.19
N THR A 184 11.75 -20.43 -14.26
CA THR A 184 12.11 -19.20 -13.56
C THR A 184 12.13 -19.42 -12.05
N ALA A 185 11.11 -20.09 -11.52
CA ALA A 185 11.06 -20.35 -10.08
C ALA A 185 12.23 -21.20 -9.64
N ARG A 186 12.66 -22.15 -10.48
CA ARG A 186 13.79 -23.00 -10.12
C ARG A 186 15.11 -22.24 -10.17
N VAL A 187 15.25 -21.30 -11.10
CA VAL A 187 16.49 -20.53 -11.19
C VAL A 187 16.63 -19.62 -9.97
N ILE A 188 15.56 -18.95 -9.57
CA ILE A 188 15.62 -18.09 -8.40
C ILE A 188 15.86 -18.93 -7.14
N ALA A 189 15.16 -20.06 -7.01
CA ALA A 189 15.37 -20.92 -5.86
C ALA A 189 16.78 -21.50 -5.84
N SER A 190 17.39 -21.70 -7.01
CA SER A 190 18.76 -22.21 -7.07
C SER A 190 19.75 -21.22 -6.48
N THR A 191 19.43 -19.93 -6.46
CA THR A 191 20.28 -18.93 -5.84
C THR A 191 20.16 -18.91 -4.32
N GLY A 192 19.27 -19.71 -3.76
CA GLY A 192 19.04 -19.70 -2.32
C GLY A 192 18.10 -18.62 -1.83
N ALA A 193 17.44 -17.91 -2.73
CA ALA A 193 16.53 -16.85 -2.35
C ALA A 193 15.34 -17.41 -1.58
N ASP A 194 14.61 -16.53 -0.90
CA ASP A 194 13.41 -16.95 -0.19
C ASP A 194 12.34 -17.40 -1.18
N VAL A 195 11.44 -18.25 -0.69
CA VAL A 195 10.43 -18.85 -1.57
C VAL A 195 9.48 -17.79 -2.12
N ALA A 196 9.30 -16.69 -1.40
CA ALA A 196 8.45 -15.62 -1.90
C ALA A 196 9.06 -14.94 -3.11
N ALA A 197 10.39 -14.80 -3.11
CA ALA A 197 11.06 -14.21 -4.27
C ALA A 197 11.00 -15.14 -5.47
N ALA A 198 11.06 -16.45 -5.25
CA ALA A 198 10.97 -17.40 -6.34
C ALA A 198 9.57 -17.41 -6.95
N LEU A 199 8.53 -17.50 -6.10
CA LEU A 199 7.16 -17.51 -6.60
C LEU A 199 6.83 -16.19 -7.29
N SER A 200 7.28 -15.06 -6.74
CA SER A 200 7.00 -13.77 -7.35
C SER A 200 7.65 -13.65 -8.73
N GLY A 201 8.88 -14.14 -8.86
CA GLY A 201 9.53 -14.11 -10.16
C GLY A 201 8.87 -15.03 -11.17
N ALA A 202 8.31 -16.15 -10.71
CA ALA A 202 7.60 -17.05 -11.61
C ALA A 202 6.31 -16.42 -12.13
N ILE A 203 5.72 -15.49 -11.38
CA ILE A 203 4.51 -14.81 -11.85
C ILE A 203 4.83 -13.98 -13.09
N GLY A 204 5.95 -13.25 -13.05
CA GLY A 204 6.31 -12.43 -14.19
C GLY A 204 6.54 -13.25 -15.46
N ALA A 205 7.16 -14.42 -15.32
CA ALA A 205 7.36 -15.30 -16.47
C ALA A 205 6.03 -15.82 -16.99
N MET A 206 5.09 -16.14 -16.08
CA MET A 206 3.78 -16.61 -16.49
C MET A 206 3.00 -15.52 -17.21
N SER A 207 3.29 -14.25 -16.93
CA SER A 207 2.54 -13.15 -17.55
C SER A 207 2.86 -13.00 -19.03
N GLY A 208 3.97 -13.57 -19.50
CA GLY A 208 4.35 -13.47 -20.89
C GLY A 208 3.37 -14.15 -21.81
N PRO A 209 3.02 -13.49 -22.92
CA PRO A 209 2.07 -14.10 -23.86
C PRO A 209 2.60 -15.36 -24.52
N LEU A 210 3.92 -15.51 -24.63
CA LEU A 210 4.52 -16.69 -25.24
C LEU A 210 4.75 -17.82 -24.25
N HIS A 211 4.32 -17.66 -22.99
CA HIS A 211 4.53 -18.73 -22.01
C HIS A 211 3.71 -19.97 -22.36
N GLY A 212 2.48 -19.78 -22.81
CA GLY A 212 1.63 -20.89 -23.16
C GLY A 212 0.95 -21.51 -21.96
N GLY A 213 -0.13 -22.25 -22.23
CA GLY A 213 -0.90 -22.90 -21.21
C GLY A 213 -2.10 -22.11 -20.72
N ALA A 214 -2.09 -20.79 -20.88
CA ALA A 214 -3.21 -19.97 -20.45
C ALA A 214 -4.45 -20.29 -21.29
N PRO A 215 -5.64 -20.20 -20.69
CA PRO A 215 -6.86 -20.60 -21.41
C PRO A 215 -7.02 -19.85 -22.73
N ALA A 216 -7.48 -20.57 -23.74
CA ALA A 216 -7.60 -20.00 -25.08
C ALA A 216 -8.74 -18.99 -25.13
N ARG A 217 -8.52 -17.91 -25.87
CA ARG A 217 -9.52 -16.86 -26.03
C ARG A 217 -10.54 -17.30 -27.08
N VAL A 218 -11.39 -18.25 -26.67
CA VAL A 218 -12.38 -18.84 -27.55
C VAL A 218 -13.79 -18.31 -27.29
N LEU A 219 -13.96 -17.46 -26.28
CA LEU A 219 -15.29 -16.95 -25.97
C LEU A 219 -15.92 -16.15 -27.11
N PRO A 220 -15.21 -15.26 -27.82
CA PRO A 220 -15.85 -14.60 -28.97
C PRO A 220 -16.28 -15.57 -30.05
N MET A 221 -15.51 -16.63 -30.29
CA MET A 221 -15.90 -17.62 -31.30
C MET A 221 -17.15 -18.37 -30.87
N LEU A 222 -17.25 -18.71 -29.58
CA LEU A 222 -18.47 -19.32 -29.07
C LEU A 222 -19.65 -18.34 -29.09
N ASP A 223 -19.38 -17.04 -29.08
CA ASP A 223 -20.45 -16.05 -29.18
C ASP A 223 -20.92 -15.90 -30.61
N GLU A 224 -20.00 -15.97 -31.58
CA GLU A 224 -20.38 -15.88 -32.98
C GLU A 224 -21.20 -17.09 -33.44
N VAL A 225 -21.19 -18.18 -32.67
CA VAL A 225 -21.94 -19.37 -33.02
C VAL A 225 -23.35 -19.33 -32.41
N GLU A 226 -23.46 -18.86 -31.17
CA GLU A 226 -24.77 -18.78 -30.52
C GLU A 226 -25.71 -17.80 -31.21
N ARG A 227 -25.18 -16.83 -31.95
CA ARG A 227 -26.00 -15.90 -32.72
C ARG A 227 -26.19 -16.36 -34.16
N ALA A 228 -25.60 -17.49 -34.54
CA ALA A 228 -25.75 -18.03 -35.89
C ALA A 228 -26.64 -19.28 -35.87
N GLY A 229 -26.16 -20.38 -35.31
CA GLY A 229 -26.97 -21.58 -35.21
C GLY A 229 -26.23 -22.85 -35.55
N ASP A 230 -25.19 -22.75 -36.39
CA ASP A 230 -24.42 -23.91 -36.83
C ASP A 230 -22.95 -23.66 -36.55
N ALA A 231 -22.33 -24.58 -35.81
CA ALA A 231 -20.92 -24.43 -35.48
C ALA A 231 -20.02 -24.68 -36.69
N ARG A 232 -20.40 -25.65 -37.53
CA ARG A 232 -19.57 -26.00 -38.68
C ARG A 232 -19.47 -24.84 -39.66
N SER A 233 -20.56 -24.09 -39.85
CA SER A 233 -20.53 -22.97 -40.79
C SER A 233 -19.60 -21.86 -40.31
N VAL A 234 -19.57 -21.60 -39.01
CA VAL A 234 -18.74 -20.53 -38.48
C VAL A 234 -17.26 -20.90 -38.57
N VAL A 235 -16.91 -22.08 -38.05
CA VAL A 235 -15.50 -22.49 -38.06
C VAL A 235 -14.98 -22.66 -39.48
N LYS A 236 -15.85 -23.08 -40.41
CA LYS A 236 -15.45 -23.12 -41.81
C LYS A 236 -15.32 -21.71 -42.38
N GLY A 237 -16.05 -20.76 -41.82
CA GLY A 237 -15.97 -19.37 -42.26
C GLY A 237 -14.75 -18.65 -41.71
N ILE A 238 -14.38 -18.94 -40.47
CA ILE A 238 -13.23 -18.28 -39.87
C ILE A 238 -11.94 -18.69 -40.58
N LEU A 239 -11.81 -19.97 -40.92
CA LEU A 239 -10.61 -20.44 -41.61
C LEU A 239 -10.53 -19.85 -43.02
N ASP A 240 -11.66 -19.52 -43.63
CA ASP A 240 -11.65 -18.96 -44.98
C ASP A 240 -11.15 -17.53 -44.99
N ARG A 241 -11.57 -16.72 -44.02
CA ARG A 241 -11.20 -15.31 -43.97
C ARG A 241 -9.77 -15.08 -43.52
N GLY A 242 -8.99 -16.14 -43.25
CA GLY A 242 -7.61 -15.99 -42.89
C GLY A 242 -7.31 -15.86 -41.41
N GLU A 243 -8.32 -15.96 -40.56
CA GLU A 243 -8.12 -15.89 -39.11
C GLU A 243 -7.85 -17.28 -38.55
N LYS A 244 -6.89 -17.36 -37.63
CA LYS A 244 -6.55 -18.65 -37.05
C LYS A 244 -7.64 -19.13 -36.10
N LEU A 245 -7.84 -20.44 -36.08
CA LEU A 245 -8.88 -21.06 -35.27
C LEU A 245 -8.33 -21.30 -33.87
N MET A 246 -9.02 -20.76 -32.86
CA MET A 246 -8.51 -20.79 -31.50
C MET A 246 -8.89 -22.09 -30.78
N GLY A 247 -7.99 -22.54 -29.91
CA GLY A 247 -8.21 -23.72 -29.11
C GLY A 247 -7.90 -25.03 -29.79
N PHE A 248 -7.34 -25.01 -30.99
CA PHE A 248 -7.07 -26.22 -31.75
C PHE A 248 -5.77 -26.04 -32.53
N GLY A 249 -5.05 -27.14 -32.71
CA GLY A 249 -3.78 -27.08 -33.43
C GLY A 249 -3.04 -28.39 -33.37
N HIS A 250 -1.71 -28.28 -33.46
CA HIS A 250 -0.85 -29.46 -33.46
C HIS A 250 -1.04 -30.26 -32.18
N ARG A 251 -0.94 -31.58 -32.31
CA ARG A 251 -1.12 -32.47 -31.18
C ARG A 251 -0.05 -32.20 -30.12
N VAL A 252 -0.41 -32.44 -28.86
CA VAL A 252 0.52 -32.28 -27.74
C VAL A 252 0.81 -33.67 -27.18
N TYR A 253 -0.20 -34.32 -26.61
CA TYR A 253 -0.09 -35.73 -26.30
C TYR A 253 -0.26 -36.54 -27.58
N ARG A 254 -0.05 -37.85 -27.45
CA ARG A 254 -0.11 -38.72 -28.64
C ARG A 254 -1.48 -38.67 -29.29
N ALA A 255 -2.55 -38.64 -28.47
CA ALA A 255 -3.90 -38.52 -29.00
C ALA A 255 -4.63 -37.37 -28.32
N GLU A 256 -5.73 -37.66 -27.66
CA GLU A 256 -6.45 -36.65 -26.90
C GLU A 256 -5.67 -36.29 -25.64
N ASP A 257 -5.54 -34.99 -25.38
CA ASP A 257 -4.91 -34.54 -24.15
C ASP A 257 -5.72 -35.03 -22.96
N PRO A 258 -5.11 -35.76 -22.01
CA PRO A 258 -5.88 -36.24 -20.86
C PRO A 258 -6.50 -35.13 -20.03
N ARG A 259 -5.85 -33.96 -19.95
CA ARG A 259 -6.44 -32.84 -19.24
C ARG A 259 -7.65 -32.27 -19.99
N ALA A 260 -7.62 -32.31 -21.32
CA ALA A 260 -8.77 -31.85 -22.09
C ALA A 260 -9.98 -32.76 -21.88
N ARG A 261 -9.74 -34.05 -21.61
CA ARG A 261 -10.85 -34.98 -21.40
C ARG A 261 -11.50 -34.77 -20.04
N VAL A 262 -10.70 -34.54 -19.00
CA VAL A 262 -11.26 -34.36 -17.67
C VAL A 262 -12.00 -33.04 -17.56
N LEU A 263 -11.59 -32.04 -18.35
CA LEU A 263 -12.29 -30.75 -18.32
C LEU A 263 -13.57 -30.79 -19.13
N ARG A 264 -13.57 -31.50 -20.26
CA ARG A 264 -14.81 -31.68 -21.01
C ARG A 264 -15.79 -32.54 -20.24
N ALA A 265 -15.31 -33.59 -19.56
CA ALA A 265 -16.19 -34.41 -18.74
C ALA A 265 -16.74 -33.62 -17.57
N ALA A 266 -15.93 -32.70 -17.02
CA ALA A 266 -16.42 -31.86 -15.93
C ALA A 266 -17.50 -30.90 -16.40
N ALA A 267 -17.30 -30.27 -17.57
CA ALA A 267 -18.33 -29.39 -18.11
C ALA A 267 -19.61 -30.15 -18.43
N GLU A 268 -19.49 -31.43 -18.81
CA GLU A 268 -20.67 -32.24 -19.06
C GLU A 268 -21.36 -32.62 -17.75
N ARG A 269 -20.60 -33.17 -16.81
CA ARG A 269 -21.19 -33.67 -15.57
C ARG A 269 -21.83 -32.54 -14.76
N LEU A 270 -21.17 -31.39 -14.70
CA LEU A 270 -21.68 -30.25 -13.94
C LEU A 270 -22.73 -29.46 -14.71
N GLY A 271 -23.05 -29.84 -15.93
CA GLY A 271 -24.10 -29.19 -16.69
C GLY A 271 -23.83 -27.75 -17.05
N ALA A 272 -22.64 -27.49 -17.61
CA ALA A 272 -22.33 -26.14 -18.08
C ALA A 272 -23.26 -25.77 -19.23
N PRO A 273 -23.91 -24.61 -19.18
CA PRO A 273 -24.88 -24.27 -20.25
C PRO A 273 -24.27 -24.24 -21.64
N ARG A 274 -23.00 -23.85 -21.77
CA ARG A 274 -22.33 -23.78 -23.06
C ARG A 274 -21.66 -25.09 -23.45
N TYR A 275 -22.12 -26.22 -22.91
CA TYR A 275 -21.47 -27.48 -23.21
C TYR A 275 -21.76 -27.94 -24.64
N GLU A 276 -23.01 -27.78 -25.09
CA GLU A 276 -23.38 -28.24 -26.43
C GLU A 276 -22.66 -27.44 -27.50
N VAL A 277 -22.64 -26.11 -27.37
CA VAL A 277 -21.95 -25.28 -28.36
C VAL A 277 -20.45 -25.54 -28.34
N ALA A 278 -19.89 -25.84 -27.16
CA ALA A 278 -18.47 -26.15 -27.08
C ALA A 278 -18.15 -27.49 -27.72
N VAL A 279 -19.01 -28.49 -27.51
CA VAL A 279 -18.81 -29.79 -28.13
C VAL A 279 -18.96 -29.70 -29.63
N ALA A 280 -19.98 -28.97 -30.11
CA ALA A 280 -20.17 -28.82 -31.54
C ALA A 280 -19.00 -28.10 -32.18
N VAL A 281 -18.45 -27.09 -31.51
CA VAL A 281 -17.29 -26.39 -32.03
C VAL A 281 -16.09 -27.32 -32.07
N GLU A 282 -15.96 -28.19 -31.06
CA GLU A 282 -14.84 -29.15 -31.03
C GLU A 282 -14.91 -30.08 -32.24
N GLN A 283 -16.04 -30.74 -32.43
CA GLN A 283 -16.17 -31.69 -33.55
C GLN A 283 -16.11 -30.98 -34.90
N ALA A 284 -16.58 -29.73 -34.97
CA ALA A 284 -16.54 -29.00 -36.22
C ALA A 284 -15.13 -28.50 -36.54
N ALA A 285 -14.41 -28.02 -35.53
CA ALA A 285 -13.05 -27.55 -35.76
C ALA A 285 -12.11 -28.71 -36.07
N LEU A 286 -12.27 -29.83 -35.37
CA LEU A 286 -11.44 -31.00 -35.64
C LEU A 286 -11.72 -31.55 -37.04
N SER A 287 -12.98 -31.48 -37.49
CA SER A 287 -13.31 -31.99 -38.81
C SER A 287 -12.80 -31.05 -39.91
N GLU A 288 -12.94 -29.73 -39.70
CA GLU A 288 -12.51 -28.78 -40.71
C GLU A 288 -10.99 -28.72 -40.83
N LEU A 289 -10.29 -28.84 -39.69
CA LEU A 289 -8.83 -28.74 -39.73
C LEU A 289 -8.19 -30.03 -40.23
N ARG A 290 -8.66 -31.19 -39.76
CA ARG A 290 -8.11 -32.45 -40.24
C ARG A 290 -8.38 -32.67 -41.72
N GLU A 291 -9.38 -32.00 -42.28
CA GLU A 291 -9.68 -32.14 -43.71
C GLU A 291 -8.74 -31.28 -44.55
N ARG A 292 -8.54 -30.03 -44.15
CA ARG A 292 -7.66 -29.14 -44.90
C ARG A 292 -6.19 -29.47 -44.72
N ARG A 293 -5.83 -30.14 -43.64
CA ARG A 293 -4.44 -30.51 -43.35
C ARG A 293 -4.39 -31.96 -42.90
N PRO A 294 -4.59 -32.91 -43.81
CA PRO A 294 -4.44 -34.33 -43.44
C PRO A 294 -3.00 -34.72 -43.11
N ASP A 295 -2.03 -33.86 -43.43
CA ASP A 295 -0.64 -34.15 -43.08
C ASP A 295 -0.41 -33.96 -41.59
N ARG A 296 -0.92 -32.86 -41.03
CA ARG A 296 -0.64 -32.50 -39.64
C ARG A 296 -1.68 -33.07 -38.70
N ALA A 297 -1.25 -33.42 -37.50
CA ALA A 297 -2.14 -33.91 -36.46
C ALA A 297 -2.87 -32.74 -35.80
N ILE A 298 -4.16 -32.92 -35.56
CA ILE A 298 -5.00 -31.89 -34.98
C ILE A 298 -5.77 -32.50 -33.80
N GLU A 299 -5.62 -31.91 -32.62
CA GLU A 299 -6.38 -32.29 -31.45
C GLU A 299 -6.86 -31.03 -30.75
N THR A 300 -7.75 -31.22 -29.77
CA THR A 300 -8.29 -30.11 -29.01
C THR A 300 -7.28 -29.66 -27.96
N ASN A 301 -6.89 -28.38 -28.02
CA ASN A 301 -6.07 -27.82 -26.96
C ASN A 301 -6.84 -27.85 -25.65
N VAL A 302 -6.16 -28.25 -24.57
CA VAL A 302 -6.79 -28.26 -23.26
C VAL A 302 -7.26 -26.87 -22.87
N GLU A 303 -6.58 -25.84 -23.39
CA GLU A 303 -6.96 -24.46 -23.10
C GLU A 303 -8.31 -24.10 -23.68
N PHE A 304 -8.79 -24.84 -24.70
CA PHE A 304 -10.13 -24.63 -25.21
C PHE A 304 -11.17 -25.00 -24.15
N TRP A 305 -11.10 -26.24 -23.64
CA TRP A 305 -12.03 -26.66 -22.60
C TRP A 305 -11.76 -25.96 -21.28
N ALA A 306 -10.55 -25.45 -21.08
CA ALA A 306 -10.26 -24.66 -19.89
C ALA A 306 -11.08 -23.38 -19.87
N ALA A 307 -11.15 -22.68 -21.01
CA ALA A 307 -11.95 -21.46 -21.08
C ALA A 307 -13.43 -21.74 -20.89
N VAL A 308 -13.91 -22.90 -21.36
CA VAL A 308 -15.32 -23.24 -21.20
C VAL A 308 -15.64 -23.49 -19.73
N VAL A 309 -14.76 -24.20 -19.03
CA VAL A 309 -15.00 -24.49 -17.62
C VAL A 309 -14.89 -23.21 -16.78
N LEU A 310 -13.91 -22.36 -17.09
CA LEU A 310 -13.74 -21.14 -16.32
C LEU A 310 -14.88 -20.16 -16.58
N ASP A 311 -15.31 -20.03 -17.83
CA ASP A 311 -16.48 -19.20 -18.13
C ASP A 311 -17.73 -19.73 -17.45
N PHE A 312 -17.82 -21.05 -17.30
CA PHE A 312 -18.94 -21.65 -16.58
C PHE A 312 -18.95 -21.22 -15.11
N ALA A 313 -17.76 -21.06 -14.53
CA ALA A 313 -17.61 -20.62 -13.15
C ALA A 313 -17.57 -19.11 -12.99
N ARG A 314 -18.04 -18.37 -14.01
CA ARG A 314 -18.16 -16.91 -13.97
C ARG A 314 -16.80 -16.21 -13.90
N VAL A 315 -15.77 -16.80 -14.51
CA VAL A 315 -14.44 -16.20 -14.58
C VAL A 315 -14.37 -15.36 -15.84
N PRO A 316 -14.14 -14.05 -15.74
CA PRO A 316 -13.98 -13.24 -16.95
C PRO A 316 -12.70 -13.60 -17.69
N ALA A 317 -12.66 -13.22 -18.97
CA ALA A 317 -11.53 -13.56 -19.82
C ALA A 317 -10.24 -12.91 -19.31
N ASN A 318 -10.32 -11.67 -18.83
CA ASN A 318 -9.13 -10.99 -18.31
C ASN A 318 -8.65 -11.60 -17.00
N MET A 319 -9.48 -12.41 -16.34
CA MET A 319 -9.11 -13.08 -15.12
C MET A 319 -8.65 -14.52 -15.33
N MET A 320 -8.97 -15.11 -16.49
CA MET A 320 -8.61 -16.50 -16.74
C MET A 320 -7.11 -16.77 -16.66
N PRO A 321 -6.20 -15.91 -17.14
CA PRO A 321 -4.77 -16.15 -16.90
C PRO A 321 -4.43 -16.23 -15.43
N ALA A 322 -5.10 -15.45 -14.58
CA ALA A 322 -4.87 -15.57 -13.13
C ALA A 322 -5.36 -16.90 -12.59
N MET A 323 -6.43 -17.44 -13.17
CA MET A 323 -6.94 -18.75 -12.75
C MET A 323 -5.93 -19.84 -13.08
N PHE A 324 -5.31 -19.76 -14.26
CA PHE A 324 -4.26 -20.71 -14.61
C PHE A 324 -3.07 -20.59 -13.67
N THR A 325 -2.71 -19.36 -13.29
CA THR A 325 -1.61 -19.16 -12.36
C THR A 325 -1.91 -19.77 -10.99
N CYS A 326 -3.18 -19.75 -10.58
CA CYS A 326 -3.55 -20.28 -9.27
C CYS A 326 -3.30 -21.78 -9.18
N GLY A 327 -3.74 -22.53 -10.20
CA GLY A 327 -3.52 -23.97 -10.19
C GLY A 327 -2.06 -24.34 -10.30
N ARG A 328 -1.30 -23.61 -11.13
CA ARG A 328 0.10 -23.90 -11.34
C ARG A 328 0.97 -23.65 -10.11
N THR A 329 0.44 -22.96 -9.08
CA THR A 329 1.21 -22.75 -7.87
C THR A 329 1.67 -24.07 -7.26
N ALA A 330 0.86 -25.12 -7.38
CA ALA A 330 1.25 -26.44 -6.87
C ALA A 330 2.53 -26.92 -7.54
N GLY A 331 2.59 -26.83 -8.87
CA GLY A 331 3.79 -27.27 -9.57
C GLY A 331 5.00 -26.40 -9.27
N TRP A 332 4.79 -25.08 -9.16
CA TRP A 332 5.87 -24.18 -8.80
C TRP A 332 6.46 -24.54 -7.43
N CYS A 333 5.58 -24.75 -6.44
CA CYS A 333 6.04 -25.08 -5.10
C CYS A 333 6.79 -26.40 -5.08
N ALA A 334 6.30 -27.40 -5.83
CA ALA A 334 6.98 -28.69 -5.87
C ALA A 334 8.36 -28.55 -6.50
N HIS A 335 8.48 -27.74 -7.55
CA HIS A 335 9.78 -27.58 -8.21
C HIS A 335 10.75 -26.76 -7.38
N ILE A 336 10.24 -25.77 -6.64
CA ILE A 336 11.12 -24.99 -5.77
C ILE A 336 11.65 -25.86 -4.64
N LEU A 337 10.80 -26.70 -4.05
CA LEU A 337 11.25 -27.59 -2.99
C LEU A 337 12.23 -28.63 -3.51
N GLU A 338 11.98 -29.17 -4.71
CA GLU A 338 12.90 -30.13 -5.30
C GLU A 338 14.23 -29.48 -5.66
N GLN A 339 14.17 -28.24 -6.16
CA GLN A 339 15.40 -27.52 -6.48
C GLN A 339 16.20 -27.20 -5.21
N LYS A 340 15.52 -26.93 -4.09
CA LYS A 340 16.21 -26.68 -2.84
C LYS A 340 16.99 -27.91 -2.38
N ARG A 341 16.36 -29.09 -2.45
CA ARG A 341 17.05 -30.32 -2.10
C ARG A 341 18.19 -30.62 -3.05
N LEU A 342 18.06 -30.21 -4.31
CA LEU A 342 19.16 -30.38 -5.27
C LEU A 342 20.38 -29.57 -4.86
N GLY A 343 20.17 -28.31 -4.45
CA GLY A 343 21.24 -27.46 -3.97
C GLY A 343 22.34 -27.23 -4.98
N LYS A 344 21.96 -26.79 -6.18
CA LYS A 344 22.93 -26.51 -7.24
C LYS A 344 22.47 -25.28 -8.00
N LEU A 345 23.32 -24.26 -8.02
CA LEU A 345 22.98 -23.01 -8.70
C LEU A 345 22.89 -23.24 -10.21
N VAL A 346 21.83 -22.72 -10.81
CA VAL A 346 21.65 -22.80 -12.26
C VAL A 346 22.46 -21.68 -12.90
N ARG A 347 23.60 -22.02 -13.50
CA ARG A 347 24.50 -21.04 -14.09
C ARG A 347 24.91 -21.52 -15.48
N PRO A 348 24.15 -21.17 -16.50
CA PRO A 348 24.56 -21.44 -17.88
C PRO A 348 25.61 -20.43 -18.32
N SER A 349 26.10 -20.61 -19.55
CA SER A 349 27.14 -19.76 -20.09
C SER A 349 26.67 -19.09 -21.37
N ALA A 350 27.39 -18.03 -21.74
CA ALA A 350 27.15 -17.30 -22.98
C ALA A 350 28.48 -17.06 -23.66
N ILE A 351 28.48 -17.12 -24.99
CA ILE A 351 29.69 -16.97 -25.80
C ILE A 351 29.69 -15.57 -26.41
N TYR A 352 30.77 -14.83 -26.20
CA TYR A 352 30.87 -13.46 -26.67
C TYR A 352 31.16 -13.40 -28.16
N VAL A 353 30.45 -12.52 -28.86
CA VAL A 353 30.63 -12.33 -30.29
C VAL A 353 30.60 -10.84 -30.61
N GLY A 354 30.78 -10.00 -29.59
CA GLY A 354 30.71 -8.57 -29.76
C GLY A 354 32.02 -7.96 -30.18
N PRO A 355 32.12 -6.63 -30.08
CA PRO A 355 33.35 -5.95 -30.51
C PRO A 355 34.54 -6.32 -29.63
N GLY A 356 35.73 -6.18 -30.21
CA GLY A 356 36.95 -6.49 -29.51
C GLY A 356 37.39 -5.36 -28.61
N PRO A 357 38.55 -5.53 -27.98
CA PRO A 357 39.06 -4.51 -27.05
C PRO A 357 39.30 -3.18 -27.77
N ARG A 358 38.79 -2.11 -27.18
CA ARG A 358 38.90 -0.79 -27.78
C ARG A 358 38.86 0.27 -26.68
N SER A 359 39.44 1.42 -26.99
CA SER A 359 39.46 2.52 -26.05
C SER A 359 38.08 3.19 -25.99
N PRO A 360 37.74 3.82 -24.86
CA PRO A 360 36.44 4.52 -24.78
C PRO A 360 36.32 5.66 -25.77
N GLU A 361 37.44 6.25 -26.19
CA GLU A 361 37.37 7.36 -27.13
C GLU A 361 36.94 6.91 -28.52
N SER A 362 37.29 5.68 -28.91
CA SER A 362 36.90 5.15 -30.21
C SER A 362 35.42 4.79 -30.28
N VAL A 363 34.74 4.71 -29.13
CA VAL A 363 33.33 4.35 -29.12
C VAL A 363 32.49 5.49 -29.69
N ASP A 364 31.48 5.15 -30.48
CA ASP A 364 30.59 6.16 -31.05
C ASP A 364 29.88 6.92 -29.95
N GLY A 365 29.84 8.24 -30.10
CA GLY A 365 29.16 9.10 -29.14
C GLY A 365 29.97 9.46 -27.91
N TRP A 366 31.29 9.25 -27.93
CA TRP A 366 32.11 9.60 -26.78
C TRP A 366 32.28 11.11 -26.64
N GLU A 367 32.13 11.87 -27.72
CA GLU A 367 32.38 13.30 -27.69
C GLU A 367 31.36 14.04 -26.81
N ARG A 368 30.15 13.50 -26.68
CA ARG A 368 29.12 14.12 -25.86
C ARG A 368 29.09 13.59 -24.43
N VAL A 369 30.12 12.84 -24.03
CA VAL A 369 30.20 12.28 -22.69
C VAL A 369 30.99 13.24 -21.80
N LEU A 370 30.50 13.43 -20.57
CA LEU A 370 31.16 14.30 -19.60
C LEU A 370 31.72 13.43 -18.47
N THR A 371 33.03 13.52 -18.26
CA THR A 371 33.65 12.88 -17.12
C THR A 371 33.50 13.76 -15.89
N THR A 372 33.12 13.15 -14.77
CA THR A 372 32.81 13.90 -13.55
C THR A 372 34.03 14.66 -13.01
N ASP B 13 -25.51 25.42 18.34
CA ASP B 13 -26.73 25.61 17.56
C ASP B 13 -27.18 27.06 17.63
N GLY B 14 -27.02 27.79 16.52
CA GLY B 14 -27.27 29.22 16.55
C GLY B 14 -26.36 30.02 17.45
N VAL B 15 -25.28 29.41 17.95
CA VAL B 15 -24.36 30.08 18.86
C VAL B 15 -23.20 30.66 18.06
N VAL B 16 -22.94 31.95 18.24
CA VAL B 16 -21.84 32.59 17.53
C VAL B 16 -20.53 32.11 18.12
N ALA B 17 -19.70 31.47 17.30
CA ALA B 17 -18.46 30.84 17.73
C ALA B 17 -17.22 31.62 17.35
N PHE B 18 -17.19 32.22 16.17
CA PHE B 18 -16.02 32.95 15.69
C PHE B 18 -16.48 34.18 14.91
N THR B 19 -15.56 35.14 14.79
CA THR B 19 -15.69 36.22 13.83
C THR B 19 -14.81 35.90 12.63
N THR B 20 -15.30 36.23 11.44
CA THR B 20 -14.58 35.89 10.23
C THR B 20 -14.56 37.07 9.28
N GLU B 21 -13.45 37.20 8.55
CA GLU B 21 -13.33 38.13 7.43
C GLU B 21 -13.33 37.38 6.10
N ILE B 22 -13.64 36.09 6.11
CA ILE B 22 -13.49 35.26 4.92
C ILE B 22 -14.64 35.49 3.95
N ALA B 23 -15.87 35.21 4.38
CA ALA B 23 -17.01 35.28 3.48
C ALA B 23 -18.27 35.54 4.27
N GLU B 24 -19.28 36.10 3.59
CA GLU B 24 -20.56 36.43 4.18
C GLU B 24 -21.68 35.65 3.52
N PRO B 25 -22.24 34.63 4.17
CA PRO B 25 -23.45 33.97 3.64
C PRO B 25 -24.70 34.80 3.92
N ASP B 26 -24.80 35.94 3.25
CA ASP B 26 -25.90 36.87 3.46
C ASP B 26 -27.23 36.28 3.00
N LYS B 27 -27.89 35.54 3.90
CA LYS B 27 -29.14 34.88 3.53
C LYS B 27 -30.28 35.88 3.39
N ASP B 28 -30.22 37.00 4.11
CA ASP B 28 -31.30 37.98 4.03
C ASP B 28 -31.19 38.83 2.77
N GLY B 29 -29.98 39.11 2.29
CA GLY B 29 -29.78 39.85 1.07
C GLY B 29 -29.80 39.02 -0.18
N GLY B 30 -29.98 37.71 -0.07
CA GLY B 30 -30.02 36.84 -1.24
C GLY B 30 -28.71 36.73 -1.98
N ALA B 31 -27.58 37.05 -1.33
CA ALA B 31 -26.29 37.03 -1.98
C ALA B 31 -25.28 36.29 -1.11
N LEU B 32 -24.31 35.66 -1.76
CA LEU B 32 -23.16 35.05 -1.10
C LEU B 32 -21.91 35.75 -1.59
N ARG B 33 -21.09 36.25 -0.66
CA ARG B 33 -19.93 37.04 -0.98
C ARG B 33 -18.67 36.39 -0.43
N TYR B 34 -17.59 36.45 -1.21
CA TYR B 34 -16.28 35.96 -0.82
C TYR B 34 -15.37 37.17 -0.63
N ARG B 35 -15.06 37.50 0.62
CA ARG B 35 -14.27 38.68 0.95
C ARG B 35 -14.90 39.95 0.35
N GLY B 36 -16.23 40.01 0.39
CA GLY B 36 -16.96 41.14 -0.14
C GLY B 36 -17.23 41.08 -1.63
N VAL B 37 -16.93 39.97 -2.30
CA VAL B 37 -17.12 39.83 -3.74
C VAL B 37 -18.20 38.78 -3.98
N ASP B 38 -19.24 39.18 -4.71
CA ASP B 38 -20.33 38.26 -5.03
C ASP B 38 -19.83 37.12 -5.91
N ILE B 39 -20.34 35.92 -5.65
CA ILE B 39 -19.90 34.75 -6.41
C ILE B 39 -20.38 34.80 -7.85
N GLU B 40 -21.43 35.56 -8.14
CA GLU B 40 -21.88 35.69 -9.52
C GLU B 40 -20.87 36.43 -10.38
N ASP B 41 -20.24 37.47 -9.81
CA ASP B 41 -19.20 38.18 -10.54
C ASP B 41 -17.97 37.30 -10.76
N LEU B 42 -17.68 36.39 -9.81
CA LEU B 42 -16.55 35.50 -9.96
C LEU B 42 -16.78 34.49 -11.08
N VAL B 43 -18.01 34.04 -11.25
CA VAL B 43 -18.31 33.04 -12.28
C VAL B 43 -18.53 33.73 -13.63
N SER B 44 -19.27 34.84 -13.65
CA SER B 44 -19.52 35.55 -14.89
C SER B 44 -18.23 35.98 -15.56
N GLN B 45 -17.35 36.65 -14.80
CA GLN B 45 -16.04 37.02 -15.31
C GLN B 45 -15.06 35.86 -15.33
N ARG B 46 -15.52 34.65 -14.97
CA ARG B 46 -14.75 33.41 -15.12
C ARG B 46 -13.43 33.46 -14.33
N VAL B 47 -13.57 33.69 -13.03
CA VAL B 47 -12.43 33.59 -12.12
C VAL B 47 -12.23 32.12 -11.76
N THR B 48 -11.09 31.56 -12.18
CA THR B 48 -10.86 30.14 -11.97
C THR B 48 -10.76 29.81 -10.49
N PHE B 49 -10.91 28.53 -10.17
CA PHE B 49 -10.95 28.10 -8.78
C PHE B 49 -9.65 28.41 -8.06
N GLY B 50 -8.52 28.27 -8.77
CA GLY B 50 -7.23 28.56 -8.15
C GLY B 50 -7.09 30.00 -7.71
N ASP B 51 -7.72 30.92 -8.44
CA ASP B 51 -7.68 32.33 -8.06
C ASP B 51 -8.63 32.61 -6.90
N VAL B 52 -9.78 31.94 -6.87
CA VAL B 52 -10.71 32.10 -5.75
C VAL B 52 -10.13 31.50 -4.49
N TRP B 53 -9.33 30.43 -4.62
CA TRP B 53 -8.64 29.87 -3.47
C TRP B 53 -7.76 30.93 -2.80
N ALA B 54 -7.02 31.71 -3.60
CA ALA B 54 -6.20 32.78 -3.04
C ALA B 54 -7.06 33.88 -2.44
N LEU B 55 -8.26 34.10 -2.99
CA LEU B 55 -9.14 35.14 -2.48
C LEU B 55 -9.59 34.83 -1.06
N LEU B 56 -10.14 33.63 -0.86
CA LEU B 56 -10.65 33.26 0.46
C LEU B 56 -9.52 33.12 1.47
N VAL B 57 -8.35 32.66 1.05
CA VAL B 57 -7.25 32.42 1.97
C VAL B 57 -6.48 33.71 2.27
N ASP B 58 -5.97 34.34 1.22
CA ASP B 58 -5.12 35.52 1.38
C ASP B 58 -5.91 36.83 1.48
N GLY B 59 -7.20 36.81 1.18
CA GLY B 59 -7.99 38.02 1.19
C GLY B 59 -7.92 38.85 -0.07
N ASN B 60 -7.09 38.45 -1.04
CA ASN B 60 -6.93 39.21 -2.28
C ASN B 60 -6.49 38.24 -3.37
N PHE B 61 -5.98 38.78 -4.47
CA PHE B 61 -5.59 38.00 -5.63
C PHE B 61 -4.07 38.00 -5.76
N GLY B 62 -3.57 37.44 -6.86
CA GLY B 62 -2.15 37.42 -7.13
C GLY B 62 -1.52 36.06 -7.03
N SER B 63 -1.33 35.57 -5.80
CA SER B 63 -0.65 34.30 -5.55
C SER B 63 -1.65 33.17 -5.72
N GLY B 64 -1.80 32.73 -6.97
CA GLY B 64 -2.74 31.68 -7.29
C GLY B 64 -2.31 30.32 -6.74
N LEU B 65 -3.23 29.38 -6.84
CA LEU B 65 -2.97 28.02 -6.36
C LEU B 65 -1.92 27.35 -7.24
N PRO B 66 -0.84 26.82 -6.66
CA PRO B 66 0.20 26.22 -7.49
C PRO B 66 -0.24 24.88 -8.05
N PRO B 67 0.29 24.48 -9.21
CA PRO B 67 -0.05 23.16 -9.74
C PRO B 67 0.51 22.05 -8.86
N ALA B 68 -0.20 20.92 -8.87
CA ALA B 68 0.21 19.79 -8.03
C ALA B 68 1.47 19.14 -8.56
N GLU B 69 2.34 18.76 -7.62
CA GLU B 69 3.55 18.03 -7.98
C GLU B 69 3.22 16.57 -8.30
N PRO B 70 4.08 15.90 -9.05
CA PRO B 70 3.84 14.47 -9.34
C PRO B 70 3.86 13.65 -8.06
N PHE B 71 2.78 12.89 -7.85
CA PHE B 71 2.58 12.08 -6.66
C PHE B 71 1.49 11.07 -6.95
N PRO B 72 1.82 9.88 -7.45
CA PRO B 72 0.79 8.86 -7.66
C PRO B 72 0.08 8.51 -6.36
N LEU B 73 -1.25 8.47 -6.43
CA LEU B 73 -2.07 8.24 -5.25
C LEU B 73 -1.74 6.89 -4.63
N PRO B 74 -1.36 6.85 -3.35
CA PRO B 74 -0.99 5.58 -2.72
C PRO B 74 -2.14 4.80 -2.09
N ILE B 75 -3.34 5.37 -2.02
CA ILE B 75 -4.47 4.75 -1.34
C ILE B 75 -5.53 4.40 -2.38
N HIS B 76 -5.97 3.14 -2.37
CA HIS B 76 -7.01 2.65 -3.28
C HIS B 76 -8.00 1.85 -2.45
N SER B 77 -8.90 2.55 -1.76
CA SER B 77 -9.86 1.92 -0.87
C SER B 77 -11.21 1.67 -1.52
N GLY B 78 -11.43 2.13 -2.75
CA GLY B 78 -12.72 2.05 -3.39
C GLY B 78 -13.66 3.19 -3.10
N ASP B 79 -13.23 4.17 -2.31
CA ASP B 79 -14.02 5.35 -1.98
C ASP B 79 -13.15 6.58 -2.18
N VAL B 80 -13.55 7.45 -3.11
CA VAL B 80 -12.76 8.64 -3.40
C VAL B 80 -12.66 9.55 -2.19
N ARG B 81 -13.72 9.61 -1.38
CA ARG B 81 -13.65 10.36 -0.14
C ARG B 81 -12.60 9.78 0.79
N VAL B 82 -12.62 8.45 0.99
CA VAL B 82 -11.67 7.81 1.88
C VAL B 82 -10.25 7.95 1.34
N ASP B 83 -10.10 7.89 0.02
CA ASP B 83 -8.77 7.99 -0.58
C ASP B 83 -8.13 9.34 -0.27
N VAL B 84 -8.86 10.43 -0.48
CA VAL B 84 -8.29 11.75 -0.22
C VAL B 84 -8.21 12.03 1.27
N GLN B 85 -9.09 11.42 2.07
CA GLN B 85 -9.03 11.63 3.51
C GLN B 85 -7.77 11.01 4.10
N ALA B 86 -7.50 9.74 3.78
CA ALA B 86 -6.27 9.10 4.22
C ALA B 86 -5.06 9.67 3.50
N GLY B 87 -5.20 9.98 2.22
CA GLY B 87 -4.08 10.50 1.45
C GLY B 87 -3.61 11.86 1.92
N LEU B 88 -4.56 12.74 2.27
CA LEU B 88 -4.18 14.05 2.80
C LEU B 88 -3.42 13.93 4.11
N ALA B 89 -3.90 13.04 4.99
CA ALA B 89 -3.27 12.89 6.30
C ALA B 89 -1.85 12.35 6.19
N MET B 90 -1.56 11.58 5.13
CA MET B 90 -0.25 10.97 4.98
C MET B 90 0.80 11.92 4.44
N LEU B 91 0.44 13.15 4.07
CA LEU B 91 1.41 14.09 3.53
C LEU B 91 2.29 14.72 4.60
N ALA B 92 1.85 14.69 5.86
CA ALA B 92 2.59 15.40 6.91
C ALA B 92 4.01 14.87 7.10
N PRO B 93 4.26 13.57 7.32
CA PRO B 93 5.64 13.14 7.61
C PRO B 93 6.52 13.08 6.37
N ILE B 94 5.92 12.83 5.20
CA ILE B 94 6.72 12.76 3.99
C ILE B 94 7.13 14.14 3.50
N TRP B 95 6.28 15.14 3.69
CA TRP B 95 6.58 16.51 3.29
C TRP B 95 7.15 17.35 4.43
N GLY B 96 7.24 16.79 5.64
CA GLY B 96 7.76 17.54 6.77
C GLY B 96 6.83 18.62 7.28
N TYR B 97 5.53 18.34 7.33
CA TYR B 97 4.55 19.32 7.81
C TYR B 97 4.62 19.37 9.33
N ALA B 98 5.23 20.43 9.86
CA ALA B 98 5.28 20.64 11.29
C ALA B 98 3.93 21.13 11.79
N PRO B 99 3.66 20.98 13.09
CA PRO B 99 2.39 21.50 13.64
C PRO B 99 2.24 22.99 13.40
N LEU B 100 0.97 23.44 13.44
CA LEU B 100 0.67 24.83 13.13
C LEU B 100 1.30 25.80 14.11
N LEU B 101 1.52 25.35 15.36
CA LEU B 101 2.08 26.25 16.38
C LEU B 101 3.53 26.59 16.09
N ASP B 102 4.29 25.63 15.56
CA ASP B 102 5.74 25.78 15.42
C ASP B 102 6.16 26.49 14.14
N ILE B 103 5.21 26.88 13.29
CA ILE B 103 5.52 27.50 12.00
C ILE B 103 4.74 28.81 11.88
N ASP B 104 5.23 29.66 10.97
CA ASP B 104 4.63 30.98 10.77
C ASP B 104 3.44 30.89 9.81
N ASP B 105 2.81 32.04 9.56
CA ASP B 105 1.61 32.06 8.72
C ASP B 105 1.94 31.80 7.26
N ALA B 106 3.08 32.33 6.78
CA ALA B 106 3.44 32.15 5.38
C ALA B 106 3.72 30.68 5.06
N THR B 107 4.38 29.98 5.99
CA THR B 107 4.60 28.55 5.80
C THR B 107 3.29 27.78 5.77
N ALA B 108 2.36 28.14 6.65
CA ALA B 108 1.06 27.48 6.67
C ALA B 108 0.30 27.70 5.36
N ARG B 109 0.35 28.94 4.84
CA ARG B 109 -0.31 29.22 3.56
C ARG B 109 0.30 28.39 2.44
N GLN B 110 1.62 28.19 2.47
CA GLN B 110 2.25 27.35 1.46
C GLN B 110 1.91 25.88 1.65
N GLN B 111 1.94 25.40 2.89
CA GLN B 111 1.56 24.02 3.17
C GLN B 111 0.08 23.79 2.89
N LEU B 112 -0.77 24.79 3.15
CA LEU B 112 -2.19 24.65 2.84
C LEU B 112 -2.42 24.60 1.34
N ALA B 113 -1.65 25.37 0.57
CA ALA B 113 -1.81 25.36 -0.88
C ALA B 113 -1.25 24.09 -1.50
N ARG B 114 -0.14 23.58 -0.95
CA ARG B 114 0.45 22.34 -1.45
C ARG B 114 -0.49 21.17 -1.24
N ALA B 115 -1.06 21.06 -0.03
CA ALA B 115 -1.99 19.97 0.25
C ALA B 115 -3.32 20.19 -0.46
N SER B 116 -3.68 21.44 -0.73
CA SER B 116 -4.94 21.74 -1.40
C SER B 116 -4.97 21.14 -2.81
N VAL B 117 -3.97 21.51 -3.63
CA VAL B 117 -3.93 21.03 -4.99
C VAL B 117 -3.59 19.55 -5.06
N MET B 118 -2.94 19.01 -4.03
CA MET B 118 -2.67 17.57 -4.00
C MET B 118 -3.96 16.80 -3.72
N ALA B 119 -4.83 17.33 -2.87
CA ALA B 119 -6.13 16.73 -2.66
C ALA B 119 -6.93 16.68 -3.96
N LEU B 120 -6.73 17.67 -4.83
CA LEU B 120 -7.37 17.63 -6.14
C LEU B 120 -6.74 16.54 -7.01
N SER B 121 -5.42 16.40 -6.95
CA SER B 121 -4.76 15.35 -7.72
C SER B 121 -5.20 13.96 -7.27
N TYR B 122 -5.30 13.76 -5.95
CA TYR B 122 -5.72 12.46 -5.42
C TYR B 122 -7.13 12.12 -5.87
N VAL B 123 -8.02 13.11 -5.88
CA VAL B 123 -9.41 12.87 -6.28
C VAL B 123 -9.48 12.51 -7.76
N ALA B 124 -8.74 13.23 -8.60
CA ALA B 124 -8.73 12.92 -10.03
C ALA B 124 -8.15 11.55 -10.28
N GLN B 125 -7.11 11.17 -9.53
CA GLN B 125 -6.52 9.84 -9.69
C GLN B 125 -7.47 8.76 -9.20
N SER B 126 -8.06 8.96 -8.02
CA SER B 126 -8.91 7.93 -7.41
C SER B 126 -10.12 7.61 -8.30
N ALA B 127 -10.72 8.63 -8.93
CA ALA B 127 -11.87 8.40 -9.77
C ALA B 127 -11.49 7.87 -11.15
N ARG B 128 -10.29 8.21 -11.62
CA ARG B 128 -9.80 7.58 -12.84
C ARG B 128 -9.71 6.07 -12.70
N GLY B 129 -9.39 5.59 -11.50
CA GLY B 129 -9.37 4.18 -11.23
C GLY B 129 -7.99 3.57 -11.43
N ILE B 130 -7.82 2.37 -10.84
CA ILE B 130 -6.56 1.64 -10.98
C ILE B 130 -6.48 0.86 -12.28
N TYR B 131 -7.57 0.80 -13.04
CA TYR B 131 -7.61 0.03 -14.28
C TYR B 131 -7.19 0.84 -15.50
N GLN B 132 -6.79 2.10 -15.33
CA GLN B 132 -6.29 2.91 -16.42
C GLN B 132 -4.89 3.42 -16.12
N PRO B 133 -4.04 3.54 -17.14
CA PRO B 133 -2.73 4.14 -16.92
C PRO B 133 -2.83 5.63 -16.61
N ALA B 134 -1.81 6.15 -15.95
CA ALA B 134 -1.81 7.54 -15.54
C ALA B 134 -1.65 8.46 -16.73
N VAL B 135 -2.34 9.60 -16.71
CA VAL B 135 -2.09 10.68 -17.65
C VAL B 135 -0.72 11.25 -17.31
N PRO B 136 0.22 11.30 -18.25
CA PRO B 136 1.56 11.80 -17.92
C PRO B 136 1.52 13.28 -17.56
N GLN B 137 2.47 13.67 -16.70
CA GLN B 137 2.59 15.07 -16.33
C GLN B 137 2.91 15.93 -17.54
N ARG B 138 3.50 15.34 -18.58
CA ARG B 138 3.75 16.05 -19.83
C ARG B 138 2.46 16.63 -20.41
N ILE B 139 1.37 15.85 -20.34
CA ILE B 139 0.10 16.31 -20.89
C ILE B 139 -0.60 17.28 -19.92
N ILE B 140 -0.52 16.99 -18.62
CA ILE B 140 -1.14 17.87 -17.63
C ILE B 140 -0.48 19.24 -17.62
N ASP B 141 0.84 19.29 -17.87
CA ASP B 141 1.58 20.55 -17.84
C ASP B 141 1.16 21.51 -18.95
N GLU B 142 0.39 21.05 -19.94
CA GLU B 142 -0.06 21.94 -21.00
C GLU B 142 -1.23 22.83 -20.56
N CYS B 143 -1.92 22.47 -19.49
CA CYS B 143 -3.04 23.27 -19.03
C CYS B 143 -2.56 24.57 -18.39
N SER B 144 -3.44 25.57 -18.38
CA SER B 144 -3.11 26.89 -17.87
C SER B 144 -3.70 27.18 -16.49
N THR B 145 -4.74 26.46 -16.08
CA THR B 145 -5.35 26.64 -14.78
C THR B 145 -5.36 25.31 -14.03
N VAL B 146 -5.60 25.39 -12.71
CA VAL B 146 -5.62 24.20 -11.88
C VAL B 146 -6.84 23.35 -12.20
N THR B 147 -7.99 23.98 -12.44
CA THR B 147 -9.20 23.24 -12.78
C THR B 147 -9.03 22.43 -14.05
N ALA B 148 -8.38 23.02 -15.06
CA ALA B 148 -8.08 22.28 -16.28
C ALA B 148 -7.11 21.13 -16.02
N ARG B 149 -6.17 21.32 -15.09
CA ARG B 149 -5.25 20.24 -14.74
C ARG B 149 -5.98 19.09 -14.07
N PHE B 150 -6.99 19.40 -13.25
CA PHE B 150 -7.75 18.35 -12.58
C PHE B 150 -8.53 17.52 -13.59
N MET B 151 -9.24 18.18 -14.50
CA MET B 151 -10.02 17.46 -15.50
C MET B 151 -9.12 16.69 -16.46
N THR B 152 -7.89 17.17 -16.68
CA THR B 152 -6.97 16.46 -17.56
C THR B 152 -6.40 15.23 -16.89
N ARG B 153 -5.99 15.35 -15.62
CA ARG B 153 -5.47 14.21 -14.89
C ARG B 153 -6.50 13.09 -14.76
N TRP B 154 -7.78 13.45 -14.72
CA TRP B 154 -8.86 12.49 -14.52
C TRP B 154 -9.39 11.94 -15.83
N GLN B 155 -9.72 12.81 -16.78
CA GLN B 155 -10.35 12.39 -18.03
C GLN B 155 -9.38 12.26 -19.20
N GLY B 156 -8.16 12.79 -19.09
CA GLY B 156 -7.20 12.71 -20.17
C GLY B 156 -7.43 13.78 -21.23
N GLU B 157 -8.61 13.80 -21.82
CA GLU B 157 -8.98 14.78 -22.83
C GLU B 157 -10.34 15.35 -22.48
N PRO B 158 -10.40 16.25 -21.49
CA PRO B 158 -11.69 16.74 -21.02
C PRO B 158 -12.26 17.84 -21.92
N ASP B 159 -13.59 17.86 -21.98
CA ASP B 159 -14.28 18.91 -22.72
C ASP B 159 -14.06 20.25 -22.03
N PRO B 160 -13.64 21.29 -22.75
CA PRO B 160 -13.51 22.62 -22.12
C PRO B 160 -14.81 23.12 -21.54
N ARG B 161 -15.96 22.74 -22.12
CA ARG B 161 -17.24 23.08 -21.53
C ARG B 161 -17.38 22.43 -20.15
N HIS B 162 -16.88 21.21 -19.99
CA HIS B 162 -16.92 20.55 -18.69
C HIS B 162 -15.97 21.20 -17.70
N ILE B 163 -14.82 21.70 -18.18
CA ILE B 163 -13.92 22.43 -17.30
C ILE B 163 -14.57 23.74 -16.84
N GLU B 164 -15.31 24.39 -17.74
CA GLU B 164 -16.05 25.58 -17.35
C GLU B 164 -17.12 25.25 -16.32
N ALA B 165 -17.78 24.11 -16.48
CA ALA B 165 -18.83 23.71 -15.54
C ALA B 165 -18.25 23.40 -14.16
N ILE B 166 -17.03 22.86 -14.10
CA ILE B 166 -16.43 22.53 -12.82
C ILE B 166 -15.97 23.80 -12.10
N ASP B 167 -15.41 24.75 -12.85
CA ASP B 167 -15.01 26.02 -12.25
C ASP B 167 -16.21 26.74 -11.67
N ALA B 168 -17.37 26.62 -12.32
CA ALA B 168 -18.58 27.24 -11.77
C ALA B 168 -19.03 26.54 -10.50
N TYR B 169 -18.99 25.21 -10.47
CA TYR B 169 -19.43 24.47 -9.29
C TYR B 169 -18.47 24.68 -8.13
N TRP B 170 -17.17 24.58 -8.39
CA TRP B 170 -16.18 24.67 -7.31
C TRP B 170 -16.21 26.05 -6.66
N VAL B 171 -16.34 27.10 -7.47
CA VAL B 171 -16.41 28.45 -6.91
C VAL B 171 -17.70 28.63 -6.12
N SER B 172 -18.81 28.09 -6.63
CA SER B 172 -20.08 28.19 -5.92
C SER B 172 -20.08 27.41 -4.61
N ALA B 173 -19.25 26.38 -4.49
CA ALA B 173 -19.16 25.58 -3.28
C ALA B 173 -17.85 25.81 -2.52
N ALA B 174 -17.12 26.89 -2.82
CA ALA B 174 -15.81 27.08 -2.23
C ALA B 174 -15.90 27.35 -0.72
N GLU B 175 -16.91 28.09 -0.30
CA GLU B 175 -17.02 28.47 1.11
C GLU B 175 -18.46 28.85 1.41
N HIS B 176 -18.94 28.43 2.58
CA HIS B 176 -20.30 28.71 3.01
C HIS B 176 -20.39 28.80 4.52
N GLY B 177 -19.56 29.64 5.13
CA GLY B 177 -19.70 29.91 6.54
C GLY B 177 -19.20 28.78 7.42
N MET B 178 -19.88 28.60 8.55
CA MET B 178 -19.46 27.64 9.58
C MET B 178 -20.32 26.39 9.52
N ASN B 179 -20.07 25.59 8.49
CA ASN B 179 -20.69 24.28 8.37
C ASN B 179 -19.90 23.26 9.20
N ALA B 180 -20.44 22.04 9.27
CA ALA B 180 -19.87 21.04 10.15
C ALA B 180 -18.44 20.67 9.77
N SER B 181 -18.12 20.67 8.47
CA SER B 181 -16.77 20.34 8.06
C SER B 181 -15.82 21.53 8.26
N THR B 182 -16.29 22.73 7.93
CA THR B 182 -15.49 23.92 8.19
C THR B 182 -15.29 24.12 9.69
N PHE B 183 -16.30 23.79 10.49
CA PHE B 183 -16.15 23.81 11.94
C PHE B 183 -15.14 22.77 12.40
N THR B 184 -15.15 21.59 11.77
CA THR B 184 -14.20 20.55 12.12
C THR B 184 -12.77 20.96 11.81
N ALA B 185 -12.56 21.58 10.64
CA ALA B 185 -11.22 22.03 10.29
C ALA B 185 -10.71 23.09 11.27
N ARG B 186 -11.60 23.93 11.77
CA ARG B 186 -11.18 24.96 12.74
C ARG B 186 -10.87 24.35 14.08
N VAL B 187 -11.62 23.32 14.49
CA VAL B 187 -11.40 22.70 15.79
C VAL B 187 -10.05 21.98 15.83
N ILE B 188 -9.77 21.18 14.81
CA ILE B 188 -8.50 20.46 14.76
C ILE B 188 -7.33 21.44 14.65
N ALA B 189 -7.50 22.52 13.89
CA ALA B 189 -6.46 23.53 13.79
C ALA B 189 -6.26 24.27 15.10
N SER B 190 -7.31 24.40 15.90
CA SER B 190 -7.19 25.07 17.19
C SER B 190 -6.28 24.29 18.14
N THR B 191 -6.10 23.00 17.92
CA THR B 191 -5.19 22.18 18.71
C THR B 191 -3.73 22.40 18.32
N GLY B 192 -3.46 23.17 17.27
CA GLY B 192 -2.11 23.34 16.80
C GLY B 192 -1.60 22.25 15.89
N ALA B 193 -2.45 21.29 15.51
CA ALA B 193 -2.03 20.20 14.65
C ALA B 193 -1.64 20.71 13.27
N ASP B 194 -1.02 19.83 12.49
CA ASP B 194 -0.62 20.19 11.15
C ASP B 194 -1.84 20.35 10.25
N VAL B 195 -1.67 21.12 9.17
CA VAL B 195 -2.79 21.47 8.30
C VAL B 195 -3.37 20.23 7.64
N ALA B 196 -2.54 19.23 7.35
CA ALA B 196 -3.02 18.02 6.70
C ALA B 196 -3.94 17.22 7.61
N ALA B 197 -3.70 17.27 8.93
CA ALA B 197 -4.59 16.59 9.87
C ALA B 197 -5.93 17.31 9.98
N ALA B 198 -5.92 18.64 9.87
CA ALA B 198 -7.18 19.38 9.91
C ALA B 198 -7.99 19.15 8.62
N LEU B 199 -7.31 19.20 7.47
CA LEU B 199 -8.00 18.95 6.21
C LEU B 199 -8.53 17.53 6.13
N SER B 200 -7.83 16.57 6.73
CA SER B 200 -8.30 15.19 6.72
C SER B 200 -9.58 15.03 7.53
N GLY B 201 -9.58 15.56 8.76
CA GLY B 201 -10.77 15.45 9.59
C GLY B 201 -11.97 16.19 9.02
N ALA B 202 -11.73 17.31 8.34
CA ALA B 202 -12.81 18.04 7.70
C ALA B 202 -13.47 17.21 6.60
N ILE B 203 -12.70 16.36 5.93
CA ILE B 203 -13.27 15.47 4.93
C ILE B 203 -14.20 14.46 5.59
N GLY B 204 -13.82 13.98 6.78
CA GLY B 204 -14.66 13.02 7.48
C GLY B 204 -16.01 13.60 7.88
N ALA B 205 -16.01 14.86 8.34
CA ALA B 205 -17.28 15.53 8.63
C ALA B 205 -18.08 15.80 7.37
N MET B 206 -17.39 16.01 6.24
CA MET B 206 -18.07 16.29 4.99
C MET B 206 -18.82 15.06 4.47
N SER B 207 -18.29 13.86 4.72
CA SER B 207 -18.89 12.63 4.22
C SER B 207 -20.24 12.33 4.84
N GLY B 208 -20.60 12.98 5.93
CA GLY B 208 -21.87 12.76 6.58
C GLY B 208 -23.03 13.18 5.71
N PRO B 209 -24.11 12.40 5.72
CA PRO B 209 -25.29 12.79 4.92
C PRO B 209 -25.94 14.08 5.39
N LEU B 210 -25.85 14.39 6.68
CA LEU B 210 -26.46 15.60 7.24
C LEU B 210 -25.62 16.85 7.05
N HIS B 211 -24.44 16.75 6.46
CA HIS B 211 -23.60 17.93 6.29
C HIS B 211 -24.24 18.95 5.35
N GLY B 212 -25.04 18.49 4.38
CA GLY B 212 -25.73 19.41 3.48
C GLY B 212 -24.83 19.98 2.40
N GLY B 213 -25.41 20.60 1.38
CA GLY B 213 -24.66 21.13 0.27
C GLY B 213 -24.18 20.09 -0.73
N ALA B 214 -24.03 18.83 -0.33
CA ALA B 214 -23.57 17.80 -1.26
C ALA B 214 -24.71 17.41 -2.20
N PRO B 215 -24.45 17.30 -3.51
CA PRO B 215 -25.52 16.95 -4.45
C PRO B 215 -26.09 15.57 -4.20
N ALA B 216 -27.31 15.51 -3.66
CA ALA B 216 -27.96 14.25 -3.37
C ALA B 216 -28.38 13.56 -4.68
N ARG B 217 -28.96 12.37 -4.55
CA ARG B 217 -29.31 11.56 -5.70
C ARG B 217 -30.58 12.10 -6.36
N VAL B 218 -30.40 13.19 -7.11
CA VAL B 218 -31.46 13.65 -8.01
C VAL B 218 -31.36 12.98 -9.37
N LEU B 219 -30.26 12.28 -9.65
CA LEU B 219 -30.11 11.61 -10.93
C LEU B 219 -31.16 10.53 -11.19
N PRO B 220 -31.52 9.66 -10.24
CA PRO B 220 -32.60 8.69 -10.53
C PRO B 220 -33.90 9.35 -10.94
N MET B 221 -34.26 10.46 -10.30
CA MET B 221 -35.44 11.21 -10.72
C MET B 221 -35.26 11.77 -12.12
N LEU B 222 -34.07 12.32 -12.40
CA LEU B 222 -33.80 12.86 -13.73
C LEU B 222 -33.80 11.77 -14.79
N ASP B 223 -33.34 10.57 -14.43
CA ASP B 223 -33.30 9.47 -15.40
C ASP B 223 -34.70 8.98 -15.74
N GLU B 224 -35.64 9.06 -14.79
CA GLU B 224 -36.98 8.52 -15.01
C GLU B 224 -37.78 9.40 -15.97
N VAL B 225 -37.79 10.71 -15.73
CA VAL B 225 -38.55 11.62 -16.56
C VAL B 225 -38.05 11.63 -18.00
N GLU B 226 -36.81 11.19 -18.23
CA GLU B 226 -36.31 11.04 -19.59
C GLU B 226 -36.75 9.72 -20.22
N ARG B 227 -36.88 8.66 -19.42
CA ARG B 227 -37.31 7.37 -19.91
C ARG B 227 -38.83 7.20 -19.90
N ALA B 228 -39.57 8.19 -19.39
CA ALA B 228 -41.02 8.10 -19.35
C ALA B 228 -41.67 9.41 -19.78
N GLY B 229 -41.35 10.49 -19.07
CA GLY B 229 -41.94 11.79 -19.33
C GLY B 229 -42.94 12.15 -18.25
N ASP B 230 -43.68 13.23 -18.52
CA ASP B 230 -44.67 13.78 -17.60
C ASP B 230 -44.07 13.97 -16.21
N ALA B 231 -43.16 14.94 -16.14
CA ALA B 231 -42.46 15.22 -14.89
C ALA B 231 -43.42 15.50 -13.75
N ARG B 232 -44.61 16.02 -14.05
CA ARG B 232 -45.63 16.20 -13.03
C ARG B 232 -46.02 14.88 -12.40
N SER B 233 -46.22 13.85 -13.23
CA SER B 233 -46.66 12.55 -12.71
C SER B 233 -45.54 11.84 -11.98
N VAL B 234 -44.29 11.98 -12.46
CA VAL B 234 -43.17 11.36 -11.76
C VAL B 234 -42.97 12.01 -10.39
N VAL B 235 -43.10 13.34 -10.33
CA VAL B 235 -43.02 14.04 -9.04
C VAL B 235 -44.18 13.63 -8.15
N LYS B 236 -45.37 13.46 -8.73
CA LYS B 236 -46.53 13.04 -7.94
C LYS B 236 -46.30 11.67 -7.31
N GLY B 237 -45.72 10.74 -8.07
CA GLY B 237 -45.51 9.40 -7.53
C GLY B 237 -44.61 9.39 -6.32
N ILE B 238 -43.50 10.14 -6.38
CA ILE B 238 -42.59 10.20 -5.24
C ILE B 238 -43.31 10.75 -4.00
N LEU B 239 -44.15 11.77 -4.18
CA LEU B 239 -44.90 12.31 -3.06
C LEU B 239 -46.00 11.35 -2.62
N ASP B 240 -46.74 10.78 -3.57
CA ASP B 240 -47.87 9.92 -3.23
C ASP B 240 -47.41 8.63 -2.58
N ARG B 241 -46.28 8.07 -3.04
CA ARG B 241 -45.75 6.83 -2.49
C ARG B 241 -45.01 7.05 -1.17
N GLY B 242 -45.09 8.24 -0.59
CA GLY B 242 -44.44 8.52 0.68
C GLY B 242 -42.93 8.53 0.60
N GLU B 243 -42.39 9.22 -0.40
CA GLU B 243 -40.95 9.31 -0.59
C GLU B 243 -40.55 10.78 -0.66
N LYS B 244 -39.25 11.02 -0.52
CA LYS B 244 -38.72 12.38 -0.41
C LYS B 244 -38.30 12.90 -1.79
N LEU B 245 -38.66 14.14 -2.08
CA LEU B 245 -38.22 14.80 -3.30
C LEU B 245 -36.80 15.33 -3.09
N MET B 246 -35.92 15.03 -4.04
CA MET B 246 -34.52 15.42 -3.96
C MET B 246 -34.33 16.81 -4.57
N GLY B 247 -33.60 17.66 -3.86
CA GLY B 247 -33.29 18.99 -4.35
C GLY B 247 -34.30 20.06 -4.04
N PHE B 248 -35.31 19.76 -3.23
CA PHE B 248 -36.34 20.75 -2.89
C PHE B 248 -36.74 20.64 -1.42
N VAL B 252 -32.93 28.22 2.28
CA VAL B 252 -31.69 28.69 2.86
C VAL B 252 -31.65 30.22 2.89
N TYR B 253 -31.87 30.83 1.73
CA TYR B 253 -31.90 32.27 1.59
C TYR B 253 -33.34 32.76 1.52
N ARG B 254 -33.51 34.08 1.59
CA ARG B 254 -34.82 34.68 1.38
C ARG B 254 -35.20 34.57 -0.08
N ALA B 255 -34.46 35.27 -0.94
CA ALA B 255 -34.57 35.06 -2.38
C ALA B 255 -33.87 33.76 -2.76
N GLU B 256 -33.83 33.48 -4.06
CA GLU B 256 -33.25 32.23 -4.54
C GLU B 256 -31.80 32.09 -4.11
N ASP B 257 -31.40 30.87 -3.80
CA ASP B 257 -30.03 30.58 -3.42
C ASP B 257 -29.08 31.03 -4.52
N PRO B 258 -28.18 31.97 -4.26
CA PRO B 258 -27.26 32.41 -5.32
C PRO B 258 -26.41 31.29 -5.88
N ARG B 259 -26.03 30.32 -5.05
CA ARG B 259 -25.31 29.15 -5.56
C ARG B 259 -26.18 28.32 -6.48
N ALA B 260 -27.48 28.29 -6.24
CA ALA B 260 -28.38 27.53 -7.11
C ALA B 260 -28.62 28.24 -8.43
N ARG B 261 -28.47 29.57 -8.47
CA ARG B 261 -28.73 30.30 -9.70
C ARG B 261 -27.53 30.30 -10.63
N VAL B 262 -26.32 30.36 -10.08
CA VAL B 262 -25.13 30.28 -10.93
C VAL B 262 -25.01 28.88 -11.54
N LEU B 263 -25.25 27.84 -10.75
CA LEU B 263 -25.22 26.48 -11.28
C LEU B 263 -26.34 26.27 -12.29
N ARG B 264 -27.50 26.91 -12.08
CA ARG B 264 -28.54 26.91 -13.09
C ARG B 264 -28.09 27.69 -14.32
N ALA B 265 -27.47 28.86 -14.11
CA ALA B 265 -27.01 29.67 -15.23
C ALA B 265 -25.91 28.97 -16.03
N ALA B 266 -25.12 28.12 -15.37
CA ALA B 266 -24.06 27.41 -16.08
C ALA B 266 -24.61 26.28 -16.94
N ALA B 267 -25.77 25.73 -16.57
CA ALA B 267 -26.30 24.58 -17.29
C ALA B 267 -26.77 24.96 -18.69
N GLU B 268 -27.45 26.11 -18.83
CA GLU B 268 -27.97 26.49 -20.14
C GLU B 268 -26.93 27.16 -21.01
N ARG B 269 -25.98 27.90 -20.41
CA ARG B 269 -24.96 28.58 -21.18
C ARG B 269 -23.87 27.63 -21.67
N LEU B 270 -23.84 26.40 -21.17
CA LEU B 270 -22.88 25.39 -21.62
C LEU B 270 -23.54 24.27 -22.39
N GLY B 271 -24.86 24.30 -22.58
CA GLY B 271 -25.54 23.29 -23.34
C GLY B 271 -25.64 21.94 -22.65
N ALA B 272 -25.95 21.94 -21.36
CA ALA B 272 -26.11 20.69 -20.64
C ALA B 272 -27.28 19.91 -21.21
N PRO B 273 -27.07 18.68 -21.69
CA PRO B 273 -28.18 17.91 -22.29
C PRO B 273 -29.33 17.67 -21.33
N ARG B 274 -29.08 17.68 -20.02
CA ARG B 274 -30.13 17.47 -19.03
C ARG B 274 -30.86 18.75 -18.64
N TYR B 275 -30.47 19.89 -19.21
CA TYR B 275 -31.05 21.17 -18.78
C TYR B 275 -32.54 21.24 -19.12
N GLU B 276 -32.91 20.87 -20.35
CA GLU B 276 -34.31 20.92 -20.75
C GLU B 276 -35.18 20.08 -19.82
N VAL B 277 -34.69 18.90 -19.43
CA VAL B 277 -35.44 18.04 -18.53
C VAL B 277 -35.39 18.59 -17.11
N ALA B 278 -34.20 18.98 -16.65
CA ALA B 278 -34.06 19.46 -15.27
C ALA B 278 -34.90 20.70 -15.01
N VAL B 279 -35.08 21.56 -16.02
CA VAL B 279 -35.96 22.71 -15.86
C VAL B 279 -37.40 22.25 -15.70
N ALA B 280 -37.81 21.26 -16.49
CA ALA B 280 -39.20 20.79 -16.43
C ALA B 280 -39.53 20.12 -15.11
N VAL B 281 -38.56 19.48 -14.46
CA VAL B 281 -38.85 18.79 -13.22
C VAL B 281 -38.87 19.75 -12.03
N GLU B 282 -38.13 20.86 -12.10
CA GLU B 282 -38.11 21.77 -10.96
C GLU B 282 -39.35 22.65 -10.92
N GLN B 283 -39.90 23.03 -12.09
CA GLN B 283 -41.18 23.71 -12.10
C GLN B 283 -42.32 22.76 -11.78
N ALA B 284 -42.15 21.47 -12.08
CA ALA B 284 -43.14 20.48 -11.70
C ALA B 284 -43.09 20.20 -10.20
N ALA B 285 -41.88 20.08 -9.64
CA ALA B 285 -41.73 19.84 -8.21
C ALA B 285 -42.22 21.03 -7.40
N LEU B 286 -41.83 22.24 -7.81
CA LEU B 286 -42.22 23.44 -7.06
C LEU B 286 -43.73 23.62 -7.07
N SER B 287 -44.38 23.34 -8.20
CA SER B 287 -45.82 23.56 -8.31
C SER B 287 -46.59 22.52 -7.49
N GLU B 288 -46.20 21.25 -7.59
CA GLU B 288 -46.91 20.21 -6.87
C GLU B 288 -46.75 20.38 -5.36
N LEU B 289 -45.57 20.81 -4.91
CA LEU B 289 -45.40 21.13 -3.50
C LEU B 289 -46.21 22.37 -3.10
N ARG B 290 -46.43 23.28 -4.04
CA ARG B 290 -47.27 24.44 -3.77
C ARG B 290 -48.76 24.08 -3.79
N GLU B 291 -49.14 23.10 -4.61
CA GLU B 291 -50.53 22.66 -4.62
C GLU B 291 -50.90 21.96 -3.31
N ARG B 292 -49.97 21.18 -2.76
CA ARG B 292 -50.23 20.49 -1.51
C ARG B 292 -50.22 21.45 -0.33
N ARG B 293 -49.14 22.22 -0.19
CA ARG B 293 -48.99 23.21 0.87
C ARG B 293 -48.97 24.60 0.25
N PRO B 294 -50.14 25.23 0.06
CA PRO B 294 -50.16 26.53 -0.64
C PRO B 294 -49.51 27.66 0.13
N ASP B 295 -49.22 27.50 1.42
CA ASP B 295 -48.63 28.56 2.22
C ASP B 295 -47.26 28.21 2.76
N ARG B 296 -46.66 27.11 2.31
CA ARG B 296 -45.31 26.72 2.74
C ARG B 296 -44.29 27.29 1.76
N ALA B 297 -43.31 28.01 2.28
CA ALA B 297 -42.27 28.60 1.45
C ALA B 297 -41.25 27.54 1.08
N ILE B 298 -41.21 27.17 -0.19
CA ILE B 298 -40.28 26.17 -0.69
C ILE B 298 -39.27 26.84 -1.62
N GLU B 299 -38.25 26.08 -2.00
CA GLU B 299 -37.19 26.61 -2.85
C GLU B 299 -36.37 25.46 -3.40
N THR B 300 -35.82 25.67 -4.60
CA THR B 300 -34.94 24.69 -5.22
C THR B 300 -33.61 24.67 -4.49
N ASN B 301 -33.32 23.56 -3.81
CA ASN B 301 -32.06 23.44 -3.08
C ASN B 301 -30.89 23.39 -4.06
N VAL B 302 -29.72 23.82 -3.57
CA VAL B 302 -28.55 23.95 -4.43
C VAL B 302 -28.09 22.59 -4.93
N GLU B 303 -28.32 21.52 -4.16
CA GLU B 303 -27.87 20.19 -4.55
C GLU B 303 -28.58 19.68 -5.80
N PHE B 304 -29.74 20.25 -6.13
CA PHE B 304 -30.44 19.85 -7.35
C PHE B 304 -29.62 20.23 -8.58
N TRP B 305 -29.28 21.51 -8.71
CA TRP B 305 -28.47 21.95 -9.84
C TRP B 305 -27.01 21.51 -9.69
N ALA B 306 -26.56 21.30 -8.45
CA ALA B 306 -25.20 20.82 -8.24
C ALA B 306 -25.00 19.44 -8.86
N ALA B 307 -26.02 18.57 -8.75
CA ALA B 307 -25.92 17.27 -9.39
C ALA B 307 -26.03 17.37 -10.90
N VAL B 308 -26.73 18.41 -11.40
CA VAL B 308 -26.85 18.58 -12.84
C VAL B 308 -25.53 19.01 -13.45
N VAL B 309 -24.87 20.01 -12.85
CA VAL B 309 -23.62 20.51 -13.40
C VAL B 309 -22.51 19.48 -13.30
N LEU B 310 -22.52 18.66 -12.25
CA LEU B 310 -21.48 17.65 -12.09
C LEU B 310 -21.71 16.48 -13.03
N ASP B 311 -22.95 15.98 -13.10
CA ASP B 311 -23.27 14.92 -14.05
C ASP B 311 -23.01 15.37 -15.49
N PHE B 312 -23.22 16.65 -15.78
CA PHE B 312 -22.89 17.18 -17.10
C PHE B 312 -21.39 17.07 -17.37
N ALA B 313 -20.57 17.24 -16.34
CA ALA B 313 -19.13 17.11 -16.43
C ALA B 313 -18.64 15.67 -16.22
N ARG B 314 -19.51 14.69 -16.46
CA ARG B 314 -19.15 13.27 -16.38
C ARG B 314 -18.69 12.86 -14.99
N VAL B 315 -19.22 13.50 -13.95
CA VAL B 315 -18.90 13.17 -12.57
C VAL B 315 -19.87 12.08 -12.11
N PRO B 316 -19.40 10.88 -11.79
CA PRO B 316 -20.30 9.83 -11.30
C PRO B 316 -20.88 10.21 -9.94
N ALA B 317 -21.92 9.47 -9.55
CA ALA B 317 -22.58 9.74 -8.28
C ALA B 317 -21.64 9.48 -7.10
N ASN B 318 -20.81 8.44 -7.19
CA ASN B 318 -19.87 8.14 -6.11
C ASN B 318 -18.71 9.13 -6.05
N MET B 319 -18.58 10.02 -7.04
CA MET B 319 -17.53 11.01 -7.08
C MET B 319 -17.97 12.39 -6.62
N MET B 320 -19.27 12.59 -6.39
CA MET B 320 -19.82 13.91 -6.05
C MET B 320 -19.40 14.38 -4.66
N PRO B 321 -19.39 13.53 -3.62
CA PRO B 321 -18.86 14.01 -2.34
C PRO B 321 -17.43 14.50 -2.41
N ALA B 322 -16.58 13.79 -3.15
CA ALA B 322 -15.19 14.24 -3.33
C ALA B 322 -15.13 15.50 -4.17
N MET B 323 -16.03 15.63 -5.16
CA MET B 323 -16.10 16.87 -5.93
C MET B 323 -16.48 18.05 -5.04
N PHE B 324 -17.42 17.83 -4.11
CA PHE B 324 -17.75 18.85 -3.13
C PHE B 324 -16.57 19.12 -2.21
N THR B 325 -15.86 18.07 -1.81
CA THR B 325 -14.68 18.23 -0.97
C THR B 325 -13.62 19.07 -1.67
N CYS B 326 -13.45 18.87 -2.98
CA CYS B 326 -12.46 19.64 -3.73
C CYS B 326 -12.80 21.13 -3.75
N GLY B 327 -14.08 21.47 -3.72
CA GLY B 327 -14.51 22.85 -3.72
C GLY B 327 -14.34 23.52 -2.38
N ARG B 328 -14.93 22.93 -1.34
CA ARG B 328 -14.81 23.46 0.02
C ARG B 328 -13.37 23.49 0.51
N THR B 329 -12.44 22.89 -0.24
CA THR B 329 -11.02 23.00 0.07
C THR B 329 -10.58 24.46 0.18
N ALA B 330 -11.15 25.33 -0.67
CA ALA B 330 -10.83 26.74 -0.61
C ALA B 330 -11.29 27.35 0.72
N GLY B 331 -12.56 27.14 1.08
CA GLY B 331 -13.06 27.66 2.34
C GLY B 331 -12.42 27.01 3.55
N TRP B 332 -12.08 25.71 3.44
CA TRP B 332 -11.41 25.04 4.54
C TRP B 332 -10.08 25.70 4.87
N CYS B 333 -9.18 25.77 3.87
CA CYS B 333 -7.86 26.35 4.09
C CYS B 333 -7.95 27.80 4.57
N ALA B 334 -9.01 28.51 4.18
CA ALA B 334 -9.18 29.89 4.63
C ALA B 334 -9.49 29.94 6.12
N HIS B 335 -10.32 29.02 6.61
CA HIS B 335 -10.68 28.99 8.02
C HIS B 335 -9.61 28.35 8.89
N ILE B 336 -8.74 27.52 8.31
CA ILE B 336 -7.60 27.02 9.08
C ILE B 336 -6.59 28.13 9.31
N LEU B 337 -6.33 28.96 8.28
CA LEU B 337 -5.41 30.07 8.45
C LEU B 337 -5.94 31.12 9.42
N GLU B 338 -7.26 31.29 9.46
CA GLU B 338 -7.85 32.24 10.40
C GLU B 338 -7.74 31.72 11.83
N GLN B 339 -7.87 30.41 12.03
CA GLN B 339 -7.68 29.84 13.35
C GLN B 339 -6.24 29.98 13.82
N LYS B 340 -5.29 29.87 12.88
CA LYS B 340 -3.88 29.98 13.23
C LYS B 340 -3.57 31.35 13.85
N ARG B 341 -4.06 32.42 13.22
CA ARG B 341 -3.82 33.76 13.75
C ARG B 341 -4.68 34.03 14.98
N LEU B 342 -5.85 33.38 15.08
CA LEU B 342 -6.68 33.56 16.27
C LEU B 342 -6.00 32.99 17.51
N GLY B 343 -5.38 31.82 17.38
CA GLY B 343 -4.63 31.22 18.46
C GLY B 343 -5.46 30.89 19.69
N LYS B 344 -6.63 30.29 19.48
CA LYS B 344 -7.54 29.93 20.56
C LYS B 344 -7.94 28.47 20.42
N LEU B 345 -7.72 27.69 21.47
CA LEU B 345 -8.19 26.31 21.47
C LEU B 345 -9.71 26.28 21.68
N VAL B 346 -10.39 25.52 20.83
CA VAL B 346 -11.85 25.49 20.83
C VAL B 346 -12.26 24.29 21.68
N ARG B 347 -12.52 24.54 22.96
CA ARG B 347 -13.05 23.52 23.85
C ARG B 347 -14.40 23.97 24.37
N PRO B 348 -15.48 23.21 24.13
CA PRO B 348 -16.75 23.52 24.77
C PRO B 348 -16.91 22.72 26.06
N SER B 349 -18.06 22.83 26.71
CA SER B 349 -18.31 22.14 27.97
C SER B 349 -19.50 21.22 27.82
N ALA B 350 -19.67 20.35 28.82
CA ALA B 350 -20.80 19.43 28.85
C ALA B 350 -21.23 19.24 30.30
N ILE B 351 -22.52 18.99 30.49
CA ILE B 351 -23.09 18.79 31.81
C ILE B 351 -23.35 17.31 32.03
N TYR B 352 -22.88 16.79 33.15
CA TYR B 352 -23.13 15.40 33.50
C TYR B 352 -24.53 15.26 34.08
N VAL B 353 -25.34 14.39 33.47
CA VAL B 353 -26.69 14.13 33.94
C VAL B 353 -26.86 12.63 34.17
N GLY B 354 -25.75 11.90 34.12
CA GLY B 354 -25.78 10.46 34.25
C GLY B 354 -26.01 10.01 35.68
N PRO B 355 -25.80 8.72 35.94
CA PRO B 355 -26.02 8.20 37.28
C PRO B 355 -24.97 8.70 38.25
N GLY B 356 -25.37 8.78 39.52
CA GLY B 356 -24.48 9.20 40.58
C GLY B 356 -23.43 8.15 40.89
N PRO B 357 -22.64 8.38 41.94
CA PRO B 357 -21.59 7.41 42.29
C PRO B 357 -22.16 6.05 42.62
N ARG B 358 -21.37 5.02 42.33
CA ARG B 358 -21.77 3.64 42.59
C ARG B 358 -20.52 2.77 42.57
N SER B 359 -20.66 1.57 43.14
CA SER B 359 -19.56 0.61 43.22
C SER B 359 -19.51 -0.23 41.94
N PRO B 360 -18.32 -0.76 41.60
CA PRO B 360 -18.23 -1.63 40.42
C PRO B 360 -19.06 -2.89 40.53
N GLU B 361 -19.29 -3.38 41.75
CA GLU B 361 -20.07 -4.59 41.93
C GLU B 361 -21.56 -4.35 41.71
N SER B 362 -22.02 -3.12 41.94
CA SER B 362 -23.42 -2.79 41.72
C SER B 362 -23.76 -2.56 40.26
N VAL B 363 -22.76 -2.53 39.38
CA VAL B 363 -22.99 -2.27 37.97
C VAL B 363 -23.53 -3.52 37.31
N ASP B 364 -24.52 -3.35 36.43
CA ASP B 364 -25.03 -4.46 35.64
C ASP B 364 -23.92 -5.06 34.80
N GLY B 365 -23.78 -6.39 34.87
CA GLY B 365 -22.77 -7.08 34.10
C GLY B 365 -21.45 -7.29 34.80
N TRP B 366 -21.34 -6.97 36.09
CA TRP B 366 -20.12 -7.20 36.84
C TRP B 366 -19.74 -8.66 36.94
N GLU B 367 -20.66 -9.57 36.59
CA GLU B 367 -20.41 -11.00 36.74
C GLU B 367 -19.37 -11.50 35.74
N ARG B 368 -19.30 -10.88 34.55
CA ARG B 368 -18.35 -11.33 33.53
C ARG B 368 -16.92 -10.95 33.87
N VAL B 369 -16.72 -9.94 34.70
CA VAL B 369 -15.38 -9.39 34.93
C VAL B 369 -14.54 -10.39 35.69
N LEU B 370 -13.32 -10.64 35.20
CA LEU B 370 -12.33 -11.47 35.87
C LEU B 370 -11.27 -10.58 36.50
N THR B 371 -11.17 -10.61 37.82
CA THR B 371 -10.19 -9.80 38.52
C THR B 371 -8.95 -10.61 38.88
N PHE C 8 -18.32 39.70 23.26
CA PHE C 8 -18.15 38.40 22.63
C PHE C 8 -16.79 37.80 22.96
N VAL C 9 -16.79 36.52 23.30
CA VAL C 9 -15.56 35.78 23.61
C VAL C 9 -15.47 34.60 22.65
N PRO C 10 -14.41 34.48 21.86
CA PRO C 10 -14.31 33.39 20.90
C PRO C 10 -13.84 32.09 21.54
N GLY C 11 -14.26 30.98 20.92
CA GLY C 11 -13.82 29.66 21.33
C GLY C 11 -14.87 28.81 22.01
N LEU C 12 -16.09 29.32 22.21
CA LEU C 12 -17.17 28.60 22.89
C LEU C 12 -16.78 28.16 24.29
N ASP C 13 -15.85 28.88 24.92
CA ASP C 13 -15.40 28.51 26.25
C ASP C 13 -16.53 28.71 27.25
N GLY C 14 -16.79 27.68 28.07
CA GLY C 14 -17.88 27.71 29.02
C GLY C 14 -19.24 27.43 28.43
N VAL C 15 -19.38 27.44 27.09
CA VAL C 15 -20.66 27.19 26.47
C VAL C 15 -21.00 25.71 26.59
N VAL C 16 -22.23 25.42 27.02
CA VAL C 16 -22.67 24.04 27.17
C VAL C 16 -23.09 23.51 25.81
N ALA C 17 -22.45 22.44 25.37
CA ALA C 17 -22.72 21.84 24.06
C ALA C 17 -23.60 20.60 24.15
N PHE C 18 -23.36 19.73 25.13
CA PHE C 18 -24.13 18.51 25.27
C PHE C 18 -24.39 18.22 26.74
N THR C 19 -25.36 17.36 26.99
CA THR C 19 -25.56 16.71 28.28
C THR C 19 -25.21 15.24 28.12
N THR C 20 -24.33 14.74 28.99
CA THR C 20 -23.77 13.40 28.82
C THR C 20 -23.99 12.57 30.07
N GLU C 21 -24.29 11.30 29.87
CA GLU C 21 -24.36 10.32 30.95
C GLU C 21 -23.13 9.41 30.97
N ILE C 22 -22.10 9.74 30.18
CA ILE C 22 -20.96 8.84 30.04
C ILE C 22 -20.08 8.90 31.28
N ALA C 23 -19.50 10.07 31.55
CA ALA C 23 -18.54 10.19 32.64
C ALA C 23 -18.61 11.60 33.23
N GLU C 24 -18.22 11.71 34.50
CA GLU C 24 -18.20 12.98 35.21
C GLU C 24 -16.80 13.29 35.71
N PRO C 25 -16.07 14.20 35.05
CA PRO C 25 -14.80 14.69 35.61
C PRO C 25 -15.03 15.75 36.69
N ASP C 26 -15.39 15.28 37.88
CA ASP C 26 -15.74 16.16 38.99
C ASP C 26 -14.47 16.81 39.52
N LYS C 27 -14.07 17.91 38.87
CA LYS C 27 -12.88 18.63 39.30
C LYS C 27 -13.08 19.30 40.65
N ASP C 28 -14.31 19.75 40.93
CA ASP C 28 -14.59 20.39 42.22
C ASP C 28 -14.49 19.39 43.36
N GLY C 29 -15.02 18.18 43.16
CA GLY C 29 -14.95 17.11 44.13
C GLY C 29 -13.66 16.32 44.13
N GLY C 30 -12.77 16.56 43.17
CA GLY C 30 -11.50 15.84 43.13
C GLY C 30 -11.63 14.37 42.76
N ALA C 31 -12.54 14.04 41.85
CA ALA C 31 -12.75 12.66 41.45
C ALA C 31 -13.25 12.61 40.02
N LEU C 32 -13.03 11.47 39.37
CA LEU C 32 -13.53 11.21 38.03
C LEU C 32 -14.19 9.84 38.01
N ARG C 33 -15.40 9.78 37.48
CA ARG C 33 -16.20 8.56 37.48
C ARG C 33 -16.59 8.18 36.06
N TYR C 34 -16.58 6.87 35.80
CA TYR C 34 -17.05 6.31 34.53
C TYR C 34 -18.39 5.63 34.79
N ARG C 35 -19.47 6.24 34.30
CA ARG C 35 -20.82 5.74 34.51
C ARG C 35 -21.12 5.55 35.99
N GLY C 36 -20.63 6.49 36.81
CA GLY C 36 -20.81 6.42 38.24
C GLY C 36 -19.74 5.65 38.98
N VAL C 37 -18.87 4.93 38.28
CA VAL C 37 -17.84 4.11 38.90
C VAL C 37 -16.55 4.93 39.00
N ASP C 38 -16.00 5.01 40.20
CA ASP C 38 -14.75 5.74 40.40
C ASP C 38 -13.61 5.03 39.69
N ILE C 39 -12.71 5.83 39.10
CA ILE C 39 -11.56 5.26 38.40
C ILE C 39 -10.62 4.57 39.40
N GLU C 40 -10.55 5.08 40.63
CA GLU C 40 -9.70 4.45 41.64
C GLU C 40 -10.19 3.05 41.96
N ASP C 41 -11.50 2.81 41.86
CA ASP C 41 -12.03 1.47 42.04
C ASP C 41 -11.73 0.59 40.83
N LEU C 42 -11.78 1.15 39.63
CA LEU C 42 -11.52 0.36 38.43
C LEU C 42 -10.05 -0.03 38.33
N VAL C 43 -9.14 0.88 38.69
CA VAL C 43 -7.71 0.61 38.57
C VAL C 43 -7.25 -0.33 39.68
N SER C 44 -7.63 -0.04 40.93
CA SER C 44 -7.16 -0.84 42.06
C SER C 44 -7.72 -2.26 41.99
N GLN C 45 -8.98 -2.41 41.57
CA GLN C 45 -9.54 -3.74 41.35
C GLN C 45 -9.11 -4.33 40.03
N ARG C 46 -8.28 -3.62 39.26
CA ARG C 46 -7.63 -4.15 38.06
C ARG C 46 -8.66 -4.61 37.02
N VAL C 47 -9.59 -3.72 36.70
CA VAL C 47 -10.53 -3.96 35.62
C VAL C 47 -9.84 -3.66 34.30
N THR C 48 -9.80 -4.65 33.41
CA THR C 48 -9.07 -4.52 32.16
C THR C 48 -9.69 -3.44 31.27
N PHE C 49 -8.88 -2.95 30.33
CA PHE C 49 -9.29 -1.80 29.53
C PHE C 49 -10.51 -2.12 28.67
N GLY C 50 -10.56 -3.32 28.08
CA GLY C 50 -11.69 -3.68 27.25
C GLY C 50 -13.00 -3.78 28.01
N ASP C 51 -12.93 -4.19 29.28
CA ASP C 51 -14.13 -4.19 30.11
C ASP C 51 -14.56 -2.76 30.43
N VAL C 52 -13.61 -1.86 30.67
CA VAL C 52 -13.93 -0.46 30.89
C VAL C 52 -14.42 0.18 29.60
N TRP C 53 -13.91 -0.27 28.45
CA TRP C 53 -14.43 0.18 27.16
C TRP C 53 -15.94 -0.04 27.08
N ALA C 54 -16.39 -1.23 27.45
CA ALA C 54 -17.81 -1.53 27.41
C ALA C 54 -18.59 -0.69 28.40
N LEU C 55 -18.04 -0.47 29.59
CA LEU C 55 -18.72 0.32 30.61
C LEU C 55 -19.00 1.73 30.12
N LEU C 56 -17.98 2.38 29.56
CA LEU C 56 -18.18 3.73 29.04
C LEU C 56 -19.18 3.73 27.88
N VAL C 57 -19.07 2.76 26.97
CA VAL C 57 -19.92 2.74 25.79
C VAL C 57 -21.34 2.30 26.15
N ASP C 58 -21.47 1.14 26.82
CA ASP C 58 -22.77 0.55 27.06
C ASP C 58 -23.43 0.99 28.36
N GLY C 59 -22.73 1.77 29.19
CA GLY C 59 -23.26 2.12 30.48
C GLY C 59 -23.23 1.00 31.51
N ASN C 60 -22.72 -0.18 31.15
CA ASN C 60 -22.63 -1.32 32.04
C ASN C 60 -21.70 -2.34 31.38
N PHE C 61 -21.28 -3.33 32.17
CA PHE C 61 -20.30 -4.31 31.70
C PHE C 61 -20.96 -5.38 30.84
N GLY C 62 -20.44 -6.60 30.90
CA GLY C 62 -21.07 -7.74 30.26
C GLY C 62 -20.86 -7.85 28.76
N SER C 63 -20.14 -6.93 28.13
CA SER C 63 -19.92 -6.97 26.70
C SER C 63 -18.53 -6.42 26.38
N GLY C 64 -17.50 -7.11 26.85
CA GLY C 64 -16.14 -6.62 26.73
C GLY C 64 -15.71 -6.42 25.29
N LEU C 65 -14.68 -5.61 25.12
CA LEU C 65 -14.15 -5.33 23.79
C LEU C 65 -13.59 -6.60 23.19
N PRO C 66 -13.97 -6.95 21.97
CA PRO C 66 -13.54 -8.22 21.37
C PRO C 66 -12.10 -8.14 20.91
N PRO C 67 -11.43 -9.28 20.71
CA PRO C 67 -10.09 -9.26 20.13
C PRO C 67 -10.14 -8.78 18.68
N ALA C 68 -9.00 -8.25 18.22
CA ALA C 68 -8.91 -7.73 16.87
C ALA C 68 -8.69 -8.86 15.88
N GLU C 69 -9.28 -8.70 14.69
CA GLU C 69 -9.09 -9.67 13.62
C GLU C 69 -7.74 -9.45 12.94
N PRO C 70 -7.15 -10.49 12.35
CA PRO C 70 -5.89 -10.31 11.62
C PRO C 70 -6.05 -9.32 10.47
N PHE C 71 -5.21 -8.30 10.46
CA PHE C 71 -5.28 -7.22 9.49
C PHE C 71 -3.94 -6.48 9.47
N PRO C 72 -3.04 -6.86 8.57
CA PRO C 72 -1.77 -6.12 8.46
C PRO C 72 -2.00 -4.66 8.09
N LEU C 73 -1.36 -3.77 8.83
CA LEU C 73 -1.56 -2.35 8.67
C LEU C 73 -1.12 -1.89 7.28
N PRO C 74 -2.00 -1.25 6.50
CA PRO C 74 -1.63 -0.82 5.15
C PRO C 74 -0.87 0.49 5.09
N ILE C 75 -0.80 1.25 6.18
CA ILE C 75 -0.18 2.57 6.19
C ILE C 75 1.13 2.50 6.96
N HIS C 76 2.22 2.98 6.34
CA HIS C 76 3.55 3.01 6.97
C HIS C 76 4.19 4.36 6.58
N SER C 77 3.79 5.41 7.28
CA SER C 77 4.23 6.77 6.98
C SER C 77 5.34 7.26 7.90
N GLY C 78 5.74 6.46 8.89
CA GLY C 78 6.71 6.90 9.87
C GLY C 78 6.11 7.65 11.04
N ASP C 79 4.78 7.80 11.08
CA ASP C 79 4.09 8.46 12.17
C ASP C 79 2.95 7.56 12.62
N VAL C 80 3.01 7.11 13.87
CA VAL C 80 1.99 6.18 14.38
C VAL C 80 0.61 6.83 14.32
N ARG C 81 0.54 8.13 14.59
CA ARG C 81 -0.74 8.82 14.53
C ARG C 81 -1.29 8.86 13.11
N VAL C 82 -0.43 9.13 12.13
CA VAL C 82 -0.87 9.19 10.74
C VAL C 82 -1.31 7.82 10.27
N ASP C 83 -0.57 6.78 10.65
CA ASP C 83 -0.92 5.42 10.27
C ASP C 83 -2.29 5.03 10.80
N VAL C 84 -2.56 5.35 12.07
CA VAL C 84 -3.84 4.96 12.66
C VAL C 84 -4.95 5.88 12.16
N GLN C 85 -4.63 7.15 11.86
CA GLN C 85 -5.63 8.07 11.32
C GLN C 85 -6.03 7.67 9.91
N ALA C 86 -5.05 7.42 9.05
CA ALA C 86 -5.35 7.04 7.67
C ALA C 86 -5.97 5.66 7.59
N GLY C 87 -5.44 4.71 8.38
CA GLY C 87 -5.92 3.34 8.30
C GLY C 87 -7.37 3.19 8.75
N LEU C 88 -7.74 3.87 9.83
CA LEU C 88 -9.10 3.75 10.34
C LEU C 88 -10.12 4.31 9.36
N ALA C 89 -9.78 5.40 8.67
CA ALA C 89 -10.66 5.93 7.65
C ALA C 89 -10.88 4.94 6.52
N MET C 90 -9.87 4.11 6.22
CA MET C 90 -9.98 3.11 5.17
C MET C 90 -10.74 1.87 5.60
N LEU C 91 -11.14 1.77 6.87
CA LEU C 91 -11.90 0.61 7.30
C LEU C 91 -13.31 0.60 6.73
N ALA C 92 -13.88 1.79 6.46
CA ALA C 92 -15.27 1.88 6.05
C ALA C 92 -15.55 1.16 4.73
N PRO C 93 -14.81 1.40 3.63
CA PRO C 93 -15.18 0.71 2.38
C PRO C 93 -14.87 -0.78 2.39
N ILE C 94 -13.77 -1.20 3.04
CA ILE C 94 -13.42 -2.61 3.02
C ILE C 94 -14.32 -3.41 3.96
N TRP C 95 -14.87 -2.78 4.98
CA TRP C 95 -15.76 -3.45 5.93
C TRP C 95 -17.23 -3.10 5.71
N GLY C 96 -17.53 -2.24 4.73
CA GLY C 96 -18.90 -1.88 4.43
C GLY C 96 -19.57 -1.10 5.55
N TYR C 97 -18.91 -0.06 6.04
CA TYR C 97 -19.45 0.77 7.11
C TYR C 97 -20.43 1.77 6.52
N ALA C 98 -21.73 1.54 6.74
CA ALA C 98 -22.74 2.49 6.31
C ALA C 98 -22.67 3.75 7.18
N PRO C 99 -23.22 4.86 6.69
CA PRO C 99 -23.27 6.07 7.52
C PRO C 99 -24.01 5.82 8.82
N LEU C 100 -23.66 6.62 9.85
CA LEU C 100 -24.30 6.46 11.15
C LEU C 100 -25.80 6.69 11.07
N LEU C 101 -26.24 7.50 10.11
CA LEU C 101 -27.68 7.75 9.94
C LEU C 101 -28.42 6.47 9.59
N ASP C 102 -27.82 5.61 8.77
CA ASP C 102 -28.52 4.49 8.17
C ASP C 102 -28.48 3.23 9.03
N ILE C 103 -27.64 3.18 10.05
CA ILE C 103 -27.52 1.99 10.89
C ILE C 103 -28.20 2.25 12.23
N ASP C 104 -28.53 1.16 12.92
CA ASP C 104 -29.15 1.25 14.23
C ASP C 104 -28.05 1.30 15.31
N ASP C 105 -28.49 1.32 16.58
CA ASP C 105 -27.54 1.47 17.67
C ASP C 105 -26.68 0.22 17.84
N ALA C 106 -27.27 -0.96 17.68
CA ALA C 106 -26.51 -2.19 17.88
C ALA C 106 -25.42 -2.36 16.83
N THR C 107 -25.70 -1.97 15.58
CA THR C 107 -24.67 -2.03 14.54
C THR C 107 -23.56 -1.02 14.80
N ALA C 108 -23.93 0.20 15.20
CA ALA C 108 -22.92 1.21 15.52
C ALA C 108 -22.01 0.73 16.65
N ARG C 109 -22.60 0.23 17.74
CA ARG C 109 -21.80 -0.30 18.84
C ARG C 109 -20.87 -1.40 18.36
N GLN C 110 -21.37 -2.32 17.53
CA GLN C 110 -20.52 -3.36 16.97
C GLN C 110 -19.46 -2.78 16.05
N GLN C 111 -19.82 -1.75 15.29
CA GLN C 111 -18.85 -1.12 14.39
C GLN C 111 -17.81 -0.31 15.16
N LEU C 112 -18.24 0.39 16.21
CA LEU C 112 -17.28 1.10 17.05
C LEU C 112 -16.31 0.13 17.71
N ALA C 113 -16.82 -0.98 18.25
CA ALA C 113 -15.96 -1.93 18.95
C ALA C 113 -14.97 -2.59 17.99
N ARG C 114 -15.41 -2.92 16.78
CA ARG C 114 -14.53 -3.56 15.81
C ARG C 114 -13.41 -2.62 15.37
N ALA C 115 -13.78 -1.38 15.02
CA ALA C 115 -12.78 -0.42 14.56
C ALA C 115 -11.88 0.05 15.71
N SER C 116 -12.40 0.08 16.93
CA SER C 116 -11.60 0.53 18.07
C SER C 116 -10.44 -0.42 18.33
N VAL C 117 -10.73 -1.73 18.43
CA VAL C 117 -9.68 -2.71 18.67
C VAL C 117 -8.73 -2.81 17.48
N MET C 118 -9.18 -2.44 16.28
CA MET C 118 -8.27 -2.37 15.14
C MET C 118 -7.33 -1.18 15.26
N ALA C 119 -7.80 -0.07 15.83
CA ALA C 119 -6.91 1.05 16.11
C ALA C 119 -5.82 0.65 17.09
N LEU C 120 -6.16 -0.22 18.05
CA LEU C 120 -5.15 -0.76 18.95
C LEU C 120 -4.17 -1.65 18.21
N SER C 121 -4.68 -2.52 17.33
CA SER C 121 -3.80 -3.40 16.56
C SER C 121 -2.91 -2.61 15.60
N TYR C 122 -3.46 -1.56 14.99
CA TYR C 122 -2.67 -0.76 14.06
C TYR C 122 -1.52 -0.05 14.78
N VAL C 123 -1.78 0.43 15.99
CA VAL C 123 -0.74 1.13 16.75
C VAL C 123 0.39 0.18 17.11
N ALA C 124 0.04 -1.02 17.58
CA ALA C 124 1.07 -2.01 17.91
C ALA C 124 1.91 -2.38 16.69
N GLN C 125 1.27 -2.53 15.54
CA GLN C 125 2.00 -2.85 14.32
C GLN C 125 2.90 -1.70 13.89
N SER C 126 2.37 -0.47 13.89
CA SER C 126 3.16 0.68 13.50
C SER C 126 4.33 0.90 14.45
N ALA C 127 4.10 0.72 15.76
CA ALA C 127 5.19 0.85 16.72
C ALA C 127 6.25 -0.22 16.51
N ARG C 128 5.83 -1.46 16.25
CA ARG C 128 6.78 -2.54 16.00
C ARG C 128 7.62 -2.25 14.77
N GLY C 129 7.01 -1.71 13.72
CA GLY C 129 7.73 -1.29 12.55
C GLY C 129 7.75 -2.33 11.45
N ILE C 130 8.00 -1.86 10.22
CA ILE C 130 8.08 -2.75 9.07
C ILE C 130 9.39 -3.48 8.97
N TYR C 131 10.41 -3.05 9.71
CA TYR C 131 11.76 -3.59 9.59
C TYR C 131 11.99 -4.82 10.47
N GLN C 132 10.92 -5.47 10.92
CA GLN C 132 11.01 -6.76 11.59
C GLN C 132 9.70 -7.50 11.37
N PRO C 133 9.74 -8.82 11.26
CA PRO C 133 8.51 -9.57 10.96
C PRO C 133 7.47 -9.41 12.05
N ALA C 134 6.21 -9.58 11.67
CA ALA C 134 5.10 -9.43 12.59
C ALA C 134 5.07 -10.58 13.58
N VAL C 135 4.30 -10.39 14.65
CA VAL C 135 4.08 -11.47 15.62
C VAL C 135 2.93 -12.35 15.12
N PRO C 136 3.11 -13.67 15.08
CA PRO C 136 2.04 -14.54 14.58
C PRO C 136 0.77 -14.40 15.40
N GLN C 137 -0.37 -14.55 14.71
CA GLN C 137 -1.67 -14.43 15.37
C GLN C 137 -1.85 -15.48 16.46
N ARG C 138 -1.15 -16.61 16.34
CA ARG C 138 -1.27 -17.68 17.31
C ARG C 138 -0.80 -17.22 18.69
N ILE C 139 0.37 -16.59 18.75
CA ILE C 139 0.89 -16.10 20.02
C ILE C 139 -0.02 -15.02 20.59
N ILE C 140 -0.58 -14.17 19.71
CA ILE C 140 -1.52 -13.16 20.16
C ILE C 140 -2.80 -13.81 20.68
N ASP C 141 -3.26 -14.89 20.02
CA ASP C 141 -4.47 -15.58 20.44
C ASP C 141 -4.32 -16.25 21.80
N GLU C 142 -3.08 -16.48 22.25
CA GLU C 142 -2.86 -17.09 23.56
C GLU C 142 -3.15 -16.14 24.71
N CYS C 143 -3.30 -14.84 24.45
CA CYS C 143 -3.53 -13.88 25.51
C CYS C 143 -4.99 -13.90 25.95
N SER C 144 -5.21 -13.46 27.20
CA SER C 144 -6.54 -13.45 27.78
C SER C 144 -7.24 -12.10 27.67
N THR C 145 -6.49 -11.01 27.46
CA THR C 145 -7.06 -9.67 27.39
C THR C 145 -6.57 -8.96 26.13
N VAL C 146 -7.33 -7.93 25.74
CA VAL C 146 -6.94 -7.12 24.60
C VAL C 146 -5.64 -6.36 24.89
N THR C 147 -5.50 -5.85 26.12
CA THR C 147 -4.25 -5.18 26.50
C THR C 147 -3.07 -6.13 26.39
N ALA C 148 -3.25 -7.39 26.78
CA ALA C 148 -2.20 -8.38 26.60
C ALA C 148 -1.96 -8.67 25.13
N ARG C 149 -3.02 -8.71 24.33
CA ARG C 149 -2.87 -8.92 22.89
C ARG C 149 -2.14 -7.75 22.24
N PHE C 150 -2.40 -6.53 22.71
CA PHE C 150 -1.71 -5.37 22.19
C PHE C 150 -0.21 -5.43 22.47
N MET C 151 0.16 -5.75 23.71
CA MET C 151 1.57 -5.83 24.07
C MET C 151 2.25 -7.01 23.38
N THR C 152 1.52 -8.11 23.20
CA THR C 152 2.09 -9.26 22.50
C THR C 152 2.26 -8.97 21.02
N ARG C 153 1.27 -8.32 20.40
CA ARG C 153 1.37 -7.96 19.00
C ARG C 153 2.49 -6.95 18.75
N TRP C 154 2.82 -6.15 19.77
CA TRP C 154 3.85 -5.13 19.61
C TRP C 154 5.24 -5.64 20.02
N GLN C 155 5.34 -6.29 21.19
CA GLN C 155 6.64 -6.68 21.73
C GLN C 155 6.97 -8.15 21.52
N GLY C 156 5.99 -8.98 21.19
CA GLY C 156 6.25 -10.41 21.02
C GLY C 156 6.21 -11.17 22.32
N GLU C 157 7.14 -10.86 23.22
CA GLU C 157 7.22 -11.48 24.55
C GLU C 157 7.13 -10.36 25.59
N PRO C 158 5.92 -9.86 25.84
CA PRO C 158 5.79 -8.73 26.78
C PRO C 158 5.87 -9.17 28.23
N ASP C 159 6.53 -8.36 29.03
CA ASP C 159 6.62 -8.62 30.45
C ASP C 159 5.24 -8.52 31.08
N PRO C 160 4.87 -9.45 31.97
CA PRO C 160 3.51 -9.38 32.57
C PRO C 160 3.28 -8.12 33.38
N ARG C 161 4.29 -7.64 34.09
CA ARG C 161 4.15 -6.39 34.84
C ARG C 161 3.91 -5.21 33.91
N HIS C 162 4.47 -5.26 32.70
CA HIS C 162 4.27 -4.17 31.75
C HIS C 162 2.85 -4.16 31.22
N ILE C 163 2.21 -5.33 31.10
CA ILE C 163 0.81 -5.36 30.68
C ILE C 163 -0.08 -4.71 31.74
N GLU C 164 0.24 -4.94 33.01
CA GLU C 164 -0.55 -4.34 34.08
C GLU C 164 -0.42 -2.82 34.09
N ALA C 165 0.76 -2.31 33.74
CA ALA C 165 0.97 -0.87 33.70
C ALA C 165 0.13 -0.22 32.61
N ILE C 166 0.11 -0.82 31.41
CA ILE C 166 -0.69 -0.27 30.33
C ILE C 166 -2.18 -0.36 30.66
N ASP C 167 -2.59 -1.46 31.30
CA ASP C 167 -4.00 -1.61 31.64
C ASP C 167 -4.44 -0.54 32.63
N ALA C 168 -3.57 -0.19 33.58
CA ALA C 168 -3.90 0.88 34.51
C ALA C 168 -3.87 2.25 33.84
N TYR C 169 -2.98 2.43 32.86
CA TYR C 169 -2.88 3.73 32.18
C TYR C 169 -4.05 3.94 31.24
N TRP C 170 -4.51 2.88 30.57
CA TRP C 170 -5.54 3.03 29.56
C TRP C 170 -6.90 3.32 30.18
N VAL C 171 -7.24 2.66 31.28
CA VAL C 171 -8.49 2.96 31.97
C VAL C 171 -8.45 4.37 32.54
N SER C 172 -7.29 4.79 33.04
CA SER C 172 -7.17 6.13 33.60
C SER C 172 -7.29 7.21 32.53
N ALA C 173 -6.84 6.92 31.30
CA ALA C 173 -6.93 7.85 30.20
C ALA C 173 -8.10 7.55 29.27
N ALA C 174 -9.06 6.72 29.71
CA ALA C 174 -10.10 6.24 28.82
C ALA C 174 -11.06 7.35 28.40
N GLU C 175 -11.39 8.25 29.33
CA GLU C 175 -12.38 9.30 29.04
C GLU C 175 -12.22 10.42 30.05
N HIS C 176 -12.37 11.66 29.58
CA HIS C 176 -12.24 12.82 30.46
C HIS C 176 -13.12 13.96 29.95
N GLY C 177 -14.40 13.69 29.74
CA GLY C 177 -15.34 14.77 29.44
C GLY C 177 -15.12 15.36 28.06
N MET C 178 -15.32 16.68 27.96
CA MET C 178 -15.24 17.39 26.70
C MET C 178 -13.82 17.91 26.48
N ASN C 179 -13.20 17.48 25.39
CA ASN C 179 -11.91 18.01 24.95
C ASN C 179 -11.98 18.20 23.45
N ALA C 180 -10.84 18.54 22.84
CA ALA C 180 -10.83 18.86 21.43
C ALA C 180 -11.09 17.62 20.57
N SER C 181 -10.46 16.50 20.91
CA SER C 181 -10.63 15.29 20.11
C SER C 181 -11.99 14.66 20.33
N THR C 182 -12.46 14.65 21.59
CA THR C 182 -13.80 14.14 21.86
C THR C 182 -14.87 15.00 21.19
N PHE C 183 -14.64 16.31 21.14
CA PHE C 183 -15.57 17.19 20.44
C PHE C 183 -15.57 16.94 18.93
N THR C 184 -14.39 16.65 18.37
CA THR C 184 -14.29 16.41 16.93
C THR C 184 -15.05 15.15 16.53
N ALA C 185 -14.97 14.11 17.34
CA ALA C 185 -15.68 12.87 17.03
C ALA C 185 -17.20 13.08 17.07
N ARG C 186 -17.67 13.91 17.99
CA ARG C 186 -19.10 14.16 18.10
C ARG C 186 -19.61 14.98 16.92
N VAL C 187 -18.81 15.94 16.45
CA VAL C 187 -19.23 16.77 15.31
C VAL C 187 -19.38 15.92 14.06
N ILE C 188 -18.39 15.06 13.79
CA ILE C 188 -18.47 14.20 12.60
C ILE C 188 -19.61 13.20 12.74
N ALA C 189 -19.79 12.65 13.95
CA ALA C 189 -20.91 11.73 14.17
C ALA C 189 -22.24 12.45 14.08
N SER C 190 -22.28 13.75 14.40
CA SER C 190 -23.52 14.52 14.26
C SER C 190 -23.94 14.70 12.81
N THR C 191 -22.99 14.58 11.87
CA THR C 191 -23.32 14.64 10.46
C THR C 191 -23.85 13.32 9.92
N GLY C 192 -23.86 12.26 10.73
CA GLY C 192 -24.29 10.96 10.27
C GLY C 192 -23.24 10.17 9.54
N ALA C 193 -22.01 10.66 9.46
CA ALA C 193 -20.94 9.96 8.76
C ALA C 193 -20.65 8.62 9.42
N ASP C 194 -19.94 7.76 8.69
CA ASP C 194 -19.59 6.45 9.23
C ASP C 194 -18.66 6.61 10.42
N VAL C 195 -18.69 5.61 11.30
CA VAL C 195 -17.95 5.70 12.56
C VAL C 195 -16.45 5.70 12.35
N ALA C 196 -15.98 5.18 11.20
CA ALA C 196 -14.54 5.21 10.92
C ALA C 196 -14.06 6.63 10.65
N ALA C 197 -14.87 7.43 9.96
CA ALA C 197 -14.50 8.82 9.71
C ALA C 197 -14.51 9.63 11.00
N ALA C 198 -15.43 9.32 11.91
CA ALA C 198 -15.47 10.02 13.19
C ALA C 198 -14.25 9.70 14.03
N LEU C 199 -13.90 8.42 14.12
CA LEU C 199 -12.70 8.03 14.88
C LEU C 199 -11.45 8.60 14.24
N SER C 200 -11.36 8.56 12.91
CA SER C 200 -10.19 9.09 12.23
C SER C 200 -10.08 10.60 12.42
N GLY C 201 -11.22 11.30 12.46
CA GLY C 201 -11.18 12.73 12.69
C GLY C 201 -10.71 13.09 14.08
N ALA C 202 -11.17 12.34 15.09
CA ALA C 202 -10.75 12.62 16.46
C ALA C 202 -9.25 12.43 16.65
N ILE C 203 -8.65 11.51 15.88
CA ILE C 203 -7.22 11.28 15.97
C ILE C 203 -6.46 12.51 15.48
N GLY C 204 -6.98 13.17 14.43
CA GLY C 204 -6.33 14.38 13.94
C GLY C 204 -6.34 15.50 14.96
N ALA C 205 -7.45 15.66 15.69
CA ALA C 205 -7.49 16.66 16.74
C ALA C 205 -6.59 16.28 17.91
N MET C 206 -6.49 14.97 18.19
CA MET C 206 -5.61 14.50 19.26
C MET C 206 -4.15 14.82 18.97
N SER C 207 -3.77 14.87 17.70
CA SER C 207 -2.37 15.07 17.33
C SER C 207 -1.88 16.48 17.66
N GLY C 208 -2.78 17.44 17.81
CA GLY C 208 -2.40 18.80 18.11
C GLY C 208 -1.70 18.93 19.44
N PRO C 209 -0.61 19.69 19.47
CA PRO C 209 0.10 19.88 20.74
C PRO C 209 -0.71 20.61 21.80
N LEU C 210 -1.65 21.45 21.40
CA LEU C 210 -2.49 22.18 22.34
C LEU C 210 -3.67 21.37 22.84
N HIS C 211 -3.81 20.10 22.40
CA HIS C 211 -4.93 19.30 22.88
C HIS C 211 -4.79 18.97 24.36
N GLY C 212 -3.56 18.71 24.80
CA GLY C 212 -3.32 18.33 26.17
C GLY C 212 -3.66 16.87 26.44
N GLY C 213 -3.08 16.34 27.51
CA GLY C 213 -3.31 14.98 27.93
C GLY C 213 -2.18 14.03 27.60
N ALA C 214 -1.36 14.33 26.59
CA ALA C 214 -0.28 13.45 26.22
C ALA C 214 0.81 13.49 27.29
N PRO C 215 1.42 12.34 27.61
CA PRO C 215 2.42 12.29 28.68
C PRO C 215 3.53 13.31 28.46
N ALA C 216 3.94 13.96 29.55
CA ALA C 216 4.94 15.02 29.46
C ALA C 216 6.32 14.46 29.19
N ARG C 217 7.17 15.27 28.57
CA ARG C 217 8.53 14.88 28.23
C ARG C 217 9.45 15.06 29.45
N VAL C 218 9.11 14.32 30.52
CA VAL C 218 9.87 14.38 31.76
C VAL C 218 11.04 13.40 31.77
N LEU C 219 11.20 12.59 30.74
CA LEU C 219 12.29 11.62 30.71
C LEU C 219 13.67 12.25 30.74
N PRO C 220 13.96 13.36 30.04
CA PRO C 220 15.32 13.94 30.15
C PRO C 220 15.69 14.35 31.56
N MET C 221 14.81 15.08 32.26
CA MET C 221 15.15 15.52 33.61
C MET C 221 15.07 14.38 34.62
N LEU C 222 14.16 13.43 34.42
CA LEU C 222 14.16 12.23 35.27
C LEU C 222 15.39 11.38 35.05
N ASP C 223 16.07 11.55 33.91
CA ASP C 223 17.32 10.85 33.66
C ASP C 223 18.49 11.52 34.37
N GLU C 224 18.50 12.86 34.39
CA GLU C 224 19.63 13.59 34.97
C GLU C 224 19.63 13.55 36.49
N VAL C 225 18.50 13.27 37.12
CA VAL C 225 18.44 13.21 38.57
C VAL C 225 19.11 11.93 39.07
N ASP C 230 20.86 15.32 43.03
CA ASP C 230 19.77 15.67 43.92
C ASP C 230 18.58 16.21 43.12
N ALA C 231 17.40 15.65 43.38
CA ALA C 231 16.19 16.13 42.70
C ALA C 231 16.01 17.62 42.89
N ARG C 232 16.07 18.08 44.15
CA ARG C 232 15.92 19.51 44.45
C ARG C 232 16.89 20.35 43.65
N SER C 233 18.15 19.93 43.57
CA SER C 233 19.14 20.71 42.83
C SER C 233 18.82 20.73 41.35
N VAL C 234 18.29 19.64 40.81
CA VAL C 234 17.97 19.57 39.39
C VAL C 234 16.77 20.47 39.09
N VAL C 235 15.68 20.34 39.86
CA VAL C 235 14.51 21.16 39.61
C VAL C 235 14.82 22.63 39.88
N LYS C 236 15.65 22.91 40.89
CA LYS C 236 16.13 24.26 41.10
C LYS C 236 16.91 24.75 39.88
N GLY C 237 17.88 23.95 39.43
CA GLY C 237 18.67 24.33 38.27
C GLY C 237 17.83 24.70 37.07
N ILE C 238 16.75 23.94 36.84
CA ILE C 238 15.85 24.26 35.72
C ILE C 238 15.08 25.54 36.00
N LEU C 239 14.55 25.70 37.23
CA LEU C 239 13.81 26.90 37.56
C LEU C 239 14.70 28.13 37.76
N ASP C 240 16.00 27.92 37.95
CA ASP C 240 16.95 29.02 38.05
C ASP C 240 17.68 29.23 36.71
N LEU C 245 9.80 23.40 33.84
CA LEU C 245 9.43 22.16 34.50
C LEU C 245 8.30 21.45 33.74
N MET C 246 8.50 20.17 33.46
CA MET C 246 7.53 19.36 32.73
C MET C 246 6.75 18.49 33.69
N GLY C 247 5.45 18.36 33.44
CA GLY C 247 4.59 17.57 34.30
C GLY C 247 4.10 18.28 35.54
N PHE C 248 4.35 19.58 35.67
CA PHE C 248 3.93 20.33 36.85
C PHE C 248 3.48 21.72 36.40
N GLY C 249 2.27 22.10 36.81
CA GLY C 249 1.73 23.40 36.46
C GLY C 249 0.47 23.74 37.20
N HIS C 250 -0.43 24.48 36.54
CA HIS C 250 -1.69 24.86 37.16
C HIS C 250 -2.51 23.63 37.50
N ARG C 251 -3.35 23.75 38.53
CA ARG C 251 -4.14 22.62 38.98
C ARG C 251 -5.25 22.30 37.97
N VAL C 252 -5.56 21.01 37.88
CA VAL C 252 -6.61 20.54 37.00
C VAL C 252 -7.85 20.27 37.84
N TYR C 253 -7.74 19.32 38.77
CA TYR C 253 -8.76 19.12 39.78
C TYR C 253 -8.52 20.11 40.93
N ARG C 254 -9.44 20.11 41.91
CA ARG C 254 -9.30 21.03 43.03
C ARG C 254 -8.02 20.77 43.80
N ALA C 255 -7.60 19.51 43.90
CA ALA C 255 -6.34 19.17 44.56
C ALA C 255 -5.54 18.22 43.68
N GLU C 256 -5.25 17.03 44.18
CA GLU C 256 -4.47 16.05 43.43
C GLU C 256 -5.35 15.38 42.37
N ASP C 257 -4.80 15.23 41.17
CA ASP C 257 -5.50 14.54 40.10
C ASP C 257 -5.72 13.08 40.50
N PRO C 258 -6.97 12.60 40.54
CA PRO C 258 -7.18 11.20 40.90
C PRO C 258 -6.56 10.22 39.93
N ARG C 259 -6.38 10.61 38.67
CA ARG C 259 -5.68 9.76 37.71
C ARG C 259 -4.18 9.76 37.97
N ALA C 260 -3.63 10.88 38.44
CA ALA C 260 -2.22 10.91 38.80
C ALA C 260 -1.93 10.06 40.03
N ARG C 261 -2.90 9.92 40.93
CA ARG C 261 -2.69 9.11 42.13
C ARG C 261 -2.66 7.63 41.79
N VAL C 262 -3.59 7.16 40.95
CA VAL C 262 -3.63 5.74 40.62
C VAL C 262 -2.45 5.34 39.75
N LEU C 263 -1.93 6.27 38.94
CA LEU C 263 -0.75 5.95 38.14
C LEU C 263 0.49 5.85 39.00
N ARG C 264 0.65 6.75 39.97
CA ARG C 264 1.76 6.64 40.92
C ARG C 264 1.65 5.36 41.74
N ALA C 265 0.44 5.00 42.16
CA ALA C 265 0.26 3.76 42.90
C ALA C 265 0.58 2.54 42.04
N ALA C 266 0.31 2.62 40.73
CA ALA C 266 0.66 1.52 39.85
C ALA C 266 2.16 1.40 39.67
N ALA C 267 2.86 2.54 39.60
CA ALA C 267 4.31 2.50 39.48
C ALA C 267 4.98 1.95 40.74
N GLU C 268 4.36 2.17 41.90
CA GLU C 268 4.90 1.61 43.14
C GLU C 268 4.58 0.13 43.28
N ARG C 269 3.34 -0.26 42.99
CA ARG C 269 2.93 -1.65 43.16
C ARG C 269 3.65 -2.57 42.17
N LEU C 270 3.86 -2.10 40.94
CA LEU C 270 4.50 -2.90 39.91
C LEU C 270 6.03 -2.80 39.97
N GLY C 271 6.58 -2.01 40.87
CA GLY C 271 8.01 -1.92 41.03
C GLY C 271 8.74 -1.33 39.85
N ALA C 272 8.28 -0.17 39.37
CA ALA C 272 8.97 0.50 38.29
C ALA C 272 10.34 0.98 38.75
N PRO C 273 11.40 0.74 37.98
CA PRO C 273 12.74 1.17 38.44
C PRO C 273 12.87 2.67 38.62
N ARG C 274 12.08 3.46 37.91
CA ARG C 274 12.17 4.90 37.96
C ARG C 274 11.23 5.51 39.00
N TYR C 275 10.53 4.69 39.78
CA TYR C 275 9.54 5.22 40.72
C TYR C 275 10.21 6.05 41.82
N GLU C 276 11.25 5.51 42.45
CA GLU C 276 11.91 6.21 43.55
C GLU C 276 12.46 7.54 43.10
N VAL C 277 12.99 7.61 41.88
CA VAL C 277 13.46 8.88 41.34
C VAL C 277 12.27 9.78 40.99
N ALA C 278 11.15 9.18 40.59
CA ALA C 278 9.99 9.98 40.19
C ALA C 278 9.33 10.66 41.38
N VAL C 279 9.22 9.96 42.50
CA VAL C 279 8.62 10.59 43.69
C VAL C 279 9.53 11.68 44.22
N ALA C 280 10.85 11.50 44.12
CA ALA C 280 11.78 12.53 44.57
C ALA C 280 11.68 13.78 43.70
N VAL C 281 11.44 13.60 42.40
CA VAL C 281 11.21 14.76 41.53
C VAL C 281 9.86 15.39 41.85
N GLU C 282 8.86 14.58 42.16
CA GLU C 282 7.52 15.11 42.43
C GLU C 282 7.51 15.99 43.69
N GLN C 283 8.11 15.50 44.78
CA GLN C 283 8.13 16.29 46.01
C GLN C 283 8.96 17.56 45.84
N ALA C 284 10.10 17.46 45.14
CA ALA C 284 10.96 18.62 44.98
C ALA C 284 10.35 19.64 44.02
N ALA C 285 9.71 19.17 42.95
CA ALA C 285 9.10 20.09 42.00
C ALA C 285 7.92 20.82 42.62
N LEU C 286 7.07 20.10 43.36
CA LEU C 286 5.94 20.75 44.03
C LEU C 286 6.43 21.68 45.12
N SER C 287 7.51 21.33 45.81
CA SER C 287 8.02 22.17 46.89
C SER C 287 8.84 23.34 46.37
N GLU C 288 9.41 23.24 45.17
CA GLU C 288 10.15 24.38 44.64
C GLU C 288 9.27 25.36 43.89
N LEU C 289 8.16 24.88 43.32
CA LEU C 289 7.25 25.76 42.60
C LEU C 289 6.27 26.45 43.54
N ARG C 290 5.79 25.74 44.56
CA ARG C 290 4.85 26.33 45.50
C ARG C 290 5.51 27.42 46.34
N GLU C 291 6.81 27.30 46.61
CA GLU C 291 7.52 28.35 47.33
C GLU C 291 7.93 29.49 46.40
N ARG C 292 8.28 29.17 45.16
CA ARG C 292 8.67 30.22 44.21
C ARG C 292 7.47 31.10 43.85
N ARG C 293 6.29 30.51 43.73
CA ARG C 293 5.06 31.25 43.40
C ARG C 293 3.98 30.84 44.40
N PRO C 294 3.84 31.60 45.50
CA PRO C 294 2.85 31.23 46.53
C PRO C 294 1.41 31.53 46.15
N ASP C 295 1.19 32.41 45.17
CA ASP C 295 -0.16 32.79 44.76
C ASP C 295 -0.66 31.99 43.57
N ARG C 296 0.01 30.89 43.22
CA ARG C 296 -0.36 30.08 42.07
C ARG C 296 -0.55 28.63 42.52
N ALA C 297 -1.65 28.02 42.11
CA ALA C 297 -1.88 26.61 42.42
C ALA C 297 -0.93 25.74 41.62
N ILE C 298 -0.19 24.88 42.32
CA ILE C 298 0.80 24.00 41.69
C ILE C 298 0.44 22.57 42.05
N GLU C 299 0.16 21.75 41.04
CA GLU C 299 -0.15 20.35 41.24
C GLU C 299 0.57 19.51 40.20
N THR C 300 0.77 18.24 40.54
CA THR C 300 1.41 17.31 39.61
C THR C 300 0.43 16.93 38.51
N ASN C 301 0.80 17.20 37.26
CA ASN C 301 0.00 16.76 36.14
C ASN C 301 -0.02 15.24 36.08
N VAL C 302 -1.16 14.68 35.66
CA VAL C 302 -1.25 13.23 35.49
C VAL C 302 -0.26 12.77 34.42
N GLU C 303 0.09 13.65 33.49
CA GLU C 303 1.03 13.31 32.42
C GLU C 303 2.42 13.02 32.95
N PHE C 304 2.74 13.46 34.17
CA PHE C 304 4.04 13.12 34.76
C PHE C 304 4.13 11.63 35.03
N TRP C 305 3.15 11.07 35.75
CA TRP C 305 3.14 9.64 36.05
C TRP C 305 2.69 8.81 34.87
N ALA C 306 2.04 9.41 33.88
CA ALA C 306 1.73 8.71 32.64
C ALA C 306 3.02 8.34 31.91
N ALA C 307 3.93 9.31 31.76
CA ALA C 307 5.20 9.03 31.13
C ALA C 307 6.02 8.01 31.93
N VAL C 308 5.88 8.02 33.26
CA VAL C 308 6.60 7.06 34.08
C VAL C 308 6.05 5.65 33.86
N VAL C 309 4.73 5.51 33.87
CA VAL C 309 4.11 4.20 33.68
C VAL C 309 4.37 3.68 32.28
N LEU C 310 4.30 4.55 31.28
CA LEU C 310 4.55 4.12 29.90
C LEU C 310 6.01 3.74 29.69
N ASP C 311 6.93 4.57 30.18
CA ASP C 311 8.36 4.26 30.04
C ASP C 311 8.72 2.97 30.76
N PHE C 312 8.06 2.69 31.88
CA PHE C 312 8.31 1.43 32.59
C PHE C 312 7.95 0.24 31.72
N ALA C 313 6.88 0.34 30.94
CA ALA C 313 6.48 -0.70 30.00
C ALA C 313 7.22 -0.62 28.68
N ARG C 314 8.36 0.09 28.65
CA ARG C 314 9.22 0.17 27.48
C ARG C 314 8.51 0.81 26.29
N VAL C 315 7.69 1.83 26.58
CA VAL C 315 7.03 2.62 25.56
C VAL C 315 7.95 3.78 25.21
N PRO C 316 8.46 3.86 23.97
CA PRO C 316 9.29 5.00 23.59
C PRO C 316 8.53 6.31 23.67
N ALA C 317 9.28 7.41 23.76
CA ALA C 317 8.65 8.72 23.91
C ALA C 317 7.90 9.13 22.65
N ASN C 318 8.28 8.61 21.49
CA ASN C 318 7.63 9.01 20.25
C ASN C 318 6.22 8.43 20.13
N MET C 319 5.99 7.25 20.69
CA MET C 319 4.68 6.59 20.61
C MET C 319 3.86 6.79 21.88
N MET C 320 4.29 7.66 22.78
CA MET C 320 3.48 7.98 23.95
C MET C 320 2.17 8.67 23.59
N PRO C 321 2.11 9.60 22.63
CA PRO C 321 0.79 10.10 22.19
C PRO C 321 -0.09 9.01 21.61
N ALA C 322 0.50 7.99 20.99
CA ALA C 322 -0.30 6.90 20.45
C ALA C 322 -0.92 6.07 21.55
N MET C 323 -0.18 5.82 22.63
CA MET C 323 -0.74 5.10 23.76
C MET C 323 -1.90 5.86 24.39
N PHE C 324 -1.78 7.19 24.46
CA PHE C 324 -2.88 8.00 24.95
C PHE C 324 -4.07 7.91 24.01
N THR C 325 -3.83 7.85 22.70
CA THR C 325 -4.91 7.70 21.74
C THR C 325 -5.61 6.37 21.90
N CYS C 326 -4.86 5.30 22.18
CA CYS C 326 -5.46 3.97 22.30
C CYS C 326 -6.45 3.92 23.45
N GLY C 327 -6.07 4.48 24.61
CA GLY C 327 -6.97 4.46 25.75
C GLY C 327 -8.20 5.33 25.54
N ARG C 328 -8.01 6.51 24.93
CA ARG C 328 -9.11 7.44 24.70
C ARG C 328 -10.13 6.91 23.70
N THR C 329 -9.81 5.87 22.94
CA THR C 329 -10.76 5.30 22.00
C THR C 329 -12.04 4.85 22.72
N ALA C 330 -11.92 4.44 23.98
CA ALA C 330 -13.11 4.08 24.76
C ALA C 330 -14.01 5.29 24.96
N GLY C 331 -13.41 6.46 25.22
CA GLY C 331 -14.21 7.66 25.39
C GLY C 331 -14.80 8.15 24.08
N TRP C 332 -14.02 8.11 22.99
CA TRP C 332 -14.53 8.51 21.69
C TRP C 332 -15.68 7.63 21.25
N CYS C 333 -15.55 6.32 21.44
CA CYS C 333 -16.60 5.39 21.02
C CYS C 333 -17.88 5.63 21.81
N ALA C 334 -17.75 5.85 23.12
CA ALA C 334 -18.93 6.11 23.95
C ALA C 334 -19.61 7.42 23.54
N HIS C 335 -18.81 8.46 23.26
CA HIS C 335 -19.39 9.74 22.87
C HIS C 335 -19.99 9.70 21.47
N ILE C 336 -19.41 8.89 20.58
CA ILE C 336 -19.98 8.76 19.24
C ILE C 336 -21.33 8.07 19.31
N LEU C 337 -21.44 6.99 20.10
CA LEU C 337 -22.71 6.29 20.25
C LEU C 337 -23.74 7.19 20.91
N GLU C 338 -23.32 8.00 21.90
CA GLU C 338 -24.23 8.95 22.52
C GLU C 338 -24.65 10.04 21.54
N GLN C 339 -23.70 10.50 20.71
CA GLN C 339 -24.03 11.52 19.72
C GLN C 339 -24.98 10.97 18.66
N LYS C 340 -24.89 9.67 18.35
CA LYS C 340 -25.78 9.08 17.35
C LYS C 340 -27.22 9.06 17.84
N ARG C 341 -27.43 8.58 19.08
CA ARG C 341 -28.78 8.54 19.64
C ARG C 341 -29.36 9.94 19.82
N LEU C 342 -28.50 10.95 20.03
CA LEU C 342 -28.98 12.32 20.18
C LEU C 342 -29.67 12.79 18.91
N GLY C 343 -29.12 12.43 17.75
CA GLY C 343 -29.71 12.78 16.47
C GLY C 343 -29.82 14.27 16.24
N LYS C 344 -28.75 14.99 16.51
CA LYS C 344 -28.74 16.45 16.37
C LYS C 344 -27.45 16.86 15.69
N LEU C 345 -27.57 17.56 14.56
CA LEU C 345 -26.40 18.09 13.88
C LEU C 345 -25.79 19.22 14.69
N VAL C 346 -24.48 19.16 14.90
CA VAL C 346 -23.76 20.20 15.62
C VAL C 346 -23.29 21.23 14.59
N ARG C 347 -23.95 22.38 14.55
CA ARG C 347 -23.60 23.44 13.63
C ARG C 347 -23.68 24.80 14.31
N PRO C 348 -22.54 25.40 14.65
CA PRO C 348 -22.58 26.76 15.21
C PRO C 348 -22.72 27.81 14.12
N SER C 349 -22.51 29.07 14.47
CA SER C 349 -22.60 30.17 13.52
C SER C 349 -21.43 31.12 13.73
N ALA C 350 -21.23 32.01 12.75
CA ALA C 350 -20.17 33.00 12.81
C ALA C 350 -20.74 34.36 12.42
N ILE C 351 -20.03 35.41 12.82
CA ILE C 351 -20.42 36.79 12.54
C ILE C 351 -19.40 37.38 11.59
N TYR C 352 -19.88 38.06 10.54
CA TYR C 352 -19.02 38.61 9.50
C TYR C 352 -18.51 39.98 9.89
N VAL C 353 -17.20 40.18 9.75
CA VAL C 353 -16.57 41.48 9.99
C VAL C 353 -15.71 41.93 8.82
N GLY C 354 -15.62 41.15 7.75
CA GLY C 354 -14.76 41.46 6.63
C GLY C 354 -15.26 42.63 5.80
N PRO C 355 -14.75 42.74 4.58
CA PRO C 355 -15.12 43.88 3.73
C PRO C 355 -16.53 43.74 3.18
N GLY C 356 -17.18 44.90 3.01
CA GLY C 356 -18.51 44.94 2.46
C GLY C 356 -18.53 44.61 0.99
N PRO C 357 -19.72 44.70 0.39
CA PRO C 357 -19.85 44.37 -1.04
C PRO C 357 -18.92 45.23 -1.90
N ARG C 358 -18.11 44.54 -2.71
CA ARG C 358 -17.17 45.23 -3.59
C ARG C 358 -17.03 44.42 -4.88
N SER C 359 -16.54 45.08 -5.92
CA SER C 359 -16.34 44.46 -7.22
C SER C 359 -14.98 43.74 -7.27
N PRO C 360 -14.85 42.71 -8.11
CA PRO C 360 -13.57 42.00 -8.18
C PRO C 360 -12.42 42.87 -8.65
N GLU C 361 -12.69 43.89 -9.48
CA GLU C 361 -11.63 44.79 -9.90
C GLU C 361 -11.11 45.62 -8.74
N SER C 362 -11.95 45.90 -7.75
CA SER C 362 -11.52 46.66 -6.58
C SER C 362 -10.56 45.87 -5.69
N VAL C 363 -10.57 44.54 -5.81
CA VAL C 363 -9.69 43.71 -4.99
C VAL C 363 -8.25 43.88 -5.46
N ASP C 364 -7.33 44.00 -4.51
CA ASP C 364 -5.92 44.11 -4.84
C ASP C 364 -5.42 42.80 -5.43
N GLY C 365 -4.60 42.90 -6.47
CA GLY C 365 -4.12 41.74 -7.18
C GLY C 365 -4.95 41.34 -8.38
N TRP C 366 -5.99 42.11 -8.71
CA TRP C 366 -6.79 41.82 -9.90
C TRP C 366 -5.96 41.85 -11.18
N GLU C 367 -4.76 42.45 -11.14
CA GLU C 367 -3.94 42.58 -12.36
C GLU C 367 -3.28 41.26 -12.73
N ARG C 368 -3.15 40.35 -11.77
CA ARG C 368 -2.57 39.01 -11.95
C ARG C 368 -1.38 39.01 -12.92
N GLU D 6 24.52 -41.15 -19.77
CA GLU D 6 25.29 -40.30 -18.87
C GLU D 6 25.84 -39.09 -19.61
N ASN D 7 24.94 -38.15 -19.93
CA ASN D 7 25.32 -36.89 -20.55
C ASN D 7 24.79 -35.68 -19.78
N PHE D 8 24.02 -35.88 -18.73
CA PHE D 8 23.32 -34.80 -18.05
C PHE D 8 24.19 -34.25 -16.91
N VAL D 9 24.36 -32.93 -16.91
CA VAL D 9 25.05 -32.23 -15.84
C VAL D 9 24.05 -31.27 -15.20
N PRO D 10 23.82 -31.36 -13.89
CA PRO D 10 22.86 -30.47 -13.24
C PRO D 10 23.33 -29.03 -13.24
N GLY D 11 22.38 -28.12 -13.05
CA GLY D 11 22.68 -26.70 -12.99
C GLY D 11 23.06 -26.07 -14.30
N LEU D 12 23.00 -26.81 -15.41
CA LEU D 12 23.36 -26.29 -16.73
C LEU D 12 24.78 -25.72 -16.74
N ASP D 13 25.68 -26.37 -16.01
CA ASP D 13 27.05 -25.90 -15.91
C ASP D 13 27.77 -26.12 -17.23
N GLY D 14 28.42 -25.05 -17.73
CA GLY D 14 29.20 -25.12 -18.94
C GLY D 14 28.40 -25.07 -20.23
N VAL D 15 27.09 -25.32 -20.18
CA VAL D 15 26.29 -25.27 -21.40
C VAL D 15 26.15 -23.84 -21.88
N VAL D 16 25.95 -23.68 -23.18
CA VAL D 16 25.85 -22.36 -23.81
C VAL D 16 24.39 -22.09 -24.12
N ALA D 17 23.84 -21.06 -23.48
CA ALA D 17 22.44 -20.69 -23.70
C ALA D 17 22.28 -19.66 -24.81
N PHE D 18 23.17 -18.67 -24.87
CA PHE D 18 23.07 -17.62 -25.86
C PHE D 18 24.45 -17.21 -26.34
N THR D 19 24.48 -16.43 -27.42
CA THR D 19 25.61 -15.59 -27.77
C THR D 19 25.26 -14.16 -27.43
N THR D 20 26.29 -13.35 -27.18
CA THR D 20 26.04 -11.98 -26.75
C THR D 20 27.09 -11.04 -27.33
N GLU D 21 26.65 -9.82 -27.63
CA GLU D 21 27.53 -8.73 -28.02
C GLU D 21 27.65 -7.68 -26.94
N ILE D 22 27.11 -7.95 -25.75
CA ILE D 22 27.00 -6.92 -24.71
C ILE D 22 28.34 -6.72 -24.00
N ALA D 23 28.89 -7.79 -23.44
CA ALA D 23 30.12 -7.67 -22.67
C ALA D 23 30.83 -9.01 -22.64
N GLU D 24 32.13 -8.95 -22.38
CA GLU D 24 33.00 -10.14 -22.36
C GLU D 24 33.75 -10.20 -21.05
N PRO D 25 33.36 -11.08 -20.13
CA PRO D 25 34.18 -11.34 -18.93
C PRO D 25 35.35 -12.27 -19.26
N ASP D 26 36.41 -11.68 -19.83
CA ASP D 26 37.57 -12.45 -20.25
C ASP D 26 38.26 -13.12 -19.07
N LYS D 27 37.76 -14.30 -18.67
CA LYS D 27 38.34 -14.98 -17.52
C LYS D 27 39.78 -15.39 -17.77
N ASP D 28 40.10 -15.78 -19.01
CA ASP D 28 41.46 -16.16 -19.35
C ASP D 28 42.39 -14.95 -19.33
N GLY D 29 41.96 -13.85 -19.94
CA GLY D 29 42.77 -12.64 -19.99
C GLY D 29 42.77 -11.81 -18.74
N GLY D 30 41.96 -12.17 -17.74
CA GLY D 30 41.93 -11.41 -16.50
C GLY D 30 41.45 -9.99 -16.66
N ALA D 31 40.37 -9.79 -17.42
CA ALA D 31 39.83 -8.45 -17.65
C ALA D 31 38.35 -8.55 -17.99
N LEU D 32 37.60 -7.51 -17.63
CA LEU D 32 36.18 -7.42 -17.92
C LEU D 32 35.96 -6.22 -18.84
N ARG D 33 35.24 -6.45 -19.95
CA ARG D 33 35.03 -5.42 -20.96
C ARG D 33 33.55 -5.30 -21.26
N TYR D 34 33.08 -4.06 -21.39
CA TYR D 34 31.70 -3.76 -21.75
C TYR D 34 31.70 -3.22 -23.18
N ARG D 35 31.11 -3.99 -24.10
CA ARG D 35 31.11 -3.64 -25.53
C ARG D 35 32.51 -3.36 -26.04
N GLY D 36 33.50 -4.06 -25.49
CA GLY D 36 34.89 -3.90 -25.84
C GLY D 36 35.67 -2.97 -24.94
N VAL D 37 34.99 -2.15 -24.14
CA VAL D 37 35.65 -1.17 -23.29
C VAL D 37 35.95 -1.81 -21.94
N ASP D 38 37.22 -1.79 -21.54
CA ASP D 38 37.62 -2.34 -20.25
C ASP D 38 37.00 -1.52 -19.13
N ILE D 39 36.58 -2.22 -18.06
CA ILE D 39 35.98 -1.53 -16.93
C ILE D 39 36.99 -0.65 -16.22
N GLU D 40 38.27 -1.05 -16.22
CA GLU D 40 39.30 -0.21 -15.63
C GLU D 40 39.46 1.10 -16.38
N ASP D 41 39.22 1.10 -17.69
CA ASP D 41 39.27 2.33 -18.46
C ASP D 41 38.09 3.24 -18.14
N LEU D 42 36.91 2.66 -17.93
CA LEU D 42 35.75 3.46 -17.57
C LEU D 42 35.88 4.05 -16.16
N VAL D 43 36.54 3.34 -15.26
CA VAL D 43 36.69 3.84 -13.89
C VAL D 43 37.80 4.87 -13.81
N SER D 44 38.93 4.61 -14.46
CA SER D 44 40.05 5.56 -14.41
C SER D 44 39.67 6.87 -15.11
N GLN D 45 39.05 6.79 -16.27
CA GLN D 45 38.54 7.99 -16.93
C GLN D 45 37.25 8.49 -16.31
N ARG D 46 36.69 7.74 -15.35
CA ARG D 46 35.59 8.20 -14.49
C ARG D 46 34.33 8.53 -15.32
N VAL D 47 33.88 7.53 -16.06
CA VAL D 47 32.61 7.61 -16.77
C VAL D 47 31.49 7.23 -15.81
N THR D 48 30.47 8.08 -15.72
CA THR D 48 29.41 7.86 -14.76
C THR D 48 28.56 6.64 -15.13
N PHE D 49 27.80 6.15 -14.15
CA PHE D 49 27.01 4.94 -14.35
C PHE D 49 25.90 5.15 -15.37
N GLY D 50 25.32 6.36 -15.42
CA GLY D 50 24.29 6.63 -16.39
C GLY D 50 24.76 6.50 -17.83
N ASP D 51 26.04 6.78 -18.07
CA ASP D 51 26.59 6.62 -19.41
C ASP D 51 26.98 5.17 -19.68
N VAL D 52 27.46 4.45 -18.66
CA VAL D 52 27.79 3.05 -18.83
C VAL D 52 26.53 2.23 -19.11
N TRP D 53 25.42 2.61 -18.48
CA TRP D 53 24.13 1.99 -18.79
C TRP D 53 23.83 2.09 -20.28
N ALA D 54 24.04 3.28 -20.86
CA ALA D 54 23.78 3.47 -22.28
C ALA D 54 24.75 2.66 -23.13
N LEU D 55 26.02 2.60 -22.73
CA LEU D 55 27.01 1.85 -23.49
C LEU D 55 26.63 0.37 -23.57
N LEU D 56 26.25 -0.22 -22.44
CA LEU D 56 25.88 -1.63 -22.43
C LEU D 56 24.60 -1.88 -23.21
N VAL D 57 23.61 -0.99 -23.06
CA VAL D 57 22.30 -1.22 -23.69
C VAL D 57 22.39 -0.93 -25.18
N ASP D 58 22.96 0.21 -25.56
CA ASP D 58 22.97 0.64 -26.95
C ASP D 58 24.16 0.10 -27.75
N GLY D 59 25.21 -0.34 -27.08
CA GLY D 59 26.44 -0.67 -27.76
C GLY D 59 27.35 0.52 -27.99
N ASN D 60 26.94 1.72 -27.59
CA ASN D 60 27.74 2.92 -27.74
C ASN D 60 27.18 3.98 -26.80
N PHE D 61 27.96 5.04 -26.61
CA PHE D 61 27.53 6.16 -25.79
C PHE D 61 26.49 6.99 -26.55
N GLY D 62 26.00 8.04 -25.90
CA GLY D 62 25.11 8.97 -26.57
C GLY D 62 23.83 9.30 -25.82
N SER D 63 23.07 8.29 -25.42
CA SER D 63 21.76 8.47 -24.81
C SER D 63 21.84 8.04 -23.35
N GLY D 64 22.34 8.95 -22.51
CA GLY D 64 22.54 8.65 -21.10
C GLY D 64 21.24 8.36 -20.37
N LEU D 65 21.40 7.85 -19.16
CA LEU D 65 20.26 7.47 -18.35
C LEU D 65 19.52 8.70 -17.85
N PRO D 66 18.19 8.71 -17.91
CA PRO D 66 17.43 9.93 -17.60
C PRO D 66 17.23 10.12 -16.11
N PRO D 67 17.18 11.35 -15.64
CA PRO D 67 16.73 11.59 -14.27
C PRO D 67 15.34 11.01 -14.03
N ALA D 68 15.15 10.42 -12.86
CA ALA D 68 13.86 9.81 -12.54
C ALA D 68 12.80 10.86 -12.29
N GLU D 69 11.56 10.53 -12.66
CA GLU D 69 10.44 11.40 -12.40
C GLU D 69 9.99 11.27 -10.94
N PRO D 70 9.34 12.31 -10.40
CA PRO D 70 8.81 12.20 -9.03
C PRO D 70 7.79 11.09 -8.92
N PHE D 71 8.05 10.15 -8.00
CA PHE D 71 7.19 9.00 -7.76
C PHE D 71 7.42 8.51 -6.33
N PRO D 72 6.66 9.00 -5.37
CA PRO D 72 6.80 8.52 -4.00
C PRO D 72 6.57 7.02 -3.92
N LEU D 73 7.49 6.32 -3.25
CA LEU D 73 7.50 4.87 -3.14
C LEU D 73 6.17 4.36 -2.60
N PRO D 74 5.40 3.63 -3.41
CA PRO D 74 4.09 3.16 -2.97
C PRO D 74 4.12 1.95 -2.05
N ILE D 75 5.30 1.42 -1.74
CA ILE D 75 5.41 0.20 -0.94
C ILE D 75 6.48 0.39 0.12
N HIS D 76 6.20 -0.08 1.34
CA HIS D 76 7.15 -0.06 2.44
C HIS D 76 7.04 -1.41 3.15
N SER D 77 7.90 -2.35 2.77
CA SER D 77 7.84 -3.70 3.29
C SER D 77 8.87 -3.97 4.39
N GLY D 78 9.82 -3.06 4.60
CA GLY D 78 10.90 -3.30 5.54
C GLY D 78 12.14 -3.91 4.92
N ASP D 79 12.14 -4.15 3.62
CA ASP D 79 13.28 -4.71 2.91
C ASP D 79 13.48 -3.90 1.64
N VAL D 80 14.70 -3.40 1.44
CA VAL D 80 14.98 -2.53 0.30
C VAL D 80 14.86 -3.31 -1.01
N ARG D 81 15.32 -4.57 -1.01
CA ARG D 81 15.20 -5.39 -2.21
C ARG D 81 13.75 -5.69 -2.53
N VAL D 82 12.96 -6.06 -1.52
CA VAL D 82 11.55 -6.37 -1.75
C VAL D 82 10.80 -5.15 -2.28
N ASP D 83 11.17 -3.96 -1.78
CA ASP D 83 10.47 -2.75 -2.18
C ASP D 83 10.67 -2.46 -3.66
N VAL D 84 11.90 -2.58 -4.17
CA VAL D 84 12.15 -2.30 -5.57
C VAL D 84 11.63 -3.44 -6.46
N GLN D 85 11.68 -4.67 -5.98
CA GLN D 85 11.16 -5.79 -6.77
C GLN D 85 9.66 -5.66 -6.98
N ALA D 86 8.91 -5.46 -5.90
CA ALA D 86 7.47 -5.28 -6.02
C ALA D 86 7.12 -3.97 -6.71
N GLY D 87 7.88 -2.92 -6.42
CA GLY D 87 7.58 -1.61 -7.00
C GLY D 87 7.78 -1.58 -8.50
N LEU D 88 8.83 -2.23 -8.99
CA LEU D 88 9.08 -2.25 -10.43
C LEU D 88 7.95 -2.96 -11.18
N ALA D 89 7.41 -4.02 -10.58
CA ALA D 89 6.33 -4.77 -11.24
C ALA D 89 5.07 -3.91 -11.39
N MET D 90 4.86 -2.96 -10.47
CA MET D 90 3.70 -2.09 -10.55
C MET D 90 3.88 -0.93 -11.52
N LEU D 91 5.08 -0.74 -12.06
CA LEU D 91 5.28 0.29 -13.07
C LEU D 91 4.51 -0.01 -14.36
N ALA D 92 4.20 -1.29 -14.61
CA ALA D 92 3.56 -1.64 -15.88
C ALA D 92 2.11 -1.16 -15.96
N PRO D 93 1.21 -1.47 -15.02
CA PRO D 93 -0.18 -1.02 -15.19
C PRO D 93 -0.37 0.47 -15.00
N ILE D 94 0.57 1.16 -14.36
CA ILE D 94 0.43 2.59 -14.15
C ILE D 94 1.03 3.39 -15.31
N TRP D 95 2.07 2.87 -15.96
CA TRP D 95 2.73 3.56 -17.07
C TRP D 95 2.34 3.02 -18.43
N GLY D 96 1.44 2.03 -18.48
CA GLY D 96 1.02 1.47 -19.75
C GLY D 96 2.10 0.65 -20.43
N TYR D 97 2.87 -0.13 -19.66
CA TYR D 97 3.92 -0.97 -20.22
C TYR D 97 3.27 -2.18 -20.87
N ALA D 98 3.23 -2.18 -22.20
CA ALA D 98 2.73 -3.32 -22.95
C ALA D 98 3.75 -4.45 -22.93
N PRO D 99 3.32 -5.69 -23.21
CA PRO D 99 4.28 -6.79 -23.30
C PRO D 99 5.37 -6.50 -24.33
N LEU D 100 6.51 -7.18 -24.17
CA LEU D 100 7.63 -6.97 -25.07
C LEU D 100 7.28 -7.31 -26.51
N LEU D 101 6.35 -8.24 -26.72
CA LEU D 101 5.99 -8.64 -28.08
C LEU D 101 5.27 -7.52 -28.82
N ASP D 102 4.49 -6.69 -28.11
CA ASP D 102 3.64 -5.70 -28.75
C ASP D 102 4.30 -4.33 -28.88
N ILE D 103 5.57 -4.20 -28.50
CA ILE D 103 6.27 -2.92 -28.57
C ILE D 103 7.53 -3.09 -29.42
N ASP D 104 8.00 -1.97 -29.95
CA ASP D 104 9.19 -1.95 -30.78
C ASP D 104 10.44 -1.76 -29.92
N ASP D 105 11.60 -1.79 -30.58
CA ASP D 105 12.86 -1.72 -29.83
C ASP D 105 13.03 -0.37 -29.15
N ALA D 106 12.62 0.72 -29.82
CA ALA D 106 12.75 2.04 -29.22
C ALA D 106 11.83 2.19 -28.01
N THR D 107 10.62 1.64 -28.08
CA THR D 107 9.71 1.69 -26.94
C THR D 107 10.28 0.89 -25.77
N ALA D 108 10.78 -0.31 -26.04
CA ALA D 108 11.42 -1.10 -25.00
C ALA D 108 12.66 -0.41 -24.47
N ARG D 109 13.42 0.24 -25.35
CA ARG D 109 14.61 0.97 -24.92
C ARG D 109 14.24 2.10 -23.97
N GLN D 110 13.21 2.89 -24.32
CA GLN D 110 12.80 3.98 -23.46
C GLN D 110 12.18 3.48 -22.16
N GLN D 111 11.42 2.39 -22.24
CA GLN D 111 10.79 1.85 -21.03
C GLN D 111 11.81 1.22 -20.09
N LEU D 112 12.87 0.62 -20.63
CA LEU D 112 13.89 0.02 -19.78
C LEU D 112 14.70 1.08 -19.06
N ALA D 113 14.98 2.21 -19.73
CA ALA D 113 15.70 3.30 -19.08
C ALA D 113 14.83 3.99 -18.03
N ARG D 114 13.54 4.15 -18.32
CA ARG D 114 12.64 4.81 -17.39
C ARG D 114 12.46 3.98 -16.11
N ALA D 115 12.33 2.66 -16.25
CA ALA D 115 12.17 1.80 -15.08
C ALA D 115 13.49 1.61 -14.32
N SER D 116 14.62 1.67 -15.02
CA SER D 116 15.92 1.51 -14.35
C SER D 116 16.16 2.64 -13.37
N VAL D 117 15.85 3.89 -13.78
CA VAL D 117 16.09 5.03 -12.90
C VAL D 117 15.05 5.07 -11.79
N MET D 118 13.86 4.52 -12.03
CA MET D 118 12.87 4.42 -10.96
C MET D 118 13.23 3.33 -9.98
N ALA D 119 13.93 2.30 -10.43
CA ALA D 119 14.47 1.31 -9.50
C ALA D 119 15.51 1.94 -8.59
N LEU D 120 16.32 2.85 -9.13
CA LEU D 120 17.29 3.56 -8.30
C LEU D 120 16.60 4.51 -7.33
N SER D 121 15.56 5.21 -7.79
CA SER D 121 14.83 6.11 -6.92
C SER D 121 14.09 5.35 -5.83
N TYR D 122 13.46 4.23 -6.19
CA TYR D 122 12.75 3.43 -5.18
C TYR D 122 13.69 2.92 -4.10
N VAL D 123 14.89 2.46 -4.50
CA VAL D 123 15.85 1.95 -3.53
C VAL D 123 16.33 3.06 -2.61
N ALA D 124 16.58 4.25 -3.16
CA ALA D 124 17.01 5.37 -2.34
C ALA D 124 15.94 5.77 -1.32
N GLN D 125 14.68 5.78 -1.75
CA GLN D 125 13.59 6.11 -0.82
C GLN D 125 13.40 5.02 0.21
N SER D 126 13.44 3.75 -0.20
CA SER D 126 13.29 2.66 0.75
C SER D 126 14.41 2.64 1.77
N ALA D 127 15.62 3.06 1.38
CA ALA D 127 16.74 3.08 2.31
C ALA D 127 16.65 4.29 3.25
N ARG D 128 16.17 5.43 2.75
N ARG D 128 16.17 5.42 2.74
CA ARG D 128 15.98 6.59 3.61
CA ARG D 128 15.99 6.59 3.60
C ARG D 128 15.03 6.29 4.75
C ARG D 128 15.03 6.28 4.75
N GLY D 129 14.01 5.48 4.49
CA GLY D 129 13.08 5.04 5.51
C GLY D 129 11.84 5.89 5.57
N ILE D 130 10.82 5.36 6.25
CA ILE D 130 9.57 6.09 6.43
C ILE D 130 9.66 7.10 7.56
N TYR D 131 10.66 6.98 8.44
CA TYR D 131 10.83 7.91 9.56
C TYR D 131 11.53 9.19 9.16
N GLN D 132 11.76 9.42 7.87
CA GLN D 132 12.48 10.60 7.40
C GLN D 132 11.69 11.25 6.27
N PRO D 133 11.51 12.56 6.28
CA PRO D 133 10.81 13.22 5.17
C PRO D 133 11.60 13.10 3.88
N ALA D 134 10.87 13.08 2.76
CA ALA D 134 11.50 12.92 1.46
C ALA D 134 12.31 14.16 1.10
N VAL D 135 13.46 13.94 0.46
CA VAL D 135 14.27 15.06 -0.02
C VAL D 135 13.52 15.75 -1.16
N PRO D 136 13.38 17.08 -1.12
CA PRO D 136 12.63 17.76 -2.18
C PRO D 136 13.29 17.57 -3.55
N GLN D 137 12.45 17.57 -4.59
CA GLN D 137 12.94 17.36 -5.94
C GLN D 137 13.90 18.45 -6.38
N ARG D 138 13.73 19.67 -5.86
CA ARG D 138 14.61 20.77 -6.23
C ARG D 138 16.04 20.52 -5.76
N ILE D 139 16.22 19.81 -4.64
CA ILE D 139 17.55 19.46 -4.19
C ILE D 139 18.15 18.38 -5.08
N ILE D 140 17.34 17.39 -5.48
CA ILE D 140 17.81 16.34 -6.38
C ILE D 140 18.14 16.91 -7.75
N ASP D 141 17.37 17.90 -8.20
CA ASP D 141 17.60 18.51 -9.52
C ASP D 141 18.91 19.28 -9.59
N GLU D 142 19.54 19.57 -8.46
CA GLU D 142 20.83 20.26 -8.46
C GLU D 142 22.00 19.33 -8.79
N CYS D 143 21.78 18.02 -8.79
CA CYS D 143 22.86 17.09 -9.07
C CYS D 143 23.10 16.99 -10.58
N SER D 144 24.30 16.51 -10.93
CA SER D 144 24.73 16.46 -12.33
C SER D 144 24.76 15.07 -12.93
N THR D 145 24.77 14.02 -12.11
CA THR D 145 24.79 12.65 -12.59
C THR D 145 23.71 11.83 -11.90
N VAL D 146 23.32 10.73 -12.54
CA VAL D 146 22.29 9.86 -11.98
C VAL D 146 22.73 9.29 -10.64
N THR D 147 24.01 8.94 -10.53
CA THR D 147 24.53 8.44 -9.25
C THR D 147 24.44 9.51 -8.16
N ALA D 148 24.63 10.78 -8.52
CA ALA D 148 24.52 11.85 -7.53
C ALA D 148 23.08 12.04 -7.08
N ARG D 149 22.13 11.98 -8.01
CA ARG D 149 20.72 12.10 -7.63
C ARG D 149 20.30 10.96 -6.71
N PHE D 150 20.85 9.76 -6.92
CA PHE D 150 20.54 8.63 -6.05
C PHE D 150 21.02 8.89 -4.63
N MET D 151 22.30 9.26 -4.48
CA MET D 151 22.84 9.54 -3.16
C MET D 151 22.10 10.69 -2.49
N THR D 152 21.71 11.70 -3.26
CA THR D 152 21.03 12.86 -2.70
C THR D 152 19.61 12.50 -2.27
N ARG D 153 18.87 11.78 -3.12
CA ARG D 153 17.52 11.36 -2.76
C ARG D 153 17.52 10.51 -1.50
N TRP D 154 18.59 9.76 -1.27
CA TRP D 154 18.69 8.87 -0.11
C TRP D 154 19.25 9.57 1.12
N GLN D 155 20.38 10.26 0.97
CA GLN D 155 21.10 10.80 2.12
C GLN D 155 20.90 12.30 2.33
N GLY D 156 20.40 13.02 1.33
CA GLY D 156 20.19 14.45 1.48
C GLY D 156 21.41 15.27 1.13
N GLU D 157 22.47 15.14 1.93
CA GLU D 157 23.73 15.84 1.70
C GLU D 157 24.85 14.81 1.74
N PRO D 158 25.06 14.09 0.64
CA PRO D 158 26.02 12.99 0.65
C PRO D 158 27.46 13.46 0.51
N ASP D 159 28.36 12.66 1.05
CA ASP D 159 29.79 12.91 0.87
C ASP D 159 30.16 12.66 -0.59
N PRO D 160 30.79 13.62 -1.28
CA PRO D 160 31.19 13.37 -2.67
C PRO D 160 32.12 12.18 -2.83
N ARG D 161 32.88 11.84 -1.79
CA ARG D 161 33.72 10.65 -1.85
C ARG D 161 32.88 9.39 -1.94
N HIS D 162 31.71 9.38 -1.27
CA HIS D 162 30.84 8.22 -1.34
C HIS D 162 30.12 8.15 -2.67
N ILE D 163 29.91 9.29 -3.34
CA ILE D 163 29.33 9.28 -4.68
C ILE D 163 30.31 8.63 -5.66
N GLU D 164 31.59 8.94 -5.53
CA GLU D 164 32.60 8.29 -6.38
C GLU D 164 32.67 6.80 -6.11
N ALA D 165 32.52 6.40 -4.84
CA ALA D 165 32.58 4.98 -4.49
C ALA D 165 31.44 4.20 -5.12
N ILE D 166 30.22 4.75 -5.08
CA ILE D 166 29.08 4.07 -5.67
C ILE D 166 29.18 4.10 -7.19
N ASP D 167 29.67 5.21 -7.75
CA ASP D 167 29.84 5.29 -9.20
C ASP D 167 30.83 4.23 -9.69
N ALA D 168 31.93 4.03 -8.94
CA ALA D 168 32.89 3.01 -9.33
C ALA D 168 32.37 1.61 -9.06
N TYR D 169 31.47 1.46 -8.08
CA TYR D 169 30.91 0.14 -7.80
C TYR D 169 29.86 -0.26 -8.82
N TRP D 170 29.00 0.68 -9.22
CA TRP D 170 27.92 0.35 -10.13
C TRP D 170 28.44 0.01 -11.52
N VAL D 171 29.52 0.65 -11.96
CA VAL D 171 30.11 0.29 -13.24
C VAL D 171 30.82 -1.06 -13.15
N SER D 172 31.47 -1.32 -12.01
CA SER D 172 32.16 -2.60 -11.83
C SER D 172 31.18 -3.76 -11.67
N ALA D 173 29.94 -3.49 -11.27
CA ALA D 173 28.93 -4.52 -11.09
C ALA D 173 27.82 -4.45 -12.13
N ALA D 174 28.02 -3.68 -13.20
CA ALA D 174 26.93 -3.42 -14.14
C ALA D 174 26.55 -4.67 -14.93
N GLU D 175 27.51 -5.54 -15.24
CA GLU D 175 27.24 -6.67 -16.11
C GLU D 175 28.35 -7.71 -15.95
N HIS D 176 27.96 -8.98 -15.92
CA HIS D 176 28.93 -10.07 -15.79
C HIS D 176 28.36 -11.36 -16.38
N GLY D 177 27.84 -11.28 -17.61
CA GLY D 177 27.48 -12.48 -18.34
C GLY D 177 26.20 -13.14 -17.86
N MET D 178 26.20 -14.48 -17.88
CA MET D 178 24.99 -15.28 -17.70
C MET D 178 24.78 -15.70 -16.25
N ASN D 179 24.91 -14.77 -15.31
CA ASN D 179 24.57 -15.08 -13.94
C ASN D 179 23.06 -15.23 -13.79
N ALA D 180 22.63 -15.72 -12.63
CA ALA D 180 21.25 -16.16 -12.45
C ALA D 180 20.25 -15.03 -12.65
N SER D 181 20.61 -13.81 -12.26
CA SER D 181 19.66 -12.70 -12.41
C SER D 181 19.55 -12.27 -13.87
N THR D 182 20.69 -12.15 -14.56
CA THR D 182 20.66 -11.84 -15.99
C THR D 182 19.96 -12.95 -16.77
N PHE D 183 20.21 -14.20 -16.39
CA PHE D 183 19.53 -15.32 -17.05
C PHE D 183 18.03 -15.28 -16.82
N THR D 184 17.61 -14.91 -15.61
CA THR D 184 16.19 -14.83 -15.30
C THR D 184 15.52 -13.72 -16.09
N ALA D 185 16.18 -12.57 -16.21
CA ALA D 185 15.62 -11.46 -16.97
C ALA D 185 15.38 -11.83 -18.42
N ARG D 186 16.31 -12.60 -19.01
CA ARG D 186 16.15 -13.00 -20.40
C ARG D 186 15.06 -14.05 -20.56
N VAL D 187 14.94 -14.96 -19.58
CA VAL D 187 13.89 -15.97 -19.64
C VAL D 187 12.51 -15.32 -19.60
N ILE D 188 12.31 -14.39 -18.67
CA ILE D 188 11.04 -13.69 -18.60
C ILE D 188 10.83 -12.83 -19.84
N ALA D 189 11.90 -12.21 -20.35
CA ALA D 189 11.80 -11.47 -21.59
C ALA D 189 11.50 -12.39 -22.77
N SER D 190 11.99 -13.63 -22.73
CA SER D 190 11.72 -14.59 -23.79
C SER D 190 10.25 -14.98 -23.86
N THR D 191 9.50 -14.81 -22.77
CA THR D 191 8.07 -15.03 -22.79
C THR D 191 7.31 -13.86 -23.41
N GLY D 192 7.99 -12.74 -23.66
CA GLY D 192 7.36 -11.57 -24.21
C GLY D 192 6.67 -10.68 -23.21
N ALA D 193 6.84 -10.95 -21.91
CA ALA D 193 6.23 -10.11 -20.89
C ALA D 193 6.82 -8.70 -20.93
N ASP D 194 6.14 -7.77 -20.27
CA ASP D 194 6.62 -6.40 -20.20
C ASP D 194 7.97 -6.34 -19.49
N VAL D 195 8.73 -5.29 -19.79
CA VAL D 195 10.09 -5.17 -19.27
C VAL D 195 10.10 -5.06 -17.75
N ALA D 196 9.02 -4.56 -17.16
CA ALA D 196 8.96 -4.43 -15.71
C ALA D 196 8.86 -5.79 -15.03
N ALA D 197 8.14 -6.73 -15.66
CA ALA D 197 8.04 -8.07 -15.10
C ALA D 197 9.37 -8.81 -15.18
N ALA D 198 10.18 -8.53 -16.21
CA ALA D 198 11.50 -9.15 -16.31
C ALA D 198 12.47 -8.57 -15.30
N LEU D 199 12.44 -7.24 -15.13
CA LEU D 199 13.29 -6.61 -14.12
C LEU D 199 12.88 -7.05 -12.72
N SER D 200 11.58 -7.11 -12.45
CA SER D 200 11.10 -7.54 -11.14
C SER D 200 11.50 -8.98 -10.86
N GLY D 201 11.40 -9.85 -11.86
CA GLY D 201 11.80 -11.23 -11.67
C GLY D 201 13.29 -11.38 -11.48
N ALA D 202 14.08 -10.56 -12.17
CA ALA D 202 15.53 -10.62 -12.03
C ALA D 202 15.98 -10.21 -10.63
N ILE D 203 15.25 -9.30 -9.98
CA ILE D 203 15.60 -8.89 -8.62
C ILE D 203 15.40 -10.04 -7.65
N GLY D 204 14.40 -10.89 -7.89
CA GLY D 204 14.19 -12.04 -7.03
C GLY D 204 15.37 -13.00 -7.06
N ALA D 205 15.90 -13.29 -8.26
CA ALA D 205 17.10 -14.10 -8.36
C ALA D 205 18.31 -13.39 -7.78
N MET D 206 18.31 -12.06 -7.81
CA MET D 206 19.40 -11.30 -7.21
C MET D 206 19.43 -11.47 -5.70
N SER D 207 18.25 -11.56 -5.07
CA SER D 207 18.17 -11.64 -3.62
C SER D 207 18.84 -12.88 -3.06
N GLY D 208 19.08 -13.89 -3.88
CA GLY D 208 19.69 -15.12 -3.42
C GLY D 208 21.11 -14.94 -2.95
N PRO D 209 21.47 -15.62 -1.86
CA PRO D 209 22.87 -15.54 -1.38
C PRO D 209 23.86 -16.24 -2.28
N LEU D 210 23.44 -17.22 -3.08
CA LEU D 210 24.34 -17.94 -3.97
C LEU D 210 24.61 -17.20 -5.27
N HIS D 211 24.02 -16.02 -5.47
CA HIS D 211 24.22 -15.28 -6.70
C HIS D 211 25.67 -14.80 -6.81
N GLY D 212 26.21 -14.89 -8.02
CA GLY D 212 27.57 -14.43 -8.27
C GLY D 212 27.71 -12.94 -8.07
N GLY D 213 28.60 -12.55 -7.15
CA GLY D 213 28.79 -11.15 -6.83
C GLY D 213 27.97 -10.63 -5.67
N ALA D 214 27.20 -11.48 -5.02
CA ALA D 214 26.37 -11.07 -3.88
C ALA D 214 27.27 -10.67 -2.71
N PRO D 215 27.32 -9.39 -2.32
CA PRO D 215 28.28 -8.94 -1.29
C PRO D 215 28.25 -9.78 -0.03
N ALA D 216 29.41 -10.36 0.32
CA ALA D 216 29.49 -11.29 1.42
C ALA D 216 29.39 -10.59 2.77
N ARG D 217 28.91 -11.34 3.77
CA ARG D 217 28.76 -10.83 5.13
C ARG D 217 30.12 -10.84 5.83
N VAL D 218 31.03 -10.02 5.30
CA VAL D 218 32.37 -9.91 5.86
C VAL D 218 32.47 -8.85 6.94
N LEU D 219 31.41 -8.07 7.16
CA LEU D 219 31.47 -7.02 8.18
C LEU D 219 31.69 -7.56 9.59
N PRO D 220 31.06 -8.66 10.03
CA PRO D 220 31.45 -9.22 11.34
C PRO D 220 32.93 -9.56 11.44
N MET D 221 33.50 -10.13 10.38
CA MET D 221 34.93 -10.47 10.39
C MET D 221 35.78 -9.20 10.45
N LEU D 222 35.39 -8.16 9.72
CA LEU D 222 36.15 -6.91 9.75
C LEU D 222 36.00 -6.19 11.09
N ASP D 223 34.88 -6.42 11.79
CA ASP D 223 34.71 -5.84 13.11
C ASP D 223 35.64 -6.49 14.12
N GLU D 224 35.84 -7.80 14.01
CA GLU D 224 36.70 -8.50 14.97
C GLU D 224 38.17 -8.14 14.76
N VAL D 225 38.59 -7.97 13.51
CA VAL D 225 39.98 -7.63 13.24
C VAL D 225 40.29 -6.22 13.74
N GLU D 226 39.38 -5.28 13.53
CA GLU D 226 39.57 -3.93 14.05
C GLU D 226 39.56 -3.93 15.58
N ARG D 227 38.73 -4.79 16.18
CA ARG D 227 38.67 -4.87 17.63
C ARG D 227 39.94 -5.52 18.19
N ALA D 228 40.28 -6.71 17.67
CA ALA D 228 41.45 -7.41 18.18
C ALA D 228 42.75 -6.74 17.76
N GLY D 229 42.79 -6.15 16.56
CA GLY D 229 43.97 -5.48 16.08
C GLY D 229 44.91 -6.34 15.24
N ASP D 230 44.71 -7.65 15.23
CA ASP D 230 45.56 -8.57 14.46
C ASP D 230 44.67 -9.36 13.51
N ALA D 231 44.87 -9.16 12.20
CA ALA D 231 44.05 -9.84 11.22
C ALA D 231 44.44 -11.31 11.07
N ARG D 232 45.71 -11.63 11.30
CA ARG D 232 46.18 -12.99 11.04
C ARG D 232 45.57 -13.99 12.01
N SER D 233 45.62 -13.69 13.31
CA SER D 233 45.11 -14.63 14.31
C SER D 233 43.61 -14.86 14.13
N VAL D 234 42.86 -13.80 13.86
CA VAL D 234 41.42 -13.96 13.62
C VAL D 234 41.18 -14.90 12.45
N VAL D 235 41.79 -14.60 11.30
CA VAL D 235 41.65 -15.46 10.12
C VAL D 235 42.15 -16.87 10.41
N LYS D 236 43.25 -16.97 11.16
CA LYS D 236 43.79 -18.28 11.52
C LYS D 236 42.80 -19.07 12.36
N GLY D 237 42.03 -18.37 13.22
CA GLY D 237 41.12 -19.07 14.11
C GLY D 237 39.89 -19.60 13.41
N ILE D 238 39.38 -18.86 12.43
CA ILE D 238 38.18 -19.30 11.71
C ILE D 238 38.45 -20.60 10.96
N LEU D 239 39.63 -20.71 10.33
CA LEU D 239 39.96 -21.94 9.63
C LEU D 239 40.38 -23.05 10.58
N ASP D 240 41.03 -22.71 11.70
CA ASP D 240 41.34 -23.72 12.70
C ASP D 240 40.09 -24.29 13.33
N ARG D 241 39.01 -23.51 13.39
CA ARG D 241 37.73 -23.99 13.88
C ARG D 241 36.92 -24.72 12.81
N GLY D 242 37.46 -24.85 11.60
CA GLY D 242 36.74 -25.52 10.54
C GLY D 242 35.60 -24.72 9.95
N GLU D 243 35.62 -23.40 10.09
CA GLU D 243 34.57 -22.54 9.56
C GLU D 243 35.03 -21.89 8.25
N LYS D 244 34.04 -21.41 7.49
CA LYS D 244 34.32 -20.84 6.18
C LYS D 244 34.75 -19.38 6.30
N LEU D 245 35.67 -18.98 5.42
CA LEU D 245 36.19 -17.63 5.36
C LEU D 245 35.42 -16.84 4.32
N MET D 246 34.77 -15.76 4.76
CA MET D 246 33.91 -14.99 3.87
C MET D 246 34.74 -14.14 2.91
N GLY D 247 34.38 -14.18 1.63
CA GLY D 247 35.02 -13.34 0.64
C GLY D 247 36.26 -13.93 -0.01
N PHE D 248 36.50 -15.23 0.14
CA PHE D 248 37.68 -15.86 -0.44
C PHE D 248 37.34 -17.28 -0.85
N GLY D 249 37.97 -17.73 -1.92
CA GLY D 249 37.72 -19.07 -2.41
C GLY D 249 38.48 -19.33 -3.69
N HIS D 250 37.98 -20.31 -4.45
CA HIS D 250 38.61 -20.64 -5.73
C HIS D 250 38.53 -19.45 -6.68
N ARG D 251 39.50 -19.38 -7.59
CA ARG D 251 39.59 -18.25 -8.50
C ARG D 251 38.38 -18.17 -9.41
N VAL D 252 38.03 -16.94 -9.79
CA VAL D 252 36.98 -16.71 -10.78
C VAL D 252 37.65 -16.47 -12.12
N TYR D 253 38.46 -15.42 -12.19
CA TYR D 253 39.31 -15.18 -13.35
C TYR D 253 40.56 -16.05 -13.25
N ARG D 254 41.44 -15.95 -14.25
CA ARG D 254 42.67 -16.72 -14.21
C ARG D 254 43.51 -16.38 -12.98
N ALA D 255 43.60 -15.09 -12.65
CA ALA D 255 44.17 -14.64 -11.38
C ALA D 255 43.15 -13.83 -10.60
N GLU D 256 43.50 -12.57 -10.33
CA GLU D 256 42.63 -11.69 -9.57
C GLU D 256 41.46 -11.24 -10.43
N ASP D 257 40.28 -11.19 -9.82
CA ASP D 257 39.12 -10.59 -10.45
C ASP D 257 39.40 -9.12 -10.73
N PRO D 258 39.32 -8.67 -11.97
CA PRO D 258 39.57 -7.25 -12.25
C PRO D 258 38.60 -6.32 -11.54
N ARG D 259 37.39 -6.79 -11.23
CA ARG D 259 36.46 -5.98 -10.46
C ARG D 259 36.93 -5.82 -9.02
N ALA D 260 37.52 -6.87 -8.45
CA ALA D 260 38.09 -6.76 -7.11
C ALA D 260 39.25 -5.76 -7.09
N ARG D 261 40.01 -5.69 -8.19
CA ARG D 261 41.08 -4.70 -8.28
C ARG D 261 40.51 -3.28 -8.33
N VAL D 262 39.42 -3.08 -9.07
CA VAL D 262 38.83 -1.75 -9.18
C VAL D 262 38.29 -1.29 -7.84
N LEU D 263 37.63 -2.18 -7.10
CA LEU D 263 37.02 -1.79 -5.84
C LEU D 263 38.06 -1.56 -4.75
N ARG D 264 39.09 -2.41 -4.69
CA ARG D 264 40.16 -2.20 -3.73
C ARG D 264 40.90 -0.89 -4.00
N ALA D 265 41.17 -0.60 -5.27
CA ALA D 265 41.80 0.68 -5.61
C ALA D 265 40.88 1.85 -5.29
N ALA D 266 39.57 1.66 -5.41
CA ALA D 266 38.63 2.72 -5.07
C ALA D 266 38.63 3.00 -3.57
N ALA D 267 38.65 1.93 -2.76
CA ALA D 267 38.70 2.11 -1.31
C ALA D 267 40.00 2.75 -0.86
N GLU D 268 41.07 2.65 -1.66
CA GLU D 268 42.34 3.26 -1.30
C GLU D 268 42.34 4.76 -1.57
N ARG D 269 42.13 5.14 -2.84
CA ARG D 269 42.24 6.54 -3.23
C ARG D 269 41.14 7.42 -2.63
N LEU D 270 40.02 6.83 -2.23
CA LEU D 270 38.93 7.60 -1.64
C LEU D 270 39.01 7.67 -0.12
N GLY D 271 40.04 7.07 0.48
CA GLY D 271 40.23 7.15 1.92
C GLY D 271 39.16 6.45 2.73
N ALA D 272 38.83 5.22 2.34
CA ALA D 272 37.87 4.43 3.11
C ALA D 272 38.49 4.07 4.46
N PRO D 273 37.84 4.41 5.58
CA PRO D 273 38.46 4.13 6.89
C PRO D 273 38.76 2.65 7.12
N ARG D 274 37.95 1.75 6.58
CA ARG D 274 38.13 0.33 6.81
C ARG D 274 39.05 -0.34 5.80
N TYR D 275 39.72 0.44 4.95
CA TYR D 275 40.59 -0.17 3.94
C TYR D 275 41.78 -0.86 4.59
N GLU D 276 42.47 -0.16 5.50
CA GLU D 276 43.68 -0.72 6.10
C GLU D 276 43.40 -2.05 6.78
N VAL D 277 42.26 -2.17 7.46
CA VAL D 277 41.88 -3.44 8.05
C VAL D 277 41.47 -4.43 6.97
N ALA D 278 40.84 -3.95 5.90
CA ALA D 278 40.37 -4.84 4.84
C ALA D 278 41.54 -5.50 4.10
N VAL D 279 42.55 -4.72 3.71
CA VAL D 279 43.71 -5.30 3.06
C VAL D 279 44.49 -6.19 4.02
N ALA D 280 44.51 -5.83 5.30
CA ALA D 280 45.16 -6.70 6.28
C ALA D 280 44.44 -8.04 6.38
N VAL D 281 43.11 -8.03 6.25
CA VAL D 281 42.37 -9.28 6.21
C VAL D 281 42.65 -10.03 4.91
N GLU D 282 42.70 -9.31 3.79
CA GLU D 282 42.97 -9.96 2.51
C GLU D 282 44.34 -10.61 2.49
N GLN D 283 45.36 -9.91 2.99
CA GLN D 283 46.70 -10.47 3.04
C GLN D 283 46.74 -11.71 3.94
N ALA D 284 46.13 -11.62 5.12
CA ALA D 284 46.13 -12.74 6.04
C ALA D 284 45.31 -13.90 5.50
N ALA D 285 44.21 -13.61 4.82
CA ALA D 285 43.37 -14.68 4.27
C ALA D 285 44.09 -15.42 3.15
N LEU D 286 44.64 -14.68 2.19
CA LEU D 286 45.31 -15.31 1.06
C LEU D 286 46.54 -16.09 1.52
N SER D 287 47.27 -15.57 2.51
CA SER D 287 48.46 -16.24 2.99
C SER D 287 48.12 -17.57 3.66
N GLU D 288 47.10 -17.56 4.51
CA GLU D 288 46.76 -18.78 5.24
C GLU D 288 46.09 -19.81 4.33
N LEU D 289 45.25 -19.37 3.41
CA LEU D 289 44.56 -20.30 2.53
C LEU D 289 45.54 -20.94 1.53
N ARG D 290 46.43 -20.14 0.95
CA ARG D 290 47.40 -20.66 -0.01
C ARG D 290 48.49 -21.50 0.65
N GLU D 291 48.53 -21.57 1.98
CA GLU D 291 49.46 -22.44 2.68
C GLU D 291 48.86 -23.79 3.05
N ARG D 292 47.61 -23.79 3.52
CA ARG D 292 46.94 -25.05 3.84
C ARG D 292 46.59 -25.82 2.57
N ARG D 293 46.21 -25.09 1.51
CA ARG D 293 45.88 -25.67 0.21
C ARG D 293 46.88 -25.10 -0.80
N PRO D 294 48.11 -25.62 -0.83
CA PRO D 294 49.16 -24.93 -1.61
C PRO D 294 48.99 -25.04 -3.11
N ASP D 295 48.58 -26.19 -3.62
CA ASP D 295 48.45 -26.40 -5.05
C ASP D 295 47.14 -25.88 -5.63
N ARG D 296 46.40 -25.02 -4.92
CA ARG D 296 45.10 -24.55 -5.37
C ARG D 296 45.15 -23.08 -5.76
N ALA D 297 44.34 -22.71 -6.74
CA ALA D 297 44.26 -21.34 -7.22
C ALA D 297 43.20 -20.62 -6.38
N ILE D 298 43.66 -19.81 -5.43
CA ILE D 298 42.78 -19.09 -4.50
C ILE D 298 42.98 -17.60 -4.74
N GLU D 299 41.87 -16.88 -4.88
CA GLU D 299 41.90 -15.44 -5.13
C GLU D 299 40.84 -14.76 -4.27
N THR D 300 40.96 -13.43 -4.17
CA THR D 300 40.00 -12.65 -3.42
C THR D 300 38.70 -12.52 -4.19
N ASN D 301 37.59 -12.91 -3.56
CA ASN D 301 36.29 -12.75 -4.17
C ASN D 301 35.95 -11.27 -4.31
N VAL D 302 35.26 -10.93 -5.42
CA VAL D 302 34.84 -9.56 -5.62
C VAL D 302 33.83 -9.15 -4.55
N GLU D 303 33.09 -10.12 -4.01
CA GLU D 303 32.13 -9.85 -2.94
C GLU D 303 32.79 -9.25 -1.70
N PHE D 304 34.09 -9.51 -1.51
CA PHE D 304 34.79 -8.97 -0.35
C PHE D 304 34.91 -7.45 -0.42
N TRP D 305 35.42 -6.94 -1.54
CA TRP D 305 35.65 -5.51 -1.68
C TRP D 305 34.36 -4.76 -2.03
N ALA D 306 33.41 -5.43 -2.68
CA ALA D 306 32.09 -4.84 -2.83
C ALA D 306 31.48 -4.50 -1.47
N ALA D 307 31.75 -5.33 -0.47
CA ALA D 307 31.26 -5.06 0.86
C ALA D 307 31.97 -3.86 1.48
N VAL D 308 33.27 -3.74 1.27
CA VAL D 308 34.02 -2.63 1.84
C VAL D 308 33.62 -1.31 1.19
N VAL D 309 33.41 -1.32 -0.12
CA VAL D 309 33.12 -0.07 -0.84
C VAL D 309 31.72 0.43 -0.50
N LEU D 310 30.74 -0.48 -0.45
CA LEU D 310 29.38 -0.07 -0.12
C LEU D 310 29.27 0.40 1.33
N ASP D 311 29.93 -0.31 2.25
CA ASP D 311 29.96 0.14 3.64
C ASP D 311 30.63 1.51 3.77
N PHE D 312 31.65 1.77 2.95
CA PHE D 312 32.27 3.09 2.92
C PHE D 312 31.25 4.16 2.56
N ALA D 313 30.35 3.85 1.63
CA ALA D 313 29.28 4.76 1.24
C ALA D 313 28.06 4.68 2.16
N ARG D 314 28.23 4.15 3.36
CA ARG D 314 27.18 4.11 4.38
C ARG D 314 25.98 3.27 3.93
N VAL D 315 26.26 2.17 3.24
CA VAL D 315 25.23 1.23 2.80
C VAL D 315 25.15 0.11 3.83
N PRO D 316 24.01 -0.09 4.49
CA PRO D 316 23.89 -1.21 5.43
C PRO D 316 23.90 -2.55 4.70
N ALA D 317 24.13 -3.61 5.48
CA ALA D 317 24.19 -4.95 4.89
C ALA D 317 22.87 -5.35 4.28
N ASN D 318 21.75 -4.92 4.87
CA ASN D 318 20.44 -5.25 4.32
C ASN D 318 20.13 -4.50 3.03
N MET D 319 20.78 -3.35 2.80
CA MET D 319 20.67 -2.62 1.55
C MET D 319 21.58 -3.15 0.44
N MET D 320 22.58 -3.97 0.78
CA MET D 320 23.60 -4.32 -0.20
C MET D 320 23.07 -5.12 -1.39
N PRO D 321 22.16 -6.10 -1.23
CA PRO D 321 21.60 -6.74 -2.43
C PRO D 321 20.88 -5.77 -3.35
N ALA D 322 20.23 -4.75 -2.78
CA ALA D 322 19.56 -3.76 -3.62
C ALA D 322 20.56 -2.81 -4.28
N MET D 323 21.73 -2.60 -3.66
CA MET D 323 22.75 -1.76 -4.27
C MET D 323 23.36 -2.44 -5.49
N PHE D 324 23.62 -3.75 -5.39
CA PHE D 324 24.01 -4.52 -6.57
C PHE D 324 22.89 -4.54 -7.60
N THR D 325 21.65 -4.69 -7.13
CA THR D 325 20.50 -4.64 -8.03
C THR D 325 20.49 -3.36 -8.86
N CYS D 326 20.79 -2.22 -8.22
CA CYS D 326 20.77 -0.95 -8.93
C CYS D 326 21.81 -0.90 -10.04
N GLY D 327 23.03 -1.37 -9.75
CA GLY D 327 24.08 -1.34 -10.76
C GLY D 327 23.85 -2.34 -11.87
N ARG D 328 23.31 -3.52 -11.53
CA ARG D 328 23.07 -4.57 -12.51
C ARG D 328 21.91 -4.25 -13.46
N THR D 329 21.17 -3.16 -13.21
CA THR D 329 20.12 -2.77 -14.15
C THR D 329 20.67 -2.53 -15.55
N ALA D 330 21.94 -2.13 -15.65
CA ALA D 330 22.55 -1.88 -16.96
C ALA D 330 22.64 -3.18 -17.76
N GLY D 331 23.19 -4.24 -17.15
CA GLY D 331 23.29 -5.50 -17.85
C GLY D 331 21.94 -6.14 -18.10
N TRP D 332 21.02 -6.04 -17.14
CA TRP D 332 19.68 -6.58 -17.32
C TRP D 332 18.99 -5.97 -18.54
N CYS D 333 18.97 -4.64 -18.61
CA CYS D 333 18.29 -3.97 -19.71
C CYS D 333 18.97 -4.25 -21.05
N ALA D 334 20.30 -4.33 -21.05
CA ALA D 334 21.01 -4.67 -22.28
C ALA D 334 20.67 -6.09 -22.73
N HIS D 335 20.59 -7.03 -21.78
CA HIS D 335 20.27 -8.41 -22.12
C HIS D 335 18.80 -8.60 -22.42
N ILE D 336 17.92 -7.81 -21.78
CA ILE D 336 16.50 -7.87 -22.11
C ILE D 336 16.27 -7.37 -23.52
N LEU D 337 16.94 -6.28 -23.91
CA LEU D 337 16.82 -5.79 -25.27
C LEU D 337 17.40 -6.77 -26.28
N GLU D 338 18.54 -7.39 -25.95
CA GLU D 338 19.11 -8.40 -26.83
C GLU D 338 18.21 -9.62 -26.92
N GLN D 339 17.62 -10.04 -25.80
CA GLN D 339 16.67 -11.15 -25.82
C GLN D 339 15.44 -10.80 -26.64
N LYS D 340 15.00 -9.54 -26.57
CA LYS D 340 13.85 -9.10 -27.35
C LYS D 340 14.12 -9.23 -28.84
N ARG D 341 15.30 -8.83 -29.29
CA ARG D 341 15.65 -8.96 -30.71
C ARG D 341 15.86 -10.41 -31.11
N LEU D 342 16.31 -11.24 -30.17
CA LEU D 342 16.51 -12.66 -30.48
C LEU D 342 15.20 -13.32 -30.87
N GLY D 343 14.11 -12.96 -30.20
CA GLY D 343 12.78 -13.41 -30.56
C GLY D 343 12.58 -14.90 -30.49
N LYS D 344 13.01 -15.53 -29.41
CA LYS D 344 12.83 -16.97 -29.23
C LYS D 344 12.66 -17.28 -27.76
N LEU D 345 11.65 -18.10 -27.44
CA LEU D 345 11.42 -18.54 -26.08
C LEU D 345 12.53 -19.49 -25.62
N VAL D 346 12.88 -19.40 -24.35
CA VAL D 346 13.86 -20.30 -23.74
C VAL D 346 13.11 -21.53 -23.23
N ARG D 347 13.44 -22.70 -23.79
CA ARG D 347 12.73 -23.94 -23.50
C ARG D 347 13.70 -25.04 -23.10
N PRO D 348 14.07 -25.12 -21.83
CA PRO D 348 14.80 -26.29 -21.34
C PRO D 348 13.85 -27.47 -21.17
N SER D 349 14.43 -28.62 -20.86
CA SER D 349 13.67 -29.85 -20.69
C SER D 349 14.10 -30.55 -19.42
N ALA D 350 13.25 -31.47 -18.95
CA ALA D 350 13.51 -32.24 -17.74
C ALA D 350 13.12 -33.69 -17.99
N ILE D 351 13.93 -34.61 -17.46
CA ILE D 351 13.71 -36.04 -17.61
C ILE D 351 13.06 -36.57 -16.34
N TYR D 352 11.97 -37.31 -16.50
CA TYR D 352 11.27 -37.88 -15.36
C TYR D 352 12.00 -39.13 -14.86
N VAL D 353 12.21 -39.20 -13.55
CA VAL D 353 12.86 -40.35 -12.92
C VAL D 353 12.10 -40.72 -11.66
N GLY D 354 10.81 -40.40 -11.62
CA GLY D 354 10.00 -40.64 -10.45
C GLY D 354 9.23 -41.94 -10.50
N PRO D 355 8.26 -42.09 -9.61
CA PRO D 355 7.52 -43.36 -9.53
C PRO D 355 6.67 -43.59 -10.76
N GLY D 356 6.49 -44.87 -11.10
CA GLY D 356 5.68 -45.26 -12.23
C GLY D 356 4.20 -45.15 -11.92
N PRO D 357 3.36 -45.61 -12.84
CA PRO D 357 1.91 -45.54 -12.62
C PRO D 357 1.49 -46.33 -11.39
N ARG D 358 0.66 -45.69 -10.56
CA ARG D 358 0.20 -46.31 -9.32
C ARG D 358 -1.12 -45.68 -8.91
N SER D 359 -1.89 -46.42 -8.12
CA SER D 359 -3.20 -45.98 -7.68
C SER D 359 -3.06 -44.94 -6.57
N PRO D 360 -4.07 -44.07 -6.41
CA PRO D 360 -4.02 -43.11 -5.30
C PRO D 360 -4.00 -43.77 -3.94
N GLU D 361 -4.72 -44.88 -3.77
CA GLU D 361 -4.74 -45.58 -2.48
C GLU D 361 -3.38 -46.15 -2.11
N SER D 362 -2.52 -46.41 -3.10
CA SER D 362 -1.19 -46.94 -2.82
C SER D 362 -0.21 -45.86 -2.37
N VAL D 363 -0.59 -44.59 -2.44
CA VAL D 363 0.27 -43.50 -2.01
C VAL D 363 0.19 -43.36 -0.50
N ASP D 364 1.35 -43.18 0.14
CA ASP D 364 1.39 -43.03 1.58
C ASP D 364 0.62 -41.80 2.02
N GLY D 365 -0.18 -41.95 3.08
CA GLY D 365 -1.00 -40.87 3.58
C GLY D 365 -2.34 -40.72 2.90
N TRP D 366 -2.76 -41.70 2.09
CA TRP D 366 -4.02 -41.60 1.37
C TRP D 366 -5.20 -41.53 2.33
N GLU D 367 -5.12 -42.20 3.47
CA GLU D 367 -6.22 -42.22 4.43
C GLU D 367 -6.41 -40.91 5.16
N ARG D 368 -5.57 -39.90 4.92
CA ARG D 368 -5.74 -38.57 5.49
C ARG D 368 -6.48 -37.63 4.56
N VAL D 369 -6.97 -38.15 3.43
CA VAL D 369 -7.61 -37.33 2.40
C VAL D 369 -9.12 -37.45 2.56
N LEU D 370 -9.81 -36.32 2.64
CA LEU D 370 -11.26 -36.28 2.69
C LEU D 370 -11.79 -36.04 1.28
N THR D 371 -12.77 -36.85 0.88
CA THR D 371 -13.36 -36.74 -0.45
C THR D 371 -14.87 -36.74 -0.34
N THR D 372 -15.52 -36.32 -1.43
CA THR D 372 -16.97 -36.23 -1.52
C THR D 372 -17.55 -35.33 -0.43
#